data_2D8C
#
_entry.id   2D8C
#
_cell.length_a   1.000
_cell.length_b   1.000
_cell.length_c   1.000
_cell.angle_alpha   90.00
_cell.angle_beta   90.00
_cell.angle_gamma   90.00
#
_symmetry.space_group_name_H-M   'P 1'
#
_entity_poly.entity_id   1
_entity_poly.type   'polypeptide(L)'
_entity_poly.pdbx_seq_one_letter_code
;GSSGSSGMLSARTMKEVVYWSPKKVADWLLENAMPEYCEPLEHFTGQDLINLTQEDFKKPPLYRVSSDNGQRLLDMIETL
KMEHHMEAHKNSGPSSG
;
_entity_poly.pdbx_strand_id   A
#
# COMPACT_ATOMS: atom_id res chain seq x y z
N GLY A 1 -1.56 -27.39 6.03
CA GLY A 1 -1.69 -25.98 6.36
C GLY A 1 -0.85 -25.58 7.55
N SER A 2 -0.43 -24.32 7.58
CA SER A 2 0.39 -23.81 8.67
C SER A 2 -0.28 -22.61 9.34
N SER A 3 -0.54 -21.57 8.56
CA SER A 3 -1.18 -20.37 9.08
C SER A 3 -2.69 -20.40 8.83
N GLY A 4 -3.41 -21.12 9.69
CA GLY A 4 -4.85 -21.22 9.56
C GLY A 4 -5.55 -19.93 9.93
N SER A 5 -5.56 -19.62 11.22
CA SER A 5 -6.21 -18.40 11.70
C SER A 5 -5.23 -17.54 12.48
N SER A 6 -4.80 -16.44 11.88
CA SER A 6 -3.86 -15.52 12.52
C SER A 6 -4.33 -15.16 13.93
N GLY A 7 -3.36 -14.90 14.81
CA GLY A 7 -3.70 -14.54 16.17
C GLY A 7 -4.21 -13.13 16.30
N MET A 8 -3.37 -12.16 15.90
CA MET A 8 -3.75 -10.75 15.97
C MET A 8 -3.96 -10.18 14.57
N LEU A 9 -5.06 -9.45 14.41
CA LEU A 9 -5.38 -8.84 13.11
C LEU A 9 -5.82 -7.39 13.29
N SER A 10 -4.86 -6.47 13.21
CA SER A 10 -5.14 -5.06 13.36
C SER A 10 -3.91 -4.21 13.03
N ALA A 11 -4.11 -2.91 12.90
CA ALA A 11 -3.01 -2.00 12.59
C ALA A 11 -3.03 -0.78 13.51
N ARG A 12 -1.87 -0.41 14.01
CA ARG A 12 -1.76 0.75 14.90
C ARG A 12 -2.29 2.01 14.24
N THR A 13 -1.61 2.45 13.18
CA THR A 13 -2.01 3.64 12.46
C THR A 13 -1.60 3.56 10.98
N MET A 14 -2.38 4.19 10.12
CA MET A 14 -2.09 4.20 8.69
C MET A 14 -2.15 5.61 8.13
N LYS A 15 -2.00 6.60 9.00
CA LYS A 15 -2.03 8.00 8.59
C LYS A 15 -0.81 8.34 7.73
N GLU A 16 0.27 7.61 7.94
CA GLU A 16 1.51 7.83 7.19
C GLU A 16 1.75 6.70 6.20
N VAL A 17 1.71 5.47 6.70
CA VAL A 17 1.92 4.30 5.85
C VAL A 17 3.03 4.56 4.82
N VAL A 18 3.94 5.47 5.16
CA VAL A 18 5.05 5.80 4.28
C VAL A 18 6.39 5.44 4.91
N TYR A 19 6.50 5.68 6.20
CA TYR A 19 7.74 5.38 6.93
C TYR A 19 7.74 3.94 7.42
N TRP A 20 6.70 3.19 7.06
CA TRP A 20 6.58 1.79 7.46
C TRP A 20 7.84 1.02 7.12
N SER A 21 7.91 -0.24 7.54
CA SER A 21 9.06 -1.08 7.28
C SER A 21 8.77 -2.07 6.15
N PRO A 22 9.83 -2.70 5.63
CA PRO A 22 9.73 -3.67 4.54
C PRO A 22 9.06 -4.97 5.00
N LYS A 23 8.96 -5.15 6.30
CA LYS A 23 8.34 -6.34 6.87
C LYS A 23 6.87 -6.08 7.22
N LYS A 24 6.54 -4.82 7.44
CA LYS A 24 5.17 -4.44 7.78
C LYS A 24 4.28 -4.41 6.54
N VAL A 25 4.72 -3.68 5.52
CA VAL A 25 3.98 -3.56 4.27
C VAL A 25 3.35 -4.91 3.89
N ALA A 26 4.09 -5.98 4.13
CA ALA A 26 3.60 -7.32 3.82
C ALA A 26 2.43 -7.71 4.71
N ASP A 27 2.67 -7.71 6.02
CA ASP A 27 1.62 -8.06 6.98
C ASP A 27 0.31 -7.40 6.62
N TRP A 28 0.38 -6.17 6.10
CA TRP A 28 -0.81 -5.42 5.72
C TRP A 28 -1.52 -6.10 4.55
N LEU A 29 -0.74 -6.69 3.65
CA LEU A 29 -1.29 -7.37 2.48
C LEU A 29 -2.12 -8.57 2.90
N LEU A 30 -1.46 -9.55 3.52
CA LEU A 30 -2.14 -10.76 3.98
C LEU A 30 -3.34 -10.42 4.86
N GLU A 31 -3.23 -9.32 5.60
CA GLU A 31 -4.31 -8.89 6.47
C GLU A 31 -5.61 -8.75 5.71
N ASN A 32 -5.50 -8.43 4.42
CA ASN A 32 -6.67 -8.25 3.56
C ASN A 32 -6.73 -9.34 2.50
N ALA A 33 -5.93 -10.39 2.67
CA ALA A 33 -5.89 -11.49 1.73
C ALA A 33 -5.24 -11.07 0.42
N MET A 34 -4.07 -10.44 0.51
CA MET A 34 -3.35 -9.99 -0.67
C MET A 34 -1.93 -10.53 -0.67
N PRO A 35 -1.79 -11.85 -0.44
CA PRO A 35 -0.49 -12.52 -0.43
C PRO A 35 0.15 -12.60 -1.80
N GLU A 36 -0.62 -12.24 -2.82
CA GLU A 36 -0.13 -12.27 -4.20
C GLU A 36 0.75 -11.06 -4.49
N TYR A 37 0.54 -9.98 -3.75
CA TYR A 37 1.31 -8.76 -3.92
C TYR A 37 2.51 -8.74 -2.98
N CYS A 38 2.53 -9.66 -2.03
CA CYS A 38 3.63 -9.74 -1.07
C CYS A 38 4.95 -9.96 -1.77
N GLU A 39 4.96 -10.83 -2.77
CA GLU A 39 6.17 -11.13 -3.53
C GLU A 39 6.81 -9.85 -4.07
N PRO A 40 6.05 -9.12 -4.88
CA PRO A 40 6.52 -7.87 -5.48
C PRO A 40 6.65 -6.75 -4.45
N LEU A 41 5.94 -6.88 -3.35
CA LEU A 41 5.98 -5.88 -2.28
C LEU A 41 6.81 -6.37 -1.11
N GLU A 42 7.57 -7.44 -1.33
CA GLU A 42 8.42 -8.01 -0.29
C GLU A 42 9.38 -6.97 0.27
N HIS A 43 10.08 -6.29 -0.65
CA HIS A 43 11.04 -5.27 -0.26
C HIS A 43 10.47 -3.86 -0.47
N PHE A 44 9.15 -3.76 -0.39
CA PHE A 44 8.47 -2.48 -0.59
C PHE A 44 8.21 -1.79 0.74
N THR A 45 8.24 -0.46 0.73
CA THR A 45 8.01 0.32 1.95
C THR A 45 6.70 1.10 1.86
N GLY A 46 6.02 1.24 2.99
CA GLY A 46 4.76 1.97 3.03
C GLY A 46 4.73 3.10 2.03
N GLN A 47 5.85 3.81 1.90
CA GLN A 47 5.95 4.93 0.96
C GLN A 47 5.85 4.46 -0.48
N ASP A 48 6.64 3.44 -0.81
CA ASP A 48 6.65 2.89 -2.16
C ASP A 48 5.32 2.20 -2.48
N LEU A 49 4.74 1.57 -1.47
CA LEU A 49 3.46 0.88 -1.64
C LEU A 49 2.36 1.85 -2.03
N ILE A 50 2.30 2.98 -1.33
CA ILE A 50 1.29 4.00 -1.60
C ILE A 50 1.57 4.70 -2.92
N ASN A 51 2.83 4.68 -3.35
CA ASN A 51 3.23 5.31 -4.61
C ASN A 51 2.94 4.40 -5.79
N LEU A 52 2.06 3.42 -5.58
CA LEU A 52 1.70 2.47 -6.64
C LEU A 52 0.50 2.98 -7.44
N THR A 53 0.58 2.84 -8.76
CA THR A 53 -0.50 3.28 -9.63
C THR A 53 -0.81 2.23 -10.70
N GLN A 54 -2.03 2.25 -11.21
CA GLN A 54 -2.44 1.31 -12.25
C GLN A 54 -1.37 1.18 -13.32
N GLU A 55 -0.64 2.25 -13.55
CA GLU A 55 0.43 2.24 -14.55
C GLU A 55 1.58 1.35 -14.13
N ASP A 56 1.87 1.34 -12.83
CA ASP A 56 2.94 0.52 -12.29
C ASP A 56 2.66 -0.96 -12.48
N PHE A 57 1.38 -1.29 -12.71
CA PHE A 57 0.98 -2.67 -12.91
C PHE A 57 1.39 -3.17 -14.28
N LYS A 58 1.28 -2.30 -15.28
CA LYS A 58 1.65 -2.65 -16.65
C LYS A 58 3.07 -3.19 -16.71
N LYS A 59 3.89 -2.82 -15.72
CA LYS A 59 5.27 -3.27 -15.65
C LYS A 59 5.57 -3.90 -14.31
N PRO A 60 6.69 -4.65 -14.24
CA PRO A 60 7.12 -5.31 -13.01
C PRO A 60 7.60 -4.33 -11.94
N PRO A 61 7.74 -4.82 -10.71
CA PRO A 61 7.47 -6.21 -10.36
C PRO A 61 5.98 -6.54 -10.42
N LEU A 62 5.16 -5.54 -10.16
CA LEU A 62 3.70 -5.71 -10.18
C LEU A 62 3.19 -5.81 -11.62
N TYR A 63 2.94 -7.05 -12.06
CA TYR A 63 2.44 -7.28 -13.41
C TYR A 63 1.46 -8.44 -13.44
N ARG A 64 0.28 -8.21 -14.01
CA ARG A 64 -0.73 -9.24 -14.10
C ARG A 64 -0.70 -10.15 -12.87
N VAL A 65 -0.54 -9.55 -11.70
CA VAL A 65 -0.50 -10.31 -10.46
C VAL A 65 -1.87 -10.86 -10.09
N SER A 66 -2.92 -10.16 -10.54
CA SER A 66 -4.29 -10.58 -10.26
C SER A 66 -5.17 -10.43 -11.49
N SER A 67 -6.35 -11.03 -11.43
CA SER A 67 -7.28 -10.97 -12.55
C SER A 67 -8.23 -9.77 -12.42
N ASP A 68 -7.80 -8.80 -11.62
CA ASP A 68 -8.61 -7.60 -11.41
C ASP A 68 -7.87 -6.36 -11.90
N ASN A 69 -7.05 -6.54 -12.93
CA ASN A 69 -6.27 -5.43 -13.49
C ASN A 69 -5.70 -4.55 -12.38
N GLY A 70 -5.27 -5.17 -11.30
CA GLY A 70 -4.70 -4.43 -10.19
C GLY A 70 -5.70 -3.47 -9.57
N GLN A 71 -6.96 -3.89 -9.48
CA GLN A 71 -8.00 -3.07 -8.90
C GLN A 71 -8.08 -3.26 -7.39
N ARG A 72 -8.23 -4.50 -6.97
CA ARG A 72 -8.32 -4.82 -5.54
C ARG A 72 -7.25 -4.06 -4.75
N LEU A 73 -6.00 -4.19 -5.18
CA LEU A 73 -4.89 -3.53 -4.52
C LEU A 73 -5.03 -2.01 -4.59
N LEU A 74 -5.04 -1.49 -5.82
CA LEU A 74 -5.17 -0.06 -6.04
C LEU A 74 -6.20 0.55 -5.09
N ASP A 75 -7.30 -0.17 -4.89
CA ASP A 75 -8.36 0.30 -4.00
C ASP A 75 -7.92 0.21 -2.54
N MET A 76 -7.27 -0.89 -2.18
CA MET A 76 -6.79 -1.08 -0.82
C MET A 76 -5.75 -0.04 -0.44
N ILE A 77 -5.02 0.45 -1.45
CA ILE A 77 -3.99 1.45 -1.23
C ILE A 77 -4.58 2.86 -1.28
N GLU A 78 -5.43 3.11 -2.27
CA GLU A 78 -6.06 4.41 -2.43
C GLU A 78 -6.48 4.98 -1.07
N THR A 79 -6.93 4.10 -0.19
CA THR A 79 -7.37 4.51 1.15
C THR A 79 -6.17 4.85 2.04
N LEU A 80 -5.06 4.13 1.83
CA LEU A 80 -3.85 4.35 2.61
C LEU A 80 -3.31 5.76 2.39
N LYS A 81 -3.72 6.37 1.29
CA LYS A 81 -3.28 7.73 0.96
C LYS A 81 -4.28 8.77 1.46
N MET A 82 -5.54 8.62 1.03
CA MET A 82 -6.59 9.54 1.43
C MET A 82 -6.37 10.03 2.85
N GLU A 83 -5.80 9.17 3.69
CA GLU A 83 -5.54 9.53 5.08
C GLU A 83 -4.38 10.53 5.18
N HIS A 84 -3.25 10.16 4.58
CA HIS A 84 -2.07 11.02 4.60
C HIS A 84 -2.39 12.40 4.04
N HIS A 85 -1.56 13.38 4.37
CA HIS A 85 -1.75 14.74 3.90
C HIS A 85 -1.20 14.92 2.48
N MET A 86 -1.98 14.50 1.49
CA MET A 86 -1.58 14.61 0.10
C MET A 86 -2.55 15.47 -0.68
N GLU A 87 -2.30 16.78 -0.71
CA GLU A 87 -3.17 17.71 -1.42
C GLU A 87 -3.18 17.40 -2.91
N ALA A 88 -4.23 16.73 -3.36
CA ALA A 88 -4.36 16.38 -4.77
C ALA A 88 -4.92 17.55 -5.58
N HIS A 89 -4.62 17.56 -6.88
CA HIS A 89 -5.08 18.62 -7.76
C HIS A 89 -6.59 18.76 -7.69
N LYS A 90 -7.11 19.82 -8.30
CA LYS A 90 -8.55 20.08 -8.30
C LYS A 90 -9.11 20.05 -9.72
N ASN A 91 -8.53 20.88 -10.59
CA ASN A 91 -8.97 20.96 -11.98
C ASN A 91 -9.29 19.57 -12.53
N SER A 92 -10.36 19.46 -13.31
CA SER A 92 -10.78 18.20 -13.89
C SER A 92 -10.95 18.32 -15.40
N GLY A 93 -10.13 17.60 -16.15
CA GLY A 93 -10.20 17.65 -17.59
C GLY A 93 -8.86 17.88 -18.25
N PRO A 94 -8.13 16.79 -18.52
CA PRO A 94 -6.80 16.86 -19.14
C PRO A 94 -6.88 17.29 -20.61
N SER A 95 -5.73 17.66 -21.17
CA SER A 95 -5.67 18.10 -22.56
C SER A 95 -5.66 16.90 -23.49
N SER A 96 -4.77 15.95 -23.23
CA SER A 96 -4.65 14.76 -24.07
C SER A 96 -4.74 13.50 -23.21
N GLY A 97 -5.28 12.43 -23.79
CA GLY A 97 -5.41 11.18 -23.07
C GLY A 97 -5.78 10.03 -23.98
N GLY A 1 -2.89 -21.99 15.40
CA GLY A 1 -3.65 -23.05 14.76
C GLY A 1 -3.19 -23.30 13.34
N SER A 2 -2.90 -22.22 12.60
CA SER A 2 -2.47 -22.33 11.23
C SER A 2 -1.50 -21.20 10.86
N SER A 3 -0.34 -21.56 10.34
CA SER A 3 0.66 -20.57 9.96
C SER A 3 0.01 -19.38 9.26
N GLY A 4 0.64 -18.22 9.39
CA GLY A 4 0.11 -17.01 8.77
C GLY A 4 0.18 -15.80 9.68
N SER A 5 1.39 -15.47 10.11
CA SER A 5 1.60 -14.33 11.00
C SER A 5 0.91 -14.55 12.34
N SER A 6 1.02 -15.76 12.87
CA SER A 6 0.41 -16.11 14.14
C SER A 6 -0.95 -15.43 14.29
N GLY A 7 -1.72 -15.42 13.20
CA GLY A 7 -3.03 -14.80 13.23
C GLY A 7 -2.97 -13.32 13.58
N MET A 8 -4.01 -12.59 13.20
CA MET A 8 -4.07 -11.16 13.48
C MET A 8 -3.68 -10.87 14.93
N LEU A 9 -2.60 -10.11 15.09
CA LEU A 9 -2.10 -9.76 16.43
C LEU A 9 -2.63 -8.40 16.85
N SER A 10 -2.49 -7.40 15.99
CA SER A 10 -2.95 -6.06 16.27
C SER A 10 -2.80 -5.16 15.05
N ALA A 11 -3.21 -3.91 15.19
CA ALA A 11 -3.13 -2.95 14.09
C ALA A 11 -2.54 -1.62 14.56
N ARG A 12 -1.98 -0.87 13.63
CA ARG A 12 -1.37 0.43 13.95
C ARG A 12 -1.85 1.51 12.98
N THR A 13 -1.95 2.73 13.48
CA THR A 13 -2.40 3.85 12.66
C THR A 13 -1.85 3.75 11.24
N MET A 14 -2.69 4.05 10.26
CA MET A 14 -2.29 4.00 8.86
C MET A 14 -2.37 5.38 8.21
N LYS A 15 -2.13 6.42 9.01
CA LYS A 15 -2.18 7.79 8.51
C LYS A 15 -0.96 8.10 7.64
N GLU A 16 0.20 7.61 8.06
CA GLU A 16 1.44 7.84 7.32
C GLU A 16 1.67 6.73 6.30
N VAL A 17 1.65 5.48 6.77
CA VAL A 17 1.86 4.34 5.90
C VAL A 17 2.97 4.60 4.89
N VAL A 18 3.88 5.50 5.25
CA VAL A 18 5.00 5.84 4.38
C VAL A 18 6.34 5.50 5.04
N TYR A 19 6.42 5.74 6.34
CA TYR A 19 7.64 5.45 7.09
C TYR A 19 7.66 4.00 7.57
N TRP A 20 6.65 3.23 7.16
CA TRP A 20 6.55 1.83 7.55
C TRP A 20 7.84 1.08 7.22
N SER A 21 7.85 -0.21 7.52
CA SER A 21 9.03 -1.04 7.27
C SER A 21 8.75 -2.03 6.15
N PRO A 22 9.81 -2.66 5.64
CA PRO A 22 9.72 -3.66 4.55
C PRO A 22 9.06 -4.94 5.02
N LYS A 23 8.93 -5.11 6.33
CA LYS A 23 8.31 -6.31 6.89
C LYS A 23 6.84 -6.05 7.21
N LYS A 24 6.50 -4.79 7.46
CA LYS A 24 5.13 -4.43 7.78
C LYS A 24 4.27 -4.38 6.52
N VAL A 25 4.73 -3.65 5.51
CA VAL A 25 4.01 -3.53 4.26
C VAL A 25 3.38 -4.86 3.85
N ALA A 26 4.05 -5.95 4.20
CA ALA A 26 3.55 -7.29 3.88
C ALA A 26 2.37 -7.65 4.76
N ASP A 27 2.59 -7.68 6.07
CA ASP A 27 1.54 -8.01 7.02
C ASP A 27 0.22 -7.35 6.63
N TRP A 28 0.30 -6.16 6.07
CA TRP A 28 -0.88 -5.42 5.65
C TRP A 28 -1.56 -6.11 4.48
N LEU A 29 -0.77 -6.62 3.55
CA LEU A 29 -1.30 -7.31 2.38
C LEU A 29 -2.11 -8.54 2.79
N LEU A 30 -1.45 -9.49 3.46
CA LEU A 30 -2.11 -10.70 3.91
C LEU A 30 -3.32 -10.38 4.77
N GLU A 31 -3.25 -9.27 5.50
CA GLU A 31 -4.35 -8.84 6.36
C GLU A 31 -5.63 -8.65 5.56
N ASN A 32 -5.48 -8.47 4.26
CA ASN A 32 -6.62 -8.28 3.37
C ASN A 32 -6.65 -9.34 2.27
N ALA A 33 -5.90 -10.41 2.48
CA ALA A 33 -5.84 -11.50 1.50
C ALA A 33 -5.16 -11.05 0.22
N MET A 34 -3.98 -10.45 0.36
CA MET A 34 -3.22 -9.97 -0.78
C MET A 34 -1.80 -10.52 -0.76
N PRO A 35 -1.67 -11.83 -0.52
CA PRO A 35 -0.37 -12.51 -0.47
C PRO A 35 0.28 -12.60 -1.84
N GLU A 36 -0.42 -12.15 -2.86
CA GLU A 36 0.10 -12.18 -4.22
C GLU A 36 1.00 -10.99 -4.49
N TYR A 37 0.80 -9.92 -3.72
CA TYR A 37 1.59 -8.71 -3.87
C TYR A 37 2.78 -8.71 -2.91
N CYS A 38 2.78 -9.65 -1.97
CA CYS A 38 3.86 -9.77 -1.00
C CYS A 38 5.20 -9.98 -1.68
N GLU A 39 5.19 -10.79 -2.74
CA GLU A 39 6.42 -11.07 -3.50
C GLU A 39 7.04 -9.78 -4.02
N PRO A 40 6.28 -9.05 -4.85
CA PRO A 40 6.73 -7.79 -5.44
C PRO A 40 6.85 -6.67 -4.40
N LEU A 41 6.14 -6.82 -3.30
CA LEU A 41 6.16 -5.83 -2.24
C LEU A 41 7.01 -6.30 -1.06
N GLU A 42 7.69 -7.44 -1.24
CA GLU A 42 8.53 -8.00 -0.20
C GLU A 42 9.50 -6.95 0.34
N HIS A 43 10.08 -6.18 -0.56
CA HIS A 43 11.03 -5.14 -0.18
C HIS A 43 10.44 -3.75 -0.40
N PHE A 44 9.11 -3.66 -0.31
CA PHE A 44 8.42 -2.39 -0.50
C PHE A 44 8.13 -1.72 0.84
N THR A 45 8.21 -0.40 0.87
CA THR A 45 7.97 0.37 2.08
C THR A 45 6.65 1.13 1.99
N GLY A 46 5.97 1.27 3.12
CA GLY A 46 4.70 1.98 3.15
C GLY A 46 4.67 3.12 2.15
N GLN A 47 5.77 3.84 2.03
CA GLN A 47 5.86 4.97 1.10
C GLN A 47 5.78 4.49 -0.34
N ASP A 48 6.62 3.51 -0.68
CA ASP A 48 6.65 2.97 -2.03
C ASP A 48 5.32 2.29 -2.37
N LEU A 49 4.77 1.57 -1.39
CA LEU A 49 3.50 0.87 -1.59
C LEU A 49 2.40 1.84 -1.99
N ILE A 50 2.26 2.91 -1.22
CA ILE A 50 1.24 3.92 -1.50
C ILE A 50 1.53 4.65 -2.81
N ASN A 51 2.79 4.61 -3.23
CA ASN A 51 3.19 5.26 -4.47
C ASN A 51 2.86 4.40 -5.68
N LEU A 52 2.11 3.32 -5.45
CA LEU A 52 1.71 2.41 -6.51
C LEU A 52 0.54 2.98 -7.30
N THR A 53 0.61 2.86 -8.63
CA THR A 53 -0.45 3.35 -9.49
C THR A 53 -0.80 2.34 -10.57
N GLN A 54 -1.95 2.52 -11.21
CA GLN A 54 -2.41 1.63 -12.26
C GLN A 54 -1.32 1.41 -13.30
N GLU A 55 -0.60 2.48 -13.63
CA GLU A 55 0.47 2.40 -14.61
C GLU A 55 1.58 1.46 -14.15
N ASP A 56 1.76 1.39 -12.83
CA ASP A 56 2.78 0.52 -12.25
C ASP A 56 2.43 -0.94 -12.43
N PHE A 57 1.15 -1.20 -12.75
CA PHE A 57 0.68 -2.57 -12.95
C PHE A 57 0.99 -3.05 -14.37
N LYS A 58 0.83 -2.15 -15.33
CA LYS A 58 1.09 -2.48 -16.73
C LYS A 58 2.53 -2.97 -16.91
N LYS A 59 3.37 -2.72 -15.91
CA LYS A 59 4.76 -3.15 -15.97
C LYS A 59 5.17 -3.82 -14.66
N PRO A 60 6.29 -4.57 -14.70
CA PRO A 60 6.81 -5.27 -13.53
C PRO A 60 7.36 -4.32 -12.48
N PRO A 61 7.53 -4.83 -11.25
CA PRO A 61 7.21 -6.22 -10.92
C PRO A 61 5.71 -6.48 -10.92
N LEU A 62 4.94 -5.53 -10.41
CA LEU A 62 3.49 -5.66 -10.36
C LEU A 62 2.90 -5.75 -11.77
N TYR A 63 2.59 -6.97 -12.19
CA TYR A 63 2.01 -7.20 -13.51
C TYR A 63 1.02 -8.36 -13.47
N ARG A 64 -0.15 -8.12 -14.05
CA ARG A 64 -1.19 -9.15 -14.09
C ARG A 64 -1.11 -10.05 -12.87
N VAL A 65 -0.84 -9.46 -11.71
CA VAL A 65 -0.74 -10.21 -10.46
C VAL A 65 -2.08 -10.85 -10.10
N SER A 66 -3.14 -10.09 -10.28
CA SER A 66 -4.49 -10.58 -9.95
C SER A 66 -5.41 -10.45 -11.16
N SER A 67 -6.48 -11.25 -11.16
CA SER A 67 -7.44 -11.22 -12.26
C SER A 67 -8.21 -9.91 -12.29
N ASP A 68 -7.95 -9.06 -11.30
CA ASP A 68 -8.61 -7.77 -11.20
C ASP A 68 -7.74 -6.66 -11.78
N ASN A 69 -6.96 -7.01 -12.80
CA ASN A 69 -6.06 -6.05 -13.43
C ASN A 69 -5.39 -5.15 -12.39
N GLY A 70 -5.24 -5.68 -11.18
CA GLY A 70 -4.61 -4.91 -10.12
C GLY A 70 -5.55 -3.87 -9.52
N GLN A 71 -6.82 -4.23 -9.39
CA GLN A 71 -7.82 -3.32 -8.84
C GLN A 71 -7.91 -3.48 -7.32
N ARG A 72 -8.12 -4.71 -6.87
CA ARG A 72 -8.24 -4.99 -5.45
C ARG A 72 -7.20 -4.21 -4.65
N LEU A 73 -5.95 -4.30 -5.09
CA LEU A 73 -4.86 -3.61 -4.41
C LEU A 73 -5.02 -2.09 -4.53
N LEU A 74 -5.03 -1.60 -5.77
CA LEU A 74 -5.18 -0.16 -6.02
C LEU A 74 -6.23 0.44 -5.10
N ASP A 75 -7.31 -0.30 -4.86
CA ASP A 75 -8.37 0.17 -3.98
C ASP A 75 -7.94 0.13 -2.52
N MET A 76 -7.24 -0.93 -2.15
CA MET A 76 -6.77 -1.09 -0.78
C MET A 76 -5.72 -0.03 -0.44
N ILE A 77 -5.03 0.46 -1.46
CA ILE A 77 -4.00 1.48 -1.28
C ILE A 77 -4.60 2.89 -1.35
N GLU A 78 -5.55 3.08 -2.27
CA GLU A 78 -6.19 4.37 -2.44
C GLU A 78 -6.56 4.98 -1.08
N THR A 79 -7.07 4.14 -0.18
CA THR A 79 -7.46 4.59 1.14
C THR A 79 -6.24 4.91 2.00
N LEU A 80 -5.14 4.22 1.73
CA LEU A 80 -3.90 4.44 2.47
C LEU A 80 -3.36 5.84 2.22
N LYS A 81 -3.57 6.35 1.02
CA LYS A 81 -3.10 7.69 0.66
C LYS A 81 -4.00 8.76 1.27
N MET A 82 -5.26 8.78 0.83
CA MET A 82 -6.23 9.76 1.34
C MET A 82 -5.99 10.04 2.81
N GLU A 83 -5.57 9.01 3.55
CA GLU A 83 -5.32 9.15 4.98
C GLU A 83 -4.16 10.11 5.23
N HIS A 84 -3.08 9.93 4.47
CA HIS A 84 -1.90 10.78 4.62
C HIS A 84 -2.13 12.14 3.99
N HIS A 85 -1.52 13.17 4.55
CA HIS A 85 -1.66 14.54 4.04
C HIS A 85 -1.11 14.63 2.63
N MET A 86 -1.94 14.25 1.66
CA MET A 86 -1.54 14.31 0.25
C MET A 86 -2.60 15.00 -0.59
N GLU A 87 -2.17 15.95 -1.42
CA GLU A 87 -3.10 16.69 -2.28
C GLU A 87 -2.57 16.73 -3.71
N ALA A 88 -2.91 15.70 -4.48
CA ALA A 88 -2.48 15.62 -5.88
C ALA A 88 -3.67 15.35 -6.80
N HIS A 89 -4.13 16.39 -7.48
CA HIS A 89 -5.25 16.27 -8.41
C HIS A 89 -5.07 17.18 -9.61
N LYS A 90 -5.65 16.77 -10.74
CA LYS A 90 -5.54 17.56 -11.97
C LYS A 90 -6.61 17.12 -12.98
N ASN A 91 -7.47 18.04 -13.36
CA ASN A 91 -8.53 17.75 -14.32
C ASN A 91 -7.96 17.64 -15.74
N SER A 92 -7.64 16.40 -16.14
CA SER A 92 -7.08 16.15 -17.46
C SER A 92 -7.21 14.68 -17.83
N GLY A 93 -7.82 14.41 -18.99
CA GLY A 93 -7.99 13.05 -19.43
C GLY A 93 -6.70 12.24 -19.37
N PRO A 94 -5.92 12.29 -20.45
CA PRO A 94 -4.65 11.57 -20.55
C PRO A 94 -3.59 12.16 -19.62
N SER A 95 -2.61 11.33 -19.25
CA SER A 95 -1.53 11.77 -18.37
C SER A 95 -0.72 12.89 -19.02
N SER A 96 -0.94 14.12 -18.56
CA SER A 96 -0.23 15.27 -19.10
C SER A 96 0.80 15.79 -18.10
N GLY A 97 1.92 16.29 -18.62
CA GLY A 97 2.97 16.81 -17.76
C GLY A 97 3.56 18.10 -18.29
N GLY A 1 -6.48 2.34 38.67
CA GLY A 1 -6.66 0.98 38.19
C GLY A 1 -7.05 0.93 36.73
N SER A 2 -6.48 -0.03 36.00
CA SER A 2 -6.78 -0.18 34.58
C SER A 2 -7.99 -1.08 34.37
N SER A 3 -8.54 -1.06 33.15
CA SER A 3 -9.70 -1.86 32.82
C SER A 3 -9.42 -2.76 31.63
N GLY A 4 -9.10 -2.16 30.49
CA GLY A 4 -8.81 -2.92 29.30
C GLY A 4 -9.90 -2.78 28.25
N SER A 5 -9.61 -1.99 27.21
CA SER A 5 -10.58 -1.78 26.14
C SER A 5 -9.97 -2.14 24.79
N SER A 6 -10.81 -2.61 23.87
CA SER A 6 -10.36 -2.99 22.54
C SER A 6 -11.41 -2.66 21.49
N GLY A 7 -10.96 -2.13 20.35
CA GLY A 7 -11.87 -1.78 19.28
C GLY A 7 -11.16 -1.15 18.10
N MET A 8 -10.30 -1.93 17.45
CA MET A 8 -9.55 -1.45 16.29
C MET A 8 -9.38 -2.55 15.25
N LEU A 9 -9.56 -2.20 13.99
CA LEU A 9 -9.42 -3.17 12.90
C LEU A 9 -7.96 -3.31 12.49
N SER A 10 -7.37 -2.23 12.00
CA SER A 10 -5.98 -2.24 11.57
C SER A 10 -5.04 -2.33 12.77
N ALA A 11 -3.94 -3.06 12.60
CA ALA A 11 -2.96 -3.21 13.67
C ALA A 11 -2.38 -1.86 14.09
N ARG A 12 -1.50 -1.33 13.25
CA ARG A 12 -0.86 -0.05 13.54
C ARG A 12 -1.57 1.09 12.80
N THR A 13 -1.10 2.31 13.01
CA THR A 13 -1.69 3.48 12.35
C THR A 13 -1.47 3.45 10.85
N MET A 14 -2.34 4.12 10.12
CA MET A 14 -2.24 4.16 8.66
C MET A 14 -2.33 5.61 8.16
N LYS A 15 -2.05 6.55 9.04
CA LYS A 15 -2.08 7.96 8.69
C LYS A 15 -0.90 8.34 7.80
N GLU A 16 0.20 7.62 7.97
CA GLU A 16 1.40 7.88 7.18
C GLU A 16 1.65 6.75 6.18
N VAL A 17 1.67 5.52 6.68
CA VAL A 17 1.90 4.35 5.84
C VAL A 17 3.02 4.62 4.83
N VAL A 18 3.90 5.54 5.17
CA VAL A 18 5.02 5.88 4.29
C VAL A 18 6.36 5.54 4.95
N TYR A 19 6.46 5.80 6.25
CA TYR A 19 7.67 5.52 7.00
C TYR A 19 7.70 4.08 7.50
N TRP A 20 6.68 3.31 7.11
CA TRP A 20 6.59 1.92 7.52
C TRP A 20 7.88 1.17 7.20
N SER A 21 7.87 -0.14 7.46
CA SER A 21 9.06 -0.97 7.21
C SER A 21 8.77 -1.98 6.11
N PRO A 22 9.84 -2.62 5.60
CA PRO A 22 9.75 -3.63 4.54
C PRO A 22 9.09 -4.92 5.02
N LYS A 23 8.98 -5.06 6.34
CA LYS A 23 8.38 -6.25 6.93
C LYS A 23 6.91 -5.99 7.27
N LYS A 24 6.57 -4.73 7.46
CA LYS A 24 5.19 -4.35 7.78
C LYS A 24 4.32 -4.32 6.54
N VAL A 25 4.78 -3.58 5.52
CA VAL A 25 4.04 -3.47 4.27
C VAL A 25 3.41 -4.81 3.88
N ALA A 26 4.10 -5.89 4.22
CA ALA A 26 3.61 -7.23 3.91
C ALA A 26 2.42 -7.61 4.78
N ASP A 27 2.64 -7.60 6.10
CA ASP A 27 1.59 -7.94 7.05
C ASP A 27 0.26 -7.29 6.66
N TRP A 28 0.34 -6.10 6.08
CA TRP A 28 -0.85 -5.38 5.65
C TRP A 28 -1.53 -6.08 4.49
N LEU A 29 -0.72 -6.61 3.57
CA LEU A 29 -1.25 -7.32 2.41
C LEU A 29 -2.06 -8.54 2.83
N LEU A 30 -1.41 -9.46 3.53
CA LEU A 30 -2.07 -10.67 3.99
C LEU A 30 -3.29 -10.33 4.85
N GLU A 31 -3.20 -9.22 5.58
CA GLU A 31 -4.30 -8.79 6.44
C GLU A 31 -5.58 -8.59 5.63
N ASN A 32 -5.42 -8.45 4.32
CA ASN A 32 -6.57 -8.25 3.43
C ASN A 32 -6.64 -9.36 2.38
N ALA A 33 -5.83 -10.39 2.56
CA ALA A 33 -5.80 -11.52 1.63
C ALA A 33 -5.11 -11.13 0.33
N MET A 34 -3.99 -10.43 0.44
CA MET A 34 -3.23 -10.00 -0.72
C MET A 34 -1.81 -10.55 -0.69
N PRO A 35 -1.68 -11.85 -0.42
CA PRO A 35 -0.38 -12.53 -0.35
C PRO A 35 0.29 -12.64 -1.71
N GLU A 36 -0.43 -12.24 -2.76
CA GLU A 36 0.10 -12.29 -4.11
C GLU A 36 0.99 -11.09 -4.40
N TYR A 37 0.75 -10.00 -3.68
CA TYR A 37 1.53 -8.78 -3.85
C TYR A 37 2.70 -8.73 -2.87
N CYS A 38 2.70 -9.64 -1.91
CA CYS A 38 3.75 -9.70 -0.90
C CYS A 38 5.11 -9.92 -1.56
N GLU A 39 5.15 -10.80 -2.56
CA GLU A 39 6.38 -11.11 -3.27
C GLU A 39 7.01 -9.83 -3.83
N PRO A 40 6.26 -9.14 -4.70
CA PRO A 40 6.72 -7.90 -5.33
C PRO A 40 6.82 -6.74 -4.33
N LEU A 41 6.11 -6.87 -3.22
CA LEU A 41 6.11 -5.84 -2.19
C LEU A 41 6.94 -6.28 -0.98
N GLU A 42 7.70 -7.36 -1.15
CA GLU A 42 8.54 -7.87 -0.08
C GLU A 42 9.54 -6.82 0.39
N HIS A 43 10.16 -6.13 -0.56
CA HIS A 43 11.13 -5.09 -0.24
C HIS A 43 10.54 -3.70 -0.47
N PHE A 44 9.22 -3.60 -0.37
CA PHE A 44 8.53 -2.33 -0.57
C PHE A 44 8.24 -1.66 0.78
N THR A 45 8.30 -0.33 0.79
CA THR A 45 8.06 0.44 2.01
C THR A 45 6.74 1.19 1.91
N GLY A 46 6.06 1.33 3.05
CA GLY A 46 4.79 2.04 3.08
C GLY A 46 4.74 3.16 2.07
N GLN A 47 5.84 3.89 1.93
CA GLN A 47 5.91 5.01 0.99
C GLN A 47 5.83 4.51 -0.45
N ASP A 48 6.68 3.53 -0.78
CA ASP A 48 6.69 2.96 -2.12
C ASP A 48 5.37 2.27 -2.45
N LEU A 49 4.81 1.60 -1.45
CA LEU A 49 3.55 0.89 -1.63
C LEU A 49 2.43 1.86 -2.04
N ILE A 50 2.33 2.97 -1.32
CA ILE A 50 1.31 3.97 -1.61
C ILE A 50 1.59 4.67 -2.94
N ASN A 51 2.82 4.56 -3.40
CA ASN A 51 3.22 5.18 -4.66
C ASN A 51 2.89 4.28 -5.84
N LEU A 52 2.12 3.23 -5.58
CA LEU A 52 1.73 2.28 -6.62
C LEU A 52 0.55 2.82 -7.43
N THR A 53 0.62 2.63 -8.74
CA THR A 53 -0.45 3.09 -9.63
C THR A 53 -0.80 2.04 -10.67
N GLN A 54 -1.95 2.22 -11.33
CA GLN A 54 -2.39 1.28 -12.34
C GLN A 54 -1.33 1.09 -13.43
N GLU A 55 -0.56 2.15 -13.67
CA GLU A 55 0.50 2.10 -14.68
C GLU A 55 1.65 1.23 -14.22
N ASP A 56 1.76 1.04 -12.91
CA ASP A 56 2.82 0.22 -12.34
C ASP A 56 2.54 -1.27 -12.55
N PHE A 57 1.25 -1.60 -12.72
CA PHE A 57 0.84 -2.99 -12.93
C PHE A 57 1.18 -3.44 -14.35
N LYS A 58 1.29 -2.49 -15.26
CA LYS A 58 1.60 -2.79 -16.65
C LYS A 58 2.96 -3.47 -16.77
N LYS A 59 3.90 -3.10 -15.89
CA LYS A 59 5.23 -3.68 -15.89
C LYS A 59 5.51 -4.37 -14.56
N PRO A 60 6.54 -5.24 -14.55
CA PRO A 60 6.94 -5.98 -13.35
C PRO A 60 7.56 -5.09 -12.29
N PRO A 61 7.74 -5.62 -11.08
CA PRO A 61 7.35 -7.01 -10.77
C PRO A 61 5.84 -7.19 -10.75
N LEU A 62 5.12 -6.12 -10.44
CA LEU A 62 3.66 -6.16 -10.38
C LEU A 62 3.06 -6.27 -11.78
N TYR A 63 2.65 -7.48 -12.14
CA TYR A 63 2.05 -7.72 -13.45
C TYR A 63 1.22 -8.99 -13.45
N ARG A 64 -0.09 -8.83 -13.62
CA ARG A 64 -1.00 -9.97 -13.63
C ARG A 64 -0.98 -10.70 -12.29
N VAL A 65 -0.76 -9.95 -11.22
CA VAL A 65 -0.72 -10.54 -9.88
C VAL A 65 -2.11 -10.94 -9.40
N SER A 66 -3.11 -10.17 -9.82
CA SER A 66 -4.49 -10.45 -9.43
C SER A 66 -5.42 -10.38 -10.64
N SER A 67 -6.54 -11.08 -10.56
CA SER A 67 -7.51 -11.10 -11.65
C SER A 67 -8.46 -9.91 -11.56
N ASP A 68 -7.91 -8.76 -11.16
CA ASP A 68 -8.70 -7.54 -11.02
C ASP A 68 -8.05 -6.38 -11.77
N ASN A 69 -6.89 -6.66 -12.36
CA ASN A 69 -6.16 -5.64 -13.12
C ASN A 69 -5.54 -4.60 -12.18
N GLY A 70 -5.18 -5.05 -10.97
CA GLY A 70 -4.59 -4.15 -9.99
C GLY A 70 -5.64 -3.35 -9.22
N GLN A 71 -6.86 -3.36 -9.73
CA GLN A 71 -7.96 -2.63 -9.09
C GLN A 71 -8.02 -2.95 -7.60
N ARG A 72 -8.26 -4.22 -7.28
CA ARG A 72 -8.34 -4.65 -5.89
C ARG A 72 -7.30 -3.95 -5.04
N LEU A 73 -6.03 -4.17 -5.35
CA LEU A 73 -4.94 -3.56 -4.61
C LEU A 73 -5.05 -2.03 -4.63
N LEU A 74 -4.98 -1.46 -5.83
CA LEU A 74 -5.09 -0.01 -5.99
C LEU A 74 -6.13 0.58 -5.04
N ASP A 75 -7.25 -0.13 -4.89
CA ASP A 75 -8.32 0.31 -4.01
C ASP A 75 -7.90 0.20 -2.55
N MET A 76 -7.24 -0.91 -2.20
CA MET A 76 -6.80 -1.14 -0.83
C MET A 76 -5.79 -0.08 -0.41
N ILE A 77 -4.99 0.39 -1.37
CA ILE A 77 -3.99 1.41 -1.08
C ILE A 77 -4.59 2.81 -1.14
N GLU A 78 -5.51 3.01 -2.08
CA GLU A 78 -6.16 4.31 -2.23
C GLU A 78 -6.60 4.86 -0.89
N THR A 79 -7.08 3.98 -0.02
CA THR A 79 -7.53 4.38 1.31
C THR A 79 -6.35 4.75 2.21
N LEU A 80 -5.19 4.15 1.94
CA LEU A 80 -3.99 4.42 2.72
C LEU A 80 -3.50 5.85 2.47
N LYS A 81 -3.67 6.34 1.25
CA LYS A 81 -3.25 7.68 0.89
C LYS A 81 -4.19 8.72 1.48
N MET A 82 -5.45 8.68 1.05
CA MET A 82 -6.46 9.62 1.54
C MET A 82 -6.24 9.93 3.02
N GLU A 83 -5.76 8.94 3.77
CA GLU A 83 -5.51 9.10 5.19
C GLU A 83 -4.35 10.06 5.43
N HIS A 84 -3.27 9.87 4.68
CA HIS A 84 -2.09 10.72 4.81
C HIS A 84 -2.34 12.09 4.19
N HIS A 85 -1.55 13.08 4.62
CA HIS A 85 -1.68 14.43 4.11
C HIS A 85 -1.24 14.51 2.64
N MET A 86 -2.15 14.15 1.75
CA MET A 86 -1.87 14.18 0.32
C MET A 86 -2.52 15.39 -0.34
N GLU A 87 -2.45 16.54 0.33
CA GLU A 87 -3.03 17.77 -0.20
C GLU A 87 -4.41 17.49 -0.81
N ALA A 88 -5.21 16.71 -0.09
CA ALA A 88 -6.56 16.38 -0.56
C ALA A 88 -7.33 17.63 -0.93
N HIS A 89 -7.89 17.64 -2.14
CA HIS A 89 -8.67 18.79 -2.60
C HIS A 89 -9.84 19.07 -1.68
N LYS A 90 -10.66 18.06 -1.43
CA LYS A 90 -11.82 18.20 -0.55
C LYS A 90 -11.39 18.34 0.91
N ASN A 91 -11.47 19.55 1.43
CA ASN A 91 -11.09 19.82 2.81
C ASN A 91 -12.29 19.69 3.75
N SER A 92 -13.37 20.38 3.40
CA SER A 92 -14.59 20.35 4.21
C SER A 92 -15.80 20.80 3.39
N GLY A 93 -16.98 20.69 3.99
CA GLY A 93 -18.20 21.09 3.30
C GLY A 93 -18.23 22.58 3.00
N PRO A 94 -18.43 22.91 1.72
CA PRO A 94 -18.48 24.30 1.26
C PRO A 94 -19.74 25.02 1.74
N SER A 95 -20.89 24.40 1.51
CA SER A 95 -22.17 24.98 1.92
C SER A 95 -22.77 24.19 3.08
N SER A 96 -23.69 24.83 3.80
CA SER A 96 -24.34 24.19 4.94
C SER A 96 -25.57 23.41 4.50
N GLY A 97 -25.44 22.70 3.39
CA GLY A 97 -26.55 21.92 2.87
C GLY A 97 -27.36 21.27 3.97
N GLY A 1 15.74 18.55 16.32
CA GLY A 1 14.57 17.73 16.56
C GLY A 1 14.92 16.25 16.70
N SER A 2 14.75 15.51 15.61
CA SER A 2 15.04 14.08 15.61
C SER A 2 15.46 13.61 14.22
N SER A 3 16.15 12.46 14.18
CA SER A 3 16.62 11.91 12.91
C SER A 3 15.46 11.28 12.13
N GLY A 4 14.70 10.42 12.81
CA GLY A 4 13.58 9.77 12.17
C GLY A 4 13.77 8.26 12.07
N SER A 5 13.62 7.58 13.20
CA SER A 5 13.78 6.12 13.24
C SER A 5 12.54 5.43 12.70
N SER A 6 12.64 4.11 12.52
CA SER A 6 11.52 3.33 12.02
C SER A 6 10.91 2.47 13.13
N GLY A 7 9.64 2.12 12.97
CA GLY A 7 8.96 1.31 13.97
C GLY A 7 9.47 -0.12 13.98
N MET A 8 9.63 -0.67 15.18
CA MET A 8 10.10 -2.04 15.33
C MET A 8 8.97 -3.04 15.15
N LEU A 9 7.94 -2.92 15.98
CA LEU A 9 6.80 -3.82 15.90
C LEU A 9 5.73 -3.25 14.96
N SER A 10 4.69 -4.05 14.70
CA SER A 10 3.61 -3.63 13.82
C SER A 10 3.17 -2.21 14.14
N ALA A 11 2.93 -1.42 13.10
CA ALA A 11 2.51 -0.03 13.27
C ALA A 11 1.06 0.04 13.76
N ARG A 12 0.71 1.17 14.36
CA ARG A 12 -0.64 1.37 14.88
C ARG A 12 -1.40 2.39 14.04
N THR A 13 -0.85 3.60 13.96
CA THR A 13 -1.47 4.66 13.19
C THR A 13 -1.21 4.50 11.70
N MET A 14 -2.28 4.47 10.91
CA MET A 14 -2.16 4.31 9.46
C MET A 14 -2.34 5.65 8.77
N LYS A 15 -1.96 6.73 9.45
CA LYS A 15 -2.07 8.06 8.89
C LYS A 15 -0.90 8.37 7.95
N GLU A 16 0.26 7.80 8.26
CA GLU A 16 1.45 8.01 7.45
C GLU A 16 1.62 6.89 6.43
N VAL A 17 1.51 5.65 6.90
CA VAL A 17 1.65 4.48 6.04
C VAL A 17 2.68 4.73 4.95
N VAL A 18 3.68 5.55 5.26
CA VAL A 18 4.73 5.88 4.30
C VAL A 18 6.10 5.52 4.86
N TYR A 19 6.28 5.74 6.16
CA TYR A 19 7.55 5.45 6.82
C TYR A 19 7.58 4.01 7.34
N TRP A 20 6.57 3.24 6.97
CA TRP A 20 6.48 1.84 7.39
C TRP A 20 7.76 1.08 7.04
N SER A 21 7.83 -0.18 7.45
CA SER A 21 9.00 -1.00 7.18
C SER A 21 8.71 -2.00 6.07
N PRO A 22 9.78 -2.63 5.55
CA PRO A 22 9.67 -3.63 4.47
C PRO A 22 9.01 -4.92 4.94
N LYS A 23 8.91 -5.07 6.26
CA LYS A 23 8.30 -6.27 6.84
C LYS A 23 6.84 -6.02 7.18
N LYS A 24 6.50 -4.76 7.48
CA LYS A 24 5.14 -4.39 7.82
C LYS A 24 4.26 -4.34 6.58
N VAL A 25 4.71 -3.63 5.56
CA VAL A 25 3.97 -3.51 4.32
C VAL A 25 3.35 -4.84 3.91
N ALA A 26 4.03 -5.93 4.25
CA ALA A 26 3.55 -7.27 3.94
C ALA A 26 2.36 -7.65 4.81
N ASP A 27 2.58 -7.69 6.12
CA ASP A 27 1.53 -8.03 7.06
C ASP A 27 0.21 -7.38 6.67
N TRP A 28 0.29 -6.17 6.14
CA TRP A 28 -0.90 -5.44 5.72
C TRP A 28 -1.59 -6.14 4.54
N LEU A 29 -0.78 -6.66 3.63
CA LEU A 29 -1.32 -7.35 2.45
C LEU A 29 -2.08 -8.60 2.87
N LEU A 30 -1.38 -9.55 3.48
CA LEU A 30 -2.00 -10.79 3.93
C LEU A 30 -3.23 -10.50 4.78
N GLU A 31 -3.21 -9.40 5.50
CA GLU A 31 -4.33 -9.01 6.36
C GLU A 31 -5.61 -8.88 5.55
N ASN A 32 -5.47 -8.61 4.26
CA ASN A 32 -6.62 -8.47 3.38
C ASN A 32 -6.61 -9.55 2.29
N ALA A 33 -5.80 -10.58 2.49
CA ALA A 33 -5.70 -11.68 1.54
C ALA A 33 -5.03 -11.22 0.25
N MET A 34 -3.89 -10.55 0.39
CA MET A 34 -3.14 -10.06 -0.76
C MET A 34 -1.70 -10.56 -0.73
N PRO A 35 -1.52 -11.87 -0.51
CA PRO A 35 -0.20 -12.50 -0.44
C PRO A 35 0.48 -12.54 -1.80
N GLU A 36 -0.29 -12.26 -2.86
CA GLU A 36 0.25 -12.27 -4.22
C GLU A 36 1.12 -11.04 -4.46
N TYR A 37 0.82 -9.96 -3.75
CA TYR A 37 1.57 -8.72 -3.90
C TYR A 37 2.74 -8.66 -2.91
N CYS A 38 2.74 -9.60 -1.97
CA CYS A 38 3.79 -9.66 -0.95
C CYS A 38 5.16 -9.83 -1.61
N GLU A 39 5.19 -10.61 -2.69
CA GLU A 39 6.44 -10.85 -3.40
C GLU A 39 7.04 -9.55 -3.93
N PRO A 40 6.27 -8.86 -4.80
CA PRO A 40 6.69 -7.59 -5.39
C PRO A 40 6.75 -6.46 -4.38
N LEU A 41 6.08 -6.65 -3.25
CA LEU A 41 6.05 -5.65 -2.20
C LEU A 41 6.89 -6.09 -1.00
N GLU A 42 7.56 -7.22 -1.14
CA GLU A 42 8.39 -7.76 -0.06
C GLU A 42 9.37 -6.70 0.44
N HIS A 43 9.96 -5.96 -0.50
CA HIS A 43 10.93 -4.92 -0.16
C HIS A 43 10.33 -3.54 -0.40
N PHE A 44 9.01 -3.44 -0.28
CA PHE A 44 8.32 -2.17 -0.48
C PHE A 44 8.00 -1.50 0.86
N THR A 45 8.12 -0.18 0.89
CA THR A 45 7.86 0.58 2.10
C THR A 45 6.52 1.31 2.00
N GLY A 46 5.85 1.45 3.14
CA GLY A 46 4.57 2.14 3.16
C GLY A 46 4.49 3.25 2.15
N GLN A 47 5.61 3.93 1.93
CA GLN A 47 5.66 5.03 0.97
C GLN A 47 5.61 4.51 -0.47
N ASP A 48 6.52 3.60 -0.79
CA ASP A 48 6.58 3.02 -2.12
C ASP A 48 5.30 2.26 -2.45
N LEU A 49 4.69 1.67 -1.43
CA LEU A 49 3.46 0.91 -1.61
C LEU A 49 2.32 1.84 -2.02
N ILE A 50 2.20 2.98 -1.35
CA ILE A 50 1.15 3.94 -1.65
C ILE A 50 1.44 4.66 -2.97
N ASN A 51 2.71 4.66 -3.38
CA ASN A 51 3.11 5.31 -4.62
C ASN A 51 2.84 4.41 -5.82
N LEU A 52 2.04 3.37 -5.61
CA LEU A 52 1.70 2.43 -6.67
C LEU A 52 0.51 2.93 -7.48
N THR A 53 0.60 2.81 -8.80
CA THR A 53 -0.47 3.24 -9.68
C THR A 53 -0.76 2.20 -10.75
N GLN A 54 -1.93 2.30 -11.38
CA GLN A 54 -2.33 1.36 -12.41
C GLN A 54 -1.26 1.25 -13.49
N GLU A 55 -0.55 2.35 -13.73
CA GLU A 55 0.51 2.37 -14.74
C GLU A 55 1.72 1.55 -14.27
N ASP A 56 1.83 1.36 -12.96
CA ASP A 56 2.93 0.60 -12.38
C ASP A 56 2.70 -0.90 -12.57
N PHE A 57 1.46 -1.27 -12.85
CA PHE A 57 1.12 -2.68 -13.04
C PHE A 57 1.47 -3.13 -14.46
N LYS A 58 1.71 -2.17 -15.35
CA LYS A 58 2.05 -2.47 -16.73
C LYS A 58 3.40 -3.16 -16.81
N LYS A 59 4.32 -2.78 -15.91
CA LYS A 59 5.65 -3.37 -15.89
C LYS A 59 5.89 -4.10 -14.57
N PRO A 60 6.92 -4.97 -14.56
CA PRO A 60 7.28 -5.76 -13.38
C PRO A 60 7.87 -4.89 -12.26
N PRO A 61 7.95 -5.46 -11.05
CA PRO A 61 7.52 -6.84 -10.80
C PRO A 61 6.00 -6.98 -10.86
N LEU A 62 5.30 -5.91 -10.51
CA LEU A 62 3.84 -5.92 -10.53
C LEU A 62 3.31 -6.03 -11.96
N TYR A 63 2.91 -7.23 -12.34
CA TYR A 63 2.38 -7.47 -13.69
C TYR A 63 1.54 -8.74 -13.72
N ARG A 64 0.28 -8.59 -14.09
CA ARG A 64 -0.64 -9.72 -14.17
C ARG A 64 -0.73 -10.44 -12.83
N VAL A 65 -0.50 -9.70 -11.75
CA VAL A 65 -0.56 -10.25 -10.41
C VAL A 65 -1.97 -10.76 -10.08
N SER A 66 -2.98 -10.03 -10.54
CA SER A 66 -4.37 -10.39 -10.30
C SER A 66 -5.19 -10.25 -11.57
N SER A 67 -6.29 -10.99 -11.64
CA SER A 67 -7.17 -10.95 -12.80
C SER A 67 -8.19 -9.83 -12.67
N ASP A 68 -7.79 -8.75 -12.02
CA ASP A 68 -8.67 -7.60 -11.83
C ASP A 68 -8.00 -6.31 -12.31
N ASN A 69 -6.93 -6.45 -13.07
CA ASN A 69 -6.20 -5.31 -13.59
C ASN A 69 -5.63 -4.47 -12.46
N GLY A 70 -5.21 -5.13 -11.39
CA GLY A 70 -4.64 -4.43 -10.26
C GLY A 70 -5.62 -3.47 -9.61
N GLN A 71 -6.88 -3.90 -9.52
CA GLN A 71 -7.92 -3.07 -8.93
C GLN A 71 -8.01 -3.28 -7.42
N ARG A 72 -8.25 -4.52 -7.02
CA ARG A 72 -8.35 -4.86 -5.61
C ARG A 72 -7.29 -4.13 -4.79
N LEU A 73 -6.03 -4.28 -5.21
CA LEU A 73 -4.93 -3.64 -4.51
C LEU A 73 -5.07 -2.12 -4.54
N LEU A 74 -5.15 -1.56 -5.74
CA LEU A 74 -5.28 -0.12 -5.91
C LEU A 74 -6.33 0.44 -4.95
N ASP A 75 -7.44 -0.27 -4.81
CA ASP A 75 -8.52 0.14 -3.91
C ASP A 75 -8.07 0.07 -2.46
N MET A 76 -7.32 -0.96 -2.12
CA MET A 76 -6.83 -1.14 -0.75
C MET A 76 -5.76 -0.11 -0.42
N ILE A 77 -5.07 0.38 -1.44
CA ILE A 77 -4.04 1.38 -1.25
C ILE A 77 -4.61 2.79 -1.25
N GLU A 78 -5.58 3.02 -2.14
CA GLU A 78 -6.22 4.33 -2.23
C GLU A 78 -6.54 4.89 -0.84
N THR A 79 -7.09 4.02 0.02
CA THR A 79 -7.44 4.42 1.37
C THR A 79 -6.20 4.78 2.19
N LEU A 80 -5.08 4.16 1.84
CA LEU A 80 -3.82 4.41 2.54
C LEU A 80 -3.29 5.82 2.23
N LYS A 81 -3.62 6.31 1.04
CA LYS A 81 -3.18 7.64 0.62
C LYS A 81 -4.03 8.72 1.28
N MET A 82 -5.32 8.73 0.97
CA MET A 82 -6.24 9.70 1.53
C MET A 82 -5.85 10.06 2.95
N GLU A 83 -5.32 9.08 3.68
CA GLU A 83 -4.91 9.29 5.07
C GLU A 83 -3.74 10.28 5.14
N HIS A 84 -2.65 9.96 4.44
CA HIS A 84 -1.48 10.81 4.41
C HIS A 84 -1.83 12.22 3.94
N HIS A 85 -1.12 13.20 4.47
CA HIS A 85 -1.35 14.60 4.10
C HIS A 85 -1.67 14.72 2.61
N MET A 86 -0.79 14.20 1.78
CA MET A 86 -0.97 14.25 0.33
C MET A 86 -1.29 15.67 -0.12
N GLU A 87 -0.49 16.63 0.35
CA GLU A 87 -0.68 18.02 -0.02
C GLU A 87 -0.06 18.32 -1.37
N ALA A 88 -0.69 17.82 -2.43
CA ALA A 88 -0.21 18.03 -3.78
C ALA A 88 0.42 19.41 -3.93
N HIS A 89 -0.21 20.41 -3.33
CA HIS A 89 0.28 21.78 -3.39
C HIS A 89 1.75 21.85 -2.95
N LYS A 90 2.58 22.44 -3.80
CA LYS A 90 4.00 22.57 -3.51
C LYS A 90 4.26 23.77 -2.59
N ASN A 91 4.54 23.49 -1.33
CA ASN A 91 4.80 24.56 -0.36
C ASN A 91 6.23 24.47 0.17
N SER A 92 6.66 25.51 0.87
CA SER A 92 8.01 25.55 1.42
C SER A 92 8.07 26.48 2.63
N GLY A 93 9.25 26.56 3.25
CA GLY A 93 9.42 27.41 4.41
C GLY A 93 8.57 26.97 5.59
N PRO A 94 8.76 27.64 6.74
CA PRO A 94 8.02 27.33 7.96
C PRO A 94 6.54 27.71 7.86
N SER A 95 5.73 26.81 7.33
CA SER A 95 4.31 27.06 7.17
C SER A 95 3.59 26.96 8.52
N SER A 96 3.46 28.10 9.20
CA SER A 96 2.80 28.14 10.51
C SER A 96 1.52 27.31 10.49
N GLY A 97 0.66 27.58 9.50
CA GLY A 97 -0.58 26.86 9.39
C GLY A 97 -1.72 27.73 8.87
N GLY A 1 9.39 -17.19 12.54
CA GLY A 1 9.68 -17.01 13.96
C GLY A 1 10.05 -15.57 14.29
N SER A 2 9.11 -14.85 14.88
CA SER A 2 9.34 -13.46 15.25
C SER A 2 10.43 -13.35 16.31
N SER A 3 11.50 -12.64 16.00
CA SER A 3 12.61 -12.46 16.93
C SER A 3 12.11 -11.98 18.28
N GLY A 4 11.22 -10.99 18.27
CA GLY A 4 10.68 -10.45 19.50
C GLY A 4 9.44 -11.19 19.96
N SER A 5 9.59 -12.00 21.00
CA SER A 5 8.48 -12.77 21.54
C SER A 5 7.22 -11.92 21.64
N SER A 6 6.16 -12.36 20.98
CA SER A 6 4.88 -11.64 20.99
C SER A 6 5.12 -10.14 20.88
N GLY A 7 6.05 -9.76 20.00
CA GLY A 7 6.36 -8.35 19.81
C GLY A 7 5.12 -7.52 19.54
N MET A 8 4.87 -6.54 20.39
CA MET A 8 3.71 -5.67 20.24
C MET A 8 3.59 -5.18 18.81
N LEU A 9 2.46 -4.52 18.50
CA LEU A 9 2.22 -4.00 17.17
C LEU A 9 2.70 -2.55 17.06
N SER A 10 4.00 -2.37 16.87
CA SER A 10 4.57 -1.03 16.74
C SER A 10 3.77 -0.19 15.75
N ALA A 11 3.43 -0.79 14.61
CA ALA A 11 2.67 -0.10 13.59
C ALA A 11 1.19 -0.43 13.68
N ARG A 12 0.38 0.58 14.00
CA ARG A 12 -1.06 0.40 14.13
C ARG A 12 -1.81 1.33 13.19
N THR A 13 -1.59 2.63 13.35
CA THR A 13 -2.25 3.63 12.52
C THR A 13 -1.80 3.52 11.06
N MET A 14 -2.59 4.09 10.16
CA MET A 14 -2.26 4.05 8.74
C MET A 14 -2.32 5.45 8.14
N LYS A 15 -2.07 6.46 8.96
CA LYS A 15 -2.08 7.84 8.51
C LYS A 15 -0.86 8.15 7.64
N GLU A 16 0.30 7.65 8.06
CA GLU A 16 1.53 7.88 7.32
C GLU A 16 1.77 6.76 6.31
N VAL A 17 1.75 5.52 6.79
CA VAL A 17 1.96 4.36 5.93
C VAL A 17 3.08 4.61 4.94
N VAL A 18 3.99 5.51 5.29
CA VAL A 18 5.12 5.85 4.43
C VAL A 18 6.44 5.48 5.08
N TYR A 19 6.53 5.70 6.39
CA TYR A 19 7.75 5.39 7.13
C TYR A 19 7.74 3.94 7.60
N TRP A 20 6.71 3.20 7.20
CA TRP A 20 6.58 1.79 7.58
C TRP A 20 7.86 1.03 7.26
N SER A 21 7.87 -0.26 7.57
CA SER A 21 9.03 -1.11 7.32
C SER A 21 8.76 -2.10 6.19
N PRO A 22 9.82 -2.72 5.68
CA PRO A 22 9.73 -3.70 4.59
C PRO A 22 9.05 -5.00 5.03
N LYS A 23 8.94 -5.17 6.34
CA LYS A 23 8.30 -6.37 6.90
C LYS A 23 6.85 -6.11 7.24
N LYS A 24 6.51 -4.83 7.43
CA LYS A 24 5.14 -4.44 7.76
C LYS A 24 4.27 -4.39 6.51
N VAL A 25 4.73 -3.63 5.51
CA VAL A 25 3.99 -3.51 4.26
C VAL A 25 3.36 -4.83 3.85
N ALA A 26 4.07 -5.92 4.10
CA ALA A 26 3.57 -7.25 3.76
C ALA A 26 2.38 -7.63 4.63
N ASP A 27 2.60 -7.65 5.94
CA ASP A 27 1.54 -8.01 6.88
C ASP A 27 0.23 -7.35 6.49
N TRP A 28 0.30 -6.13 5.98
CA TRP A 28 -0.88 -5.39 5.56
C TRP A 28 -1.57 -6.08 4.40
N LEU A 29 -0.78 -6.64 3.49
CA LEU A 29 -1.31 -7.33 2.32
C LEU A 29 -2.11 -8.56 2.74
N LEU A 30 -1.43 -9.52 3.35
CA LEU A 30 -2.06 -10.76 3.80
C LEU A 30 -3.29 -10.44 4.64
N GLU A 31 -3.25 -9.34 5.37
CA GLU A 31 -4.36 -8.93 6.23
C GLU A 31 -5.64 -8.82 5.41
N ASN A 32 -5.51 -8.54 4.12
CA ASN A 32 -6.65 -8.42 3.24
C ASN A 32 -6.64 -9.50 2.16
N ALA A 33 -5.84 -10.54 2.38
CA ALA A 33 -5.73 -11.63 1.44
C ALA A 33 -5.06 -11.19 0.15
N MET A 34 -3.90 -10.55 0.28
CA MET A 34 -3.16 -10.06 -0.88
C MET A 34 -1.72 -10.57 -0.84
N PRO A 35 -1.55 -11.87 -0.59
CA PRO A 35 -0.24 -12.50 -0.52
C PRO A 35 0.45 -12.58 -1.88
N GLU A 36 -0.30 -12.28 -2.93
CA GLU A 36 0.22 -12.31 -4.30
C GLU A 36 1.11 -11.10 -4.56
N TYR A 37 0.84 -10.01 -3.85
CA TYR A 37 1.62 -8.79 -4.02
C TYR A 37 2.79 -8.75 -3.04
N CYS A 38 2.79 -9.68 -2.09
CA CYS A 38 3.86 -9.76 -1.09
C CYS A 38 5.22 -9.95 -1.76
N GLU A 39 5.24 -10.75 -2.82
CA GLU A 39 6.48 -11.03 -3.55
C GLU A 39 7.09 -9.72 -4.07
N PRO A 40 6.33 -9.02 -4.91
CA PRO A 40 6.78 -7.75 -5.50
C PRO A 40 6.86 -6.62 -4.47
N LEU A 41 6.18 -6.81 -3.35
CA LEU A 41 6.17 -5.82 -2.28
C LEU A 41 6.99 -6.29 -1.08
N GLU A 42 7.72 -7.38 -1.28
CA GLU A 42 8.55 -7.94 -0.22
C GLU A 42 9.56 -6.90 0.28
N HIS A 43 10.15 -6.15 -0.65
CA HIS A 43 11.12 -5.12 -0.30
C HIS A 43 10.54 -3.73 -0.50
N PHE A 44 9.22 -3.62 -0.41
CA PHE A 44 8.54 -2.35 -0.58
C PHE A 44 8.28 -1.68 0.77
N THR A 45 8.32 -0.36 0.78
CA THR A 45 8.09 0.40 2.01
C THR A 45 6.78 1.18 1.93
N GLY A 46 6.10 1.31 3.08
CA GLY A 46 4.85 2.03 3.12
C GLY A 46 4.80 3.18 2.13
N GLN A 47 5.92 3.88 2.00
CA GLN A 47 6.00 5.01 1.08
C GLN A 47 5.90 4.55 -0.37
N ASP A 48 6.73 3.59 -0.75
CA ASP A 48 6.73 3.06 -2.11
C ASP A 48 5.40 2.39 -2.42
N LEU A 49 4.87 1.64 -1.44
CA LEU A 49 3.60 0.95 -1.62
C LEU A 49 2.50 1.92 -2.02
N ILE A 50 2.39 3.02 -1.29
CA ILE A 50 1.38 4.03 -1.57
C ILE A 50 1.66 4.73 -2.89
N ASN A 51 2.90 4.65 -3.35
CA ASN A 51 3.29 5.28 -4.61
C ASN A 51 2.99 4.36 -5.79
N LEU A 52 2.19 3.34 -5.55
CA LEU A 52 1.82 2.39 -6.60
C LEU A 52 0.60 2.88 -7.38
N THR A 53 0.65 2.69 -8.69
CA THR A 53 -0.46 3.11 -9.55
C THR A 53 -0.79 2.04 -10.59
N GLN A 54 -1.97 2.15 -11.19
CA GLN A 54 -2.41 1.19 -12.20
C GLN A 54 -1.35 1.03 -13.29
N GLU A 55 -0.62 2.11 -13.56
CA GLU A 55 0.42 2.08 -14.58
C GLU A 55 1.59 1.20 -14.15
N ASP A 56 1.73 1.03 -12.84
CA ASP A 56 2.80 0.21 -12.29
C ASP A 56 2.49 -1.28 -12.43
N PHE A 57 1.26 -1.58 -12.82
CA PHE A 57 0.82 -2.96 -13.00
C PHE A 57 1.10 -3.45 -14.41
N LYS A 58 0.84 -2.59 -15.39
CA LYS A 58 1.07 -2.93 -16.79
C LYS A 58 2.52 -3.38 -17.01
N LYS A 59 3.38 -3.07 -16.06
CA LYS A 59 4.78 -3.44 -16.15
C LYS A 59 5.25 -4.10 -14.86
N PRO A 60 6.40 -4.81 -14.93
CA PRO A 60 6.98 -5.51 -13.78
C PRO A 60 7.52 -4.54 -12.74
N PRO A 61 7.74 -5.04 -11.51
CA PRO A 61 7.46 -6.44 -11.18
C PRO A 61 5.97 -6.75 -11.15
N LEU A 62 5.20 -5.83 -10.59
CA LEU A 62 3.75 -6.00 -10.51
C LEU A 62 3.14 -6.16 -11.90
N TYR A 63 2.85 -7.40 -12.27
CA TYR A 63 2.25 -7.69 -13.57
C TYR A 63 1.36 -8.93 -13.51
N ARG A 64 0.16 -8.81 -14.04
CA ARG A 64 -0.79 -9.93 -14.04
C ARG A 64 -0.95 -10.50 -12.64
N VAL A 65 -0.75 -9.66 -11.62
CA VAL A 65 -0.87 -10.09 -10.24
C VAL A 65 -2.33 -10.38 -9.87
N SER A 66 -3.24 -9.64 -10.50
CA SER A 66 -4.67 -9.82 -10.24
C SER A 66 -5.46 -9.82 -11.54
N SER A 67 -6.61 -10.49 -11.53
CA SER A 67 -7.46 -10.58 -12.70
C SER A 67 -8.11 -9.24 -13.01
N ASP A 68 -8.40 -8.48 -11.95
CA ASP A 68 -9.02 -7.16 -12.10
C ASP A 68 -7.98 -6.09 -12.41
N ASN A 69 -6.96 -6.48 -13.18
CA ASN A 69 -5.89 -5.55 -13.55
C ASN A 69 -5.25 -4.94 -12.31
N GLY A 70 -5.34 -5.65 -11.19
CA GLY A 70 -4.76 -5.16 -9.95
C GLY A 70 -5.60 -4.06 -9.32
N GLN A 71 -6.89 -4.03 -9.64
CA GLN A 71 -7.79 -3.04 -9.10
C GLN A 71 -7.91 -3.18 -7.59
N ARG A 72 -8.05 -4.41 -7.13
CA ARG A 72 -8.19 -4.69 -5.71
C ARG A 72 -7.14 -3.93 -4.90
N LEU A 73 -5.87 -4.32 -5.09
CA LEU A 73 -4.78 -3.68 -4.39
C LEU A 73 -4.89 -2.16 -4.44
N LEU A 74 -5.06 -1.62 -5.64
CA LEU A 74 -5.19 -0.18 -5.83
C LEU A 74 -6.22 0.40 -4.87
N ASP A 75 -7.46 -0.10 -4.95
CA ASP A 75 -8.53 0.37 -4.09
C ASP A 75 -8.16 0.20 -2.62
N MET A 76 -7.27 -0.75 -2.34
CA MET A 76 -6.82 -1.01 -0.98
C MET A 76 -5.77 0.01 -0.55
N ILE A 77 -5.02 0.53 -1.52
CA ILE A 77 -3.98 1.51 -1.24
C ILE A 77 -4.55 2.92 -1.21
N GLU A 78 -5.43 3.22 -2.16
CA GLU A 78 -6.04 4.54 -2.25
C GLU A 78 -6.43 5.04 -0.86
N THR A 79 -7.02 4.17 -0.06
CA THR A 79 -7.45 4.53 1.29
C THR A 79 -6.25 4.84 2.17
N LEU A 80 -5.13 4.19 1.90
CA LEU A 80 -3.90 4.41 2.68
C LEU A 80 -3.37 5.82 2.46
N LYS A 81 -3.74 6.42 1.34
CA LYS A 81 -3.29 7.77 1.01
C LYS A 81 -4.28 8.81 1.55
N MET A 82 -5.53 8.73 1.11
CA MET A 82 -6.56 9.66 1.54
C MET A 82 -6.35 10.06 3.00
N GLU A 83 -5.87 9.12 3.81
CA GLU A 83 -5.62 9.37 5.21
C GLU A 83 -4.45 10.32 5.40
N HIS A 84 -3.34 10.01 4.74
CA HIS A 84 -2.13 10.84 4.83
C HIS A 84 -2.46 12.29 4.50
N HIS A 85 -1.51 13.19 4.78
CA HIS A 85 -1.68 14.61 4.51
C HIS A 85 -1.49 14.90 3.02
N MET A 86 -2.11 14.09 2.18
CA MET A 86 -2.01 14.27 0.73
C MET A 86 -3.21 15.01 0.18
N GLU A 87 -3.07 16.32 -0.02
CA GLU A 87 -4.16 17.13 -0.54
C GLU A 87 -4.02 17.33 -2.05
N ALA A 88 -3.63 16.27 -2.74
CA ALA A 88 -3.46 16.33 -4.19
C ALA A 88 -4.74 15.92 -4.91
N HIS A 89 -5.04 16.62 -6.01
CA HIS A 89 -6.24 16.31 -6.78
C HIS A 89 -6.42 14.81 -6.95
N LYS A 90 -7.65 14.39 -7.24
CA LYS A 90 -7.96 12.99 -7.43
C LYS A 90 -7.83 12.59 -8.90
N ASN A 91 -6.72 11.95 -9.23
CA ASN A 91 -6.47 11.51 -10.61
C ASN A 91 -7.73 10.93 -11.23
N SER A 92 -7.85 11.06 -12.55
CA SER A 92 -9.00 10.55 -13.27
C SER A 92 -8.71 9.18 -13.88
N GLY A 93 -9.65 8.26 -13.72
CA GLY A 93 -9.48 6.92 -14.27
C GLY A 93 -10.71 6.42 -14.98
N PRO A 94 -10.68 5.15 -15.42
CA PRO A 94 -11.79 4.52 -16.13
C PRO A 94 -12.99 4.28 -15.22
N SER A 95 -14.16 4.06 -15.83
CA SER A 95 -15.38 3.82 -15.08
C SER A 95 -15.37 2.42 -14.47
N SER A 96 -16.21 2.21 -13.46
CA SER A 96 -16.31 0.92 -12.79
C SER A 96 -17.75 0.40 -12.80
N GLY A 97 -17.92 -0.83 -13.28
CA GLY A 97 -19.25 -1.41 -13.32
C GLY A 97 -20.17 -0.68 -14.29
N GLY A 1 14.66 -18.38 16.55
CA GLY A 1 14.54 -19.34 17.63
C GLY A 1 14.79 -18.72 18.98
N SER A 2 15.99 -18.92 19.51
CA SER A 2 16.36 -18.38 20.82
C SER A 2 17.18 -17.10 20.66
N SER A 3 16.74 -16.23 19.76
CA SER A 3 17.43 -14.97 19.50
C SER A 3 17.17 -13.97 20.62
N GLY A 4 18.01 -12.96 20.72
CA GLY A 4 17.86 -11.95 21.75
C GLY A 4 16.65 -11.07 21.52
N SER A 5 16.59 -10.44 20.36
CA SER A 5 15.47 -9.56 20.03
C SER A 5 14.50 -10.25 19.07
N SER A 6 13.25 -9.80 19.08
CA SER A 6 12.23 -10.38 18.22
C SER A 6 11.16 -9.34 17.88
N GLY A 7 10.60 -9.45 16.68
CA GLY A 7 9.57 -8.52 16.26
C GLY A 7 10.04 -7.58 15.16
N MET A 8 9.09 -6.99 14.45
CA MET A 8 9.43 -6.06 13.37
C MET A 8 8.85 -4.67 13.64
N LEU A 9 9.62 -3.64 13.30
CA LEU A 9 9.19 -2.26 13.51
C LEU A 9 7.78 -2.05 12.98
N SER A 10 6.80 -2.12 13.87
CA SER A 10 5.40 -1.94 13.49
C SER A 10 4.90 -0.56 13.92
N ALA A 11 3.73 -0.18 13.42
CA ALA A 11 3.15 1.12 13.75
C ALA A 11 1.67 0.97 14.11
N ARG A 12 1.07 2.05 14.59
CA ARG A 12 -0.34 2.04 14.98
C ARG A 12 -1.17 2.88 14.01
N THR A 13 -0.77 4.14 13.83
CA THR A 13 -1.49 5.04 12.94
C THR A 13 -1.02 4.86 11.49
N MET A 14 -1.98 4.80 10.57
CA MET A 14 -1.66 4.64 9.15
C MET A 14 -1.64 5.99 8.44
N LYS A 15 -1.78 7.06 9.21
CA LYS A 15 -1.77 8.41 8.66
C LYS A 15 -0.54 8.62 7.78
N GLU A 16 0.55 7.95 8.13
CA GLU A 16 1.79 8.05 7.37
C GLU A 16 1.95 6.91 6.39
N VAL A 17 1.85 5.68 6.90
CA VAL A 17 1.97 4.50 6.07
C VAL A 17 3.06 4.68 5.01
N VAL A 18 4.01 5.55 5.28
CA VAL A 18 5.11 5.82 4.36
C VAL A 18 6.44 5.38 4.95
N TYR A 19 6.63 5.66 6.24
CA TYR A 19 7.87 5.31 6.92
C TYR A 19 7.84 3.85 7.38
N TRP A 20 6.77 3.15 7.01
CA TRP A 20 6.62 1.75 7.39
C TRP A 20 7.87 0.94 7.01
N SER A 21 7.96 -0.27 7.55
CA SER A 21 9.10 -1.13 7.27
C SER A 21 8.80 -2.08 6.12
N PRO A 22 9.85 -2.72 5.58
CA PRO A 22 9.72 -3.66 4.46
C PRO A 22 9.03 -4.96 4.88
N LYS A 23 8.95 -5.18 6.19
CA LYS A 23 8.31 -6.39 6.72
C LYS A 23 6.87 -6.11 7.11
N LYS A 24 6.55 -4.83 7.30
CA LYS A 24 5.19 -4.43 7.68
C LYS A 24 4.28 -4.41 6.46
N VAL A 25 4.66 -3.66 5.43
CA VAL A 25 3.88 -3.55 4.22
C VAL A 25 3.28 -4.91 3.83
N ALA A 26 4.04 -5.97 4.07
CA ALA A 26 3.59 -7.32 3.76
C ALA A 26 2.39 -7.71 4.61
N ASP A 27 2.56 -7.63 5.93
CA ASP A 27 1.50 -7.98 6.86
C ASP A 27 0.19 -7.30 6.47
N TRP A 28 0.29 -6.09 5.94
CA TRP A 28 -0.89 -5.33 5.52
C TRP A 28 -1.57 -6.00 4.34
N LEU A 29 -0.79 -6.72 3.54
CA LEU A 29 -1.33 -7.40 2.37
C LEU A 29 -2.09 -8.65 2.78
N LEU A 30 -1.48 -9.46 3.63
CA LEU A 30 -2.10 -10.69 4.11
C LEU A 30 -3.32 -10.38 4.97
N GLU A 31 -3.28 -9.25 5.68
CA GLU A 31 -4.38 -8.85 6.55
C GLU A 31 -5.67 -8.69 5.74
N ASN A 32 -5.53 -8.50 4.44
CA ASN A 32 -6.68 -8.35 3.56
C ASN A 32 -6.73 -9.45 2.51
N ALA A 33 -5.94 -10.50 2.73
CA ALA A 33 -5.89 -11.63 1.81
C ALA A 33 -5.25 -11.23 0.48
N MET A 34 -4.10 -10.57 0.56
CA MET A 34 -3.40 -10.14 -0.64
C MET A 34 -1.96 -10.67 -0.65
N PRO A 35 -1.82 -11.98 -0.40
CA PRO A 35 -0.51 -12.63 -0.37
C PRO A 35 0.13 -12.72 -1.75
N GLU A 36 -0.61 -12.29 -2.77
CA GLU A 36 -0.13 -12.33 -4.14
C GLU A 36 0.78 -11.12 -4.42
N TYR A 37 0.55 -10.04 -3.70
CA TYR A 37 1.34 -8.82 -3.87
C TYR A 37 2.54 -8.82 -2.94
N CYS A 38 2.56 -9.75 -2.00
CA CYS A 38 3.66 -9.85 -1.04
C CYS A 38 4.99 -10.04 -1.76
N GLU A 39 4.98 -10.85 -2.81
CA GLU A 39 6.20 -11.10 -3.58
C GLU A 39 6.81 -9.80 -4.08
N PRO A 40 6.04 -9.06 -4.89
CA PRO A 40 6.48 -7.77 -5.45
C PRO A 40 6.59 -6.68 -4.40
N LEU A 41 5.86 -6.85 -3.29
CA LEU A 41 5.87 -5.87 -2.21
C LEU A 41 6.67 -6.40 -1.02
N GLU A 42 7.44 -7.47 -1.25
CA GLU A 42 8.24 -8.06 -0.20
C GLU A 42 9.24 -7.05 0.37
N HIS A 43 9.87 -6.29 -0.52
CA HIS A 43 10.84 -5.29 -0.11
C HIS A 43 10.31 -3.88 -0.34
N PHE A 44 8.98 -3.75 -0.32
CA PHE A 44 8.34 -2.46 -0.54
C PHE A 44 8.07 -1.75 0.80
N THR A 45 8.23 -0.43 0.80
CA THR A 45 8.01 0.35 2.01
C THR A 45 6.73 1.17 1.91
N GLY A 46 6.02 1.29 3.03
CA GLY A 46 4.78 2.05 3.04
C GLY A 46 4.78 3.19 2.04
N GLN A 47 5.90 3.91 1.96
CA GLN A 47 6.03 5.03 1.03
C GLN A 47 5.95 4.56 -0.41
N ASP A 48 6.72 3.53 -0.73
CA ASP A 48 6.73 2.97 -2.08
C ASP A 48 5.40 2.29 -2.40
N LEU A 49 4.81 1.66 -1.39
CA LEU A 49 3.54 0.97 -1.56
C LEU A 49 2.45 1.95 -2.01
N ILE A 50 2.25 3.01 -1.24
CA ILE A 50 1.24 4.01 -1.56
C ILE A 50 1.55 4.69 -2.88
N ASN A 51 2.81 4.61 -3.30
CA ASN A 51 3.23 5.22 -4.56
C ASN A 51 2.89 4.32 -5.75
N LEU A 52 2.16 3.25 -5.48
CA LEU A 52 1.75 2.32 -6.52
C LEU A 52 0.53 2.82 -7.27
N THR A 53 0.58 2.75 -8.59
CA THR A 53 -0.53 3.20 -9.43
C THR A 53 -0.85 2.17 -10.51
N GLN A 54 -1.92 2.43 -11.26
CA GLN A 54 -2.33 1.53 -12.34
C GLN A 54 -1.22 1.37 -13.37
N GLU A 55 -0.40 2.40 -13.52
CA GLU A 55 0.70 2.37 -14.48
C GLU A 55 1.80 1.42 -14.01
N ASP A 56 1.77 1.08 -12.72
CA ASP A 56 2.75 0.18 -12.15
C ASP A 56 2.34 -1.28 -12.35
N PHE A 57 1.07 -1.48 -12.68
CA PHE A 57 0.56 -2.83 -12.88
C PHE A 57 0.87 -3.31 -14.30
N LYS A 58 0.58 -2.48 -15.29
CA LYS A 58 0.84 -2.83 -16.68
C LYS A 58 2.25 -3.39 -16.85
N LYS A 59 3.15 -3.00 -15.95
CA LYS A 59 4.53 -3.46 -16.01
C LYS A 59 4.93 -4.14 -14.70
N PRO A 60 6.02 -4.91 -14.73
CA PRO A 60 6.53 -5.62 -13.56
C PRO A 60 7.12 -4.68 -12.52
N PRO A 61 7.34 -5.19 -11.30
CA PRO A 61 7.03 -6.59 -10.97
C PRO A 61 5.54 -6.86 -10.92
N LEU A 62 4.78 -5.87 -10.50
CA LEU A 62 3.33 -5.99 -10.41
C LEU A 62 2.70 -6.13 -11.79
N TYR A 63 2.37 -7.36 -12.17
CA TYR A 63 1.76 -7.62 -13.48
C TYR A 63 0.87 -8.86 -13.41
N ARG A 64 -0.37 -8.71 -13.89
CA ARG A 64 -1.32 -9.82 -13.89
C ARG A 64 -1.34 -10.51 -12.53
N VAL A 65 -0.98 -9.78 -11.49
CA VAL A 65 -0.97 -10.33 -10.13
C VAL A 65 -2.32 -10.93 -9.77
N SER A 66 -3.38 -10.25 -10.16
CA SER A 66 -4.74 -10.71 -9.88
C SER A 66 -5.61 -10.66 -11.13
N SER A 67 -6.85 -11.11 -11.00
CA SER A 67 -7.79 -11.11 -12.11
C SER A 67 -8.73 -9.92 -12.04
N ASP A 68 -8.27 -8.84 -11.42
CA ASP A 68 -9.07 -7.64 -11.28
C ASP A 68 -8.36 -6.43 -11.90
N ASN A 69 -7.41 -6.71 -12.79
CA ASN A 69 -6.65 -5.66 -13.45
C ASN A 69 -5.97 -4.75 -12.43
N GLY A 70 -5.43 -5.36 -11.38
CA GLY A 70 -4.75 -4.60 -10.35
C GLY A 70 -5.66 -3.61 -9.67
N GLN A 71 -6.93 -3.97 -9.52
CA GLN A 71 -7.91 -3.10 -8.88
C GLN A 71 -7.90 -3.29 -7.37
N ARG A 72 -8.24 -4.49 -6.93
CA ARG A 72 -8.28 -4.80 -5.50
C ARG A 72 -7.18 -4.05 -4.76
N LEU A 73 -5.94 -4.26 -5.17
CA LEU A 73 -4.79 -3.62 -4.54
C LEU A 73 -4.94 -2.10 -4.60
N LEU A 74 -4.94 -1.55 -5.81
CA LEU A 74 -5.07 -0.11 -6.00
C LEU A 74 -6.09 0.47 -5.03
N ASP A 75 -7.24 -0.19 -4.91
CA ASP A 75 -8.30 0.25 -4.02
C ASP A 75 -7.84 0.21 -2.56
N MET A 76 -7.22 -0.90 -2.18
CA MET A 76 -6.73 -1.08 -0.82
C MET A 76 -5.70 -0.02 -0.47
N ILE A 77 -4.95 0.42 -1.47
CA ILE A 77 -3.93 1.45 -1.27
C ILE A 77 -4.53 2.85 -1.31
N GLU A 78 -5.49 3.04 -2.21
CA GLU A 78 -6.14 4.33 -2.35
C GLU A 78 -6.63 4.85 -0.99
N THR A 79 -6.97 3.92 -0.11
CA THR A 79 -7.47 4.28 1.22
C THR A 79 -6.31 4.65 2.14
N LEU A 80 -5.11 4.19 1.80
CA LEU A 80 -3.93 4.49 2.60
C LEU A 80 -3.46 5.93 2.38
N LYS A 81 -3.69 6.43 1.18
CA LYS A 81 -3.29 7.80 0.84
C LYS A 81 -4.28 8.81 1.41
N MET A 82 -5.55 8.67 1.02
CA MET A 82 -6.59 9.57 1.50
C MET A 82 -6.31 10.02 2.93
N GLU A 83 -5.72 9.12 3.72
CA GLU A 83 -5.41 9.41 5.11
C GLU A 83 -4.30 10.46 5.21
N HIS A 84 -3.15 10.16 4.61
CA HIS A 84 -2.02 11.07 4.62
C HIS A 84 -2.35 12.36 3.89
N HIS A 85 -1.66 13.44 4.26
CA HIS A 85 -1.89 14.74 3.63
C HIS A 85 -1.31 14.78 2.23
N MET A 86 -2.16 14.48 1.24
CA MET A 86 -1.73 14.47 -0.16
C MET A 86 -2.71 15.25 -1.03
N GLU A 87 -2.19 15.87 -2.08
CA GLU A 87 -3.02 16.65 -2.99
C GLU A 87 -2.85 16.17 -4.43
N ALA A 88 -3.91 15.60 -4.99
CA ALA A 88 -3.88 15.11 -6.36
C ALA A 88 -5.25 15.18 -7.00
N HIS A 89 -5.31 14.93 -8.31
CA HIS A 89 -6.57 14.97 -9.04
C HIS A 89 -6.63 13.86 -10.09
N LYS A 90 -7.43 12.84 -9.82
CA LYS A 90 -7.56 11.71 -10.74
C LYS A 90 -8.87 11.81 -11.53
N ASN A 91 -8.75 11.89 -12.85
CA ASN A 91 -9.92 11.99 -13.71
C ASN A 91 -10.98 10.95 -13.32
N SER A 92 -12.01 11.41 -12.62
CA SER A 92 -13.08 10.52 -12.18
C SER A 92 -14.20 11.31 -11.50
N GLY A 93 -15.32 10.65 -11.23
CA GLY A 93 -16.44 11.30 -10.59
C GLY A 93 -17.73 10.54 -10.78
N PRO A 94 -18.52 10.94 -11.78
CA PRO A 94 -19.81 10.30 -12.08
C PRO A 94 -19.64 8.89 -12.64
N SER A 95 -18.56 8.69 -13.41
CA SER A 95 -18.29 7.38 -13.99
C SER A 95 -18.32 6.29 -12.94
N SER A 96 -18.32 5.03 -13.40
CA SER A 96 -18.35 3.89 -12.50
C SER A 96 -17.19 3.94 -11.52
N GLY A 97 -15.98 4.05 -12.05
CA GLY A 97 -14.79 4.10 -11.21
C GLY A 97 -13.82 2.99 -11.52
N GLY A 1 23.98 -12.05 19.20
CA GLY A 1 23.42 -10.74 19.48
C GLY A 1 21.92 -10.70 19.30
N SER A 2 21.46 -9.82 18.42
CA SER A 2 20.04 -9.68 18.14
C SER A 2 19.36 -11.05 18.06
N SER A 3 18.29 -11.23 18.84
CA SER A 3 17.56 -12.49 18.86
C SER A 3 16.32 -12.40 17.98
N GLY A 4 15.44 -11.45 18.30
CA GLY A 4 14.22 -11.28 17.53
C GLY A 4 13.03 -11.95 18.19
N SER A 5 12.13 -11.15 18.74
CA SER A 5 10.95 -11.67 19.41
C SER A 5 9.67 -11.22 18.69
N SER A 6 8.92 -12.19 18.18
CA SER A 6 7.69 -11.90 17.46
C SER A 6 6.85 -10.87 18.21
N GLY A 7 6.46 -9.81 17.51
CA GLY A 7 5.65 -8.77 18.13
C GLY A 7 6.12 -7.38 17.74
N MET A 8 6.74 -6.68 18.68
CA MET A 8 7.23 -5.34 18.44
C MET A 8 6.30 -4.58 17.50
N LEU A 9 4.99 -4.68 17.77
CA LEU A 9 4.00 -4.01 16.94
C LEU A 9 4.05 -2.49 17.16
N SER A 10 4.82 -1.82 16.32
CA SER A 10 4.97 -0.37 16.42
C SER A 10 4.07 0.34 15.40
N ALA A 11 4.04 -0.20 14.19
CA ALA A 11 3.21 0.37 13.13
C ALA A 11 1.76 -0.07 13.26
N ARG A 12 0.97 0.72 13.96
CA ARG A 12 -0.44 0.41 14.16
C ARG A 12 -1.33 1.31 13.31
N THR A 13 -1.05 2.61 13.35
CA THR A 13 -1.82 3.58 12.58
C THR A 13 -1.44 3.56 11.11
N MET A 14 -2.28 4.15 10.27
CA MET A 14 -2.02 4.20 8.83
C MET A 14 -2.03 5.63 8.33
N LYS A 15 -1.84 6.57 9.24
CA LYS A 15 -1.81 7.99 8.88
C LYS A 15 -0.59 8.33 8.05
N GLU A 16 0.47 7.54 8.22
CA GLU A 16 1.72 7.75 7.48
C GLU A 16 1.91 6.67 6.43
N VAL A 17 1.87 5.41 6.86
CA VAL A 17 2.05 4.29 5.96
C VAL A 17 3.14 4.57 4.94
N VAL A 18 4.07 5.45 5.29
CA VAL A 18 5.17 5.81 4.41
C VAL A 18 6.51 5.42 5.03
N TYR A 19 6.64 5.62 6.33
CA TYR A 19 7.87 5.31 7.04
C TYR A 19 7.86 3.85 7.52
N TRP A 20 6.83 3.12 7.13
CA TRP A 20 6.70 1.72 7.53
C TRP A 20 7.96 0.94 7.16
N SER A 21 7.98 -0.34 7.52
CA SER A 21 9.13 -1.20 7.25
C SER A 21 8.82 -2.15 6.11
N PRO A 22 9.88 -2.79 5.56
CA PRO A 22 9.75 -3.75 4.46
C PRO A 22 9.07 -5.04 4.89
N LYS A 23 8.97 -5.25 6.19
CA LYS A 23 8.34 -6.45 6.74
C LYS A 23 6.88 -6.17 7.10
N LYS A 24 6.57 -4.90 7.36
CA LYS A 24 5.21 -4.51 7.72
C LYS A 24 4.31 -4.45 6.50
N VAL A 25 4.75 -3.71 5.48
CA VAL A 25 3.99 -3.58 4.25
C VAL A 25 3.35 -4.90 3.85
N ALA A 26 4.05 -6.00 4.11
CA ALA A 26 3.57 -7.33 3.79
C ALA A 26 2.38 -7.71 4.68
N ASP A 27 2.61 -7.72 5.98
CA ASP A 27 1.56 -8.06 6.94
C ASP A 27 0.24 -7.38 6.57
N TRP A 28 0.34 -6.19 6.00
CA TRP A 28 -0.84 -5.43 5.60
C TRP A 28 -1.55 -6.10 4.42
N LEU A 29 -0.76 -6.68 3.52
CA LEU A 29 -1.31 -7.35 2.35
C LEU A 29 -2.13 -8.57 2.76
N LEU A 30 -1.48 -9.54 3.40
CA LEU A 30 -2.15 -10.76 3.84
C LEU A 30 -3.36 -10.42 4.72
N GLU A 31 -3.25 -9.33 5.46
CA GLU A 31 -4.35 -8.89 6.34
C GLU A 31 -5.63 -8.68 5.53
N ASN A 32 -5.49 -8.49 4.23
CA ASN A 32 -6.63 -8.28 3.36
C ASN A 32 -6.70 -9.35 2.27
N ALA A 33 -5.92 -10.41 2.45
CA ALA A 33 -5.89 -11.51 1.48
C ALA A 33 -5.21 -11.08 0.19
N MET A 34 -4.03 -10.46 0.31
CA MET A 34 -3.29 -10.01 -0.84
C MET A 34 -1.86 -10.56 -0.83
N PRO A 35 -1.75 -11.88 -0.58
CA PRO A 35 -0.46 -12.56 -0.53
C PRO A 35 0.19 -12.66 -1.91
N GLU A 36 -0.52 -12.20 -2.93
CA GLU A 36 0.00 -12.25 -4.30
C GLU A 36 0.92 -11.06 -4.56
N TYR A 37 0.71 -9.97 -3.83
CA TYR A 37 1.52 -8.78 -4.00
C TYR A 37 2.70 -8.78 -3.04
N CYS A 38 2.69 -9.72 -2.10
CA CYS A 38 3.76 -9.83 -1.12
C CYS A 38 5.11 -10.04 -1.80
N GLU A 39 5.10 -10.85 -2.86
CA GLU A 39 6.32 -11.14 -3.61
C GLU A 39 6.95 -9.85 -4.14
N PRO A 40 6.18 -9.13 -4.98
CA PRO A 40 6.64 -7.87 -5.58
C PRO A 40 6.75 -6.75 -4.55
N LEU A 41 6.12 -6.95 -3.40
CA LEU A 41 6.14 -5.94 -2.33
C LEU A 41 6.99 -6.43 -1.16
N GLU A 42 7.76 -7.49 -1.38
CA GLU A 42 8.61 -8.05 -0.34
C GLU A 42 9.57 -6.99 0.20
N HIS A 43 10.18 -6.23 -0.70
CA HIS A 43 11.12 -5.18 -0.32
C HIS A 43 10.50 -3.81 -0.53
N PHE A 44 9.18 -3.72 -0.40
CA PHE A 44 8.48 -2.46 -0.58
C PHE A 44 8.20 -1.80 0.77
N THR A 45 8.33 -0.47 0.81
CA THR A 45 8.09 0.27 2.04
C THR A 45 6.79 1.05 1.96
N GLY A 46 6.14 1.22 3.12
CA GLY A 46 4.88 1.95 3.15
C GLY A 46 4.81 3.06 2.13
N GLN A 47 5.90 3.82 2.00
CA GLN A 47 5.96 4.91 1.05
C GLN A 47 5.86 4.40 -0.38
N ASP A 48 6.72 3.44 -0.72
CA ASP A 48 6.73 2.87 -2.07
C ASP A 48 5.39 2.22 -2.39
N LEU A 49 4.82 1.53 -1.40
CA LEU A 49 3.54 0.85 -1.56
C LEU A 49 2.46 1.85 -1.96
N ILE A 50 2.36 2.94 -1.20
CA ILE A 50 1.37 3.97 -1.48
C ILE A 50 1.64 4.67 -2.80
N ASN A 51 2.87 4.54 -3.29
CA ASN A 51 3.28 5.16 -4.55
C ASN A 51 2.89 4.27 -5.74
N LEU A 52 2.13 3.22 -5.45
CA LEU A 52 1.69 2.30 -6.49
C LEU A 52 0.50 2.87 -7.26
N THR A 53 0.55 2.76 -8.59
CA THR A 53 -0.52 3.27 -9.43
C THR A 53 -0.88 2.26 -10.52
N GLN A 54 -2.10 2.37 -11.04
CA GLN A 54 -2.55 1.47 -12.10
C GLN A 54 -1.48 1.26 -13.15
N GLU A 55 -0.73 2.33 -13.44
CA GLU A 55 0.35 2.26 -14.43
C GLU A 55 1.44 1.28 -13.98
N ASP A 56 1.74 1.30 -12.69
CA ASP A 56 2.77 0.41 -12.14
C ASP A 56 2.41 -1.05 -12.38
N PHE A 57 1.12 -1.31 -12.61
CA PHE A 57 0.66 -2.66 -12.85
C PHE A 57 0.91 -3.08 -14.30
N LYS A 58 1.00 -2.09 -15.18
CA LYS A 58 1.24 -2.36 -16.59
C LYS A 58 2.65 -2.90 -16.81
N LYS A 59 3.52 -2.67 -15.84
CA LYS A 59 4.91 -3.13 -15.92
C LYS A 59 5.30 -3.90 -14.67
N PRO A 60 6.39 -4.68 -14.76
CA PRO A 60 6.90 -5.47 -13.64
C PRO A 60 7.48 -4.60 -12.53
N PRO A 61 7.64 -5.19 -11.34
CA PRO A 61 7.27 -6.59 -11.08
C PRO A 61 5.76 -6.80 -11.10
N LEU A 62 5.03 -5.84 -10.54
CA LEU A 62 3.57 -5.92 -10.49
C LEU A 62 2.98 -5.99 -11.89
N TYR A 63 2.61 -7.21 -12.30
CA TYR A 63 2.04 -7.42 -13.62
C TYR A 63 1.12 -8.64 -13.63
N ARG A 64 -0.14 -8.42 -13.94
CA ARG A 64 -1.12 -9.50 -13.98
C ARG A 64 -1.11 -10.30 -12.68
N VAL A 65 -0.77 -9.62 -11.58
CA VAL A 65 -0.72 -10.26 -10.27
C VAL A 65 -2.10 -10.71 -9.83
N SER A 66 -3.13 -9.94 -10.20
CA SER A 66 -4.50 -10.26 -9.84
C SER A 66 -5.40 -10.22 -11.06
N SER A 67 -6.48 -10.99 -11.02
CA SER A 67 -7.43 -11.06 -12.13
C SER A 67 -8.29 -9.79 -12.17
N ASP A 68 -8.16 -8.96 -11.15
CA ASP A 68 -8.93 -7.72 -11.07
C ASP A 68 -8.14 -6.55 -11.66
N ASN A 69 -7.35 -6.84 -12.69
CA ASN A 69 -6.54 -5.82 -13.35
C ASN A 69 -5.83 -4.96 -12.32
N GLY A 70 -5.39 -5.57 -11.22
CA GLY A 70 -4.70 -4.84 -10.19
C GLY A 70 -5.56 -3.77 -9.56
N GLN A 71 -6.86 -4.02 -9.49
CA GLN A 71 -7.80 -3.06 -8.91
C GLN A 71 -7.90 -3.25 -7.40
N ARG A 72 -8.05 -4.49 -6.97
CA ARG A 72 -8.17 -4.79 -5.54
C ARG A 72 -7.10 -4.06 -4.75
N LEU A 73 -5.84 -4.21 -5.16
CA LEU A 73 -4.73 -3.56 -4.48
C LEU A 73 -4.87 -2.05 -4.54
N LEU A 74 -4.98 -1.51 -5.75
CA LEU A 74 -5.11 -0.07 -5.94
C LEU A 74 -6.16 0.50 -4.99
N ASP A 75 -7.25 -0.23 -4.80
CA ASP A 75 -8.32 0.20 -3.91
C ASP A 75 -7.88 0.15 -2.45
N MET A 76 -7.15 -0.90 -2.10
CA MET A 76 -6.66 -1.07 -0.74
C MET A 76 -5.64 0.00 -0.39
N ILE A 77 -4.91 0.48 -1.41
CA ILE A 77 -3.90 1.50 -1.21
C ILE A 77 -4.50 2.90 -1.28
N GLU A 78 -5.40 3.09 -2.24
CA GLU A 78 -6.06 4.38 -2.41
C GLU A 78 -6.46 4.97 -1.06
N THR A 79 -6.98 4.12 -0.19
CA THR A 79 -7.42 4.55 1.14
C THR A 79 -6.22 4.92 2.01
N LEU A 80 -5.10 4.26 1.78
CA LEU A 80 -3.87 4.52 2.54
C LEU A 80 -3.38 5.95 2.31
N LYS A 81 -3.68 6.48 1.14
CA LYS A 81 -3.26 7.83 0.79
C LYS A 81 -4.30 8.85 1.24
N MET A 82 -5.53 8.69 0.77
CA MET A 82 -6.61 9.60 1.13
C MET A 82 -6.51 10.02 2.59
N GLU A 83 -5.92 9.15 3.42
CA GLU A 83 -5.76 9.44 4.84
C GLU A 83 -4.56 10.35 5.08
N HIS A 84 -3.45 10.07 4.38
CA HIS A 84 -2.24 10.86 4.52
C HIS A 84 -2.43 12.25 3.91
N HIS A 85 -1.46 13.13 4.16
CA HIS A 85 -1.53 14.49 3.64
C HIS A 85 -1.30 14.51 2.14
N MET A 86 -2.33 14.15 1.38
CA MET A 86 -2.25 14.13 -0.08
C MET A 86 -3.33 15.00 -0.70
N GLU A 87 -2.94 15.83 -1.66
CA GLU A 87 -3.88 16.71 -2.34
C GLU A 87 -3.87 16.45 -3.85
N ALA A 88 -2.76 15.94 -4.35
CA ALA A 88 -2.63 15.65 -5.78
C ALA A 88 -3.68 14.64 -6.23
N HIS A 89 -4.58 15.08 -7.10
CA HIS A 89 -5.63 14.21 -7.61
C HIS A 89 -5.08 13.22 -8.63
N LYS A 90 -5.11 11.94 -8.27
CA LYS A 90 -4.61 10.89 -9.14
C LYS A 90 -5.37 10.88 -10.47
N ASN A 91 -6.69 10.93 -10.39
CA ASN A 91 -7.54 10.93 -11.58
C ASN A 91 -8.63 11.98 -11.48
N SER A 92 -9.16 12.39 -12.64
CA SER A 92 -10.22 13.40 -12.67
C SER A 92 -11.29 13.09 -11.64
N GLY A 93 -11.82 14.14 -11.01
CA GLY A 93 -12.86 13.97 -10.01
C GLY A 93 -12.46 14.53 -8.66
N PRO A 94 -13.24 15.50 -8.17
CA PRO A 94 -12.99 16.13 -6.87
C PRO A 94 -13.24 15.19 -5.69
N SER A 95 -12.19 14.90 -4.94
CA SER A 95 -12.29 14.01 -3.80
C SER A 95 -12.43 14.80 -2.50
N SER A 96 -13.10 14.22 -1.52
CA SER A 96 -13.31 14.87 -0.23
C SER A 96 -12.24 14.46 0.76
N GLY A 97 -12.20 13.16 1.07
CA GLY A 97 -11.21 12.65 2.01
C GLY A 97 -10.74 11.26 1.67
N GLY A 1 26.38 6.13 18.88
CA GLY A 1 26.40 4.81 19.49
C GLY A 1 25.01 4.27 19.76
N SER A 2 24.05 4.64 18.90
CA SER A 2 22.67 4.20 19.06
C SER A 2 21.97 4.13 17.70
N SER A 3 21.62 2.92 17.28
CA SER A 3 20.94 2.73 16.01
C SER A 3 19.89 3.82 15.78
N GLY A 4 19.10 4.10 16.81
CA GLY A 4 18.08 5.11 16.69
C GLY A 4 16.80 4.74 17.42
N SER A 5 16.34 3.51 17.21
CA SER A 5 15.12 3.03 17.85
C SER A 5 14.94 1.53 17.62
N SER A 6 14.45 0.83 18.64
CA SER A 6 14.23 -0.60 18.55
C SER A 6 13.15 -0.92 17.53
N GLY A 7 11.96 -0.38 17.74
CA GLY A 7 10.85 -0.62 16.83
C GLY A 7 9.80 -1.54 17.42
N MET A 8 8.76 -1.83 16.64
CA MET A 8 7.69 -2.70 17.10
C MET A 8 7.31 -3.71 16.01
N LEU A 9 6.61 -4.76 16.42
CA LEU A 9 6.18 -5.80 15.47
C LEU A 9 5.23 -5.22 14.43
N SER A 10 4.18 -4.56 14.89
CA SER A 10 3.19 -3.98 14.00
C SER A 10 2.98 -2.50 14.32
N ALA A 11 2.26 -1.81 13.45
CA ALA A 11 1.99 -0.39 13.64
C ALA A 11 0.62 -0.18 14.30
N ARG A 12 0.27 1.08 14.54
CA ARG A 12 -1.00 1.41 15.17
C ARG A 12 -1.82 2.35 14.28
N THR A 13 -1.13 3.26 13.61
CA THR A 13 -1.79 4.22 12.73
C THR A 13 -1.31 4.07 11.29
N MET A 14 -2.17 4.43 10.34
CA MET A 14 -1.83 4.34 8.93
C MET A 14 -1.91 5.71 8.25
N LYS A 15 -1.99 6.76 9.06
CA LYS A 15 -2.08 8.12 8.55
C LYS A 15 -0.85 8.45 7.70
N GLU A 16 0.22 7.68 7.88
CA GLU A 16 1.45 7.90 7.13
C GLU A 16 1.69 6.76 6.16
N VAL A 17 1.70 5.53 6.67
CA VAL A 17 1.93 4.35 5.85
C VAL A 17 3.05 4.59 4.84
N VAL A 18 3.95 5.50 5.17
CA VAL A 18 5.07 5.83 4.29
C VAL A 18 6.40 5.47 4.95
N TYR A 19 6.50 5.75 6.25
CA TYR A 19 7.72 5.46 7.00
C TYR A 19 7.73 4.03 7.49
N TRP A 20 6.72 3.26 7.10
CA TRP A 20 6.61 1.86 7.50
C TRP A 20 7.89 1.10 7.18
N SER A 21 7.90 -0.19 7.48
CA SER A 21 9.06 -1.02 7.22
C SER A 21 8.78 -2.03 6.10
N PRO A 22 9.84 -2.66 5.58
CA PRO A 22 9.73 -3.65 4.51
C PRO A 22 9.07 -4.94 4.98
N LYS A 23 8.95 -5.11 6.29
CA LYS A 23 8.34 -6.29 6.87
C LYS A 23 6.88 -6.03 7.22
N LYS A 24 6.53 -4.76 7.43
CA LYS A 24 5.18 -4.37 7.77
C LYS A 24 4.30 -4.35 6.53
N VAL A 25 4.74 -3.62 5.52
CA VAL A 25 3.99 -3.51 4.26
C VAL A 25 3.36 -4.84 3.89
N ALA A 26 4.10 -5.93 4.11
CA ALA A 26 3.60 -7.26 3.80
C ALA A 26 2.41 -7.63 4.67
N ASP A 27 2.63 -7.63 5.99
CA ASP A 27 1.57 -7.96 6.94
C ASP A 27 0.26 -7.30 6.55
N TRP A 28 0.34 -6.07 6.04
CA TRP A 28 -0.84 -5.33 5.62
C TRP A 28 -1.53 -6.02 4.46
N LEU A 29 -0.74 -6.61 3.57
CA LEU A 29 -1.28 -7.30 2.41
C LEU A 29 -2.09 -8.53 2.83
N LEU A 30 -1.42 -9.50 3.44
CA LEU A 30 -2.06 -10.72 3.90
C LEU A 30 -3.28 -10.39 4.77
N GLU A 31 -3.19 -9.30 5.53
CA GLU A 31 -4.28 -8.88 6.39
C GLU A 31 -5.57 -8.70 5.60
N ASN A 32 -5.44 -8.41 4.31
CA ASN A 32 -6.59 -8.22 3.45
C ASN A 32 -6.66 -9.30 2.38
N ALA A 33 -5.87 -10.36 2.57
CA ALA A 33 -5.85 -11.47 1.62
C ALA A 33 -5.18 -11.07 0.31
N MET A 34 -4.03 -10.41 0.41
CA MET A 34 -3.29 -9.96 -0.76
C MET A 34 -1.87 -10.52 -0.76
N PRO A 35 -1.75 -11.83 -0.51
CA PRO A 35 -0.44 -12.50 -0.46
C PRO A 35 0.20 -12.60 -1.85
N GLU A 36 -0.53 -12.17 -2.87
CA GLU A 36 -0.03 -12.21 -4.24
C GLU A 36 0.87 -11.01 -4.53
N TYR A 37 0.67 -9.93 -3.78
CA TYR A 37 1.45 -8.72 -3.94
C TYR A 37 2.63 -8.68 -2.97
N CYS A 38 2.63 -9.60 -2.02
CA CYS A 38 3.69 -9.69 -1.03
C CYS A 38 5.04 -9.91 -1.71
N GLU A 39 5.05 -10.74 -2.74
CA GLU A 39 6.28 -11.04 -3.47
C GLU A 39 6.91 -9.76 -4.01
N PRO A 40 6.15 -9.05 -4.86
CA PRO A 40 6.62 -7.81 -5.48
C PRO A 40 6.72 -6.66 -4.47
N LEU A 41 6.04 -6.81 -3.34
CA LEU A 41 6.06 -5.79 -2.29
C LEU A 41 6.93 -6.25 -1.11
N GLU A 42 7.65 -7.34 -1.31
CA GLU A 42 8.52 -7.87 -0.26
C GLU A 42 9.48 -6.80 0.24
N HIS A 43 10.21 -6.18 -0.68
CA HIS A 43 11.17 -5.14 -0.34
C HIS A 43 10.56 -3.75 -0.55
N PHE A 44 9.24 -3.67 -0.42
CA PHE A 44 8.53 -2.40 -0.61
C PHE A 44 8.28 -1.73 0.74
N THR A 45 8.28 -0.40 0.73
CA THR A 45 8.06 0.37 1.95
C THR A 45 6.74 1.14 1.88
N GLY A 46 6.09 1.30 3.02
CA GLY A 46 4.83 2.01 3.07
C GLY A 46 4.78 3.15 2.07
N GLN A 47 5.89 3.85 1.90
CA GLN A 47 5.98 4.96 0.97
C GLN A 47 5.86 4.47 -0.47
N ASP A 48 6.70 3.50 -0.83
CA ASP A 48 6.69 2.94 -2.18
C ASP A 48 5.36 2.26 -2.49
N LEU A 49 4.79 1.62 -1.47
CA LEU A 49 3.52 0.93 -1.63
C LEU A 49 2.41 1.90 -2.04
N ILE A 50 2.34 3.04 -1.34
CA ILE A 50 1.34 4.05 -1.64
C ILE A 50 1.60 4.71 -2.99
N ASN A 51 2.86 4.67 -3.42
CA ASN A 51 3.24 5.26 -4.70
C ASN A 51 2.93 4.32 -5.86
N LEU A 52 2.11 3.32 -5.59
CA LEU A 52 1.73 2.34 -6.61
C LEU A 52 0.51 2.82 -7.39
N THR A 53 0.57 2.70 -8.71
CA THR A 53 -0.53 3.13 -9.58
C THR A 53 -0.81 2.07 -10.64
N GLN A 54 -2.03 2.10 -11.17
CA GLN A 54 -2.43 1.15 -12.20
C GLN A 54 -1.38 1.04 -13.29
N GLU A 55 -0.59 2.10 -13.45
CA GLU A 55 0.46 2.12 -14.45
C GLU A 55 1.61 1.20 -14.06
N ASP A 56 1.91 1.16 -12.77
CA ASP A 56 2.98 0.31 -12.25
C ASP A 56 2.68 -1.17 -12.49
N PHE A 57 1.41 -1.47 -12.73
CA PHE A 57 0.98 -2.84 -12.98
C PHE A 57 1.37 -3.30 -14.38
N LYS A 58 1.34 -2.37 -15.32
CA LYS A 58 1.70 -2.66 -16.71
C LYS A 58 3.12 -3.20 -16.81
N LYS A 59 3.93 -2.90 -15.80
CA LYS A 59 5.31 -3.36 -15.77
C LYS A 59 5.63 -4.05 -14.45
N PRO A 60 6.73 -4.81 -14.43
CA PRO A 60 7.17 -5.54 -13.24
C PRO A 60 7.69 -4.61 -12.15
N PRO A 61 7.82 -5.14 -10.92
CA PRO A 61 7.50 -6.55 -10.63
C PRO A 61 6.00 -6.82 -10.70
N LEU A 62 5.20 -5.84 -10.28
CA LEU A 62 3.75 -5.96 -10.29
C LEU A 62 3.22 -6.10 -11.71
N TYR A 63 2.91 -7.33 -12.10
CA TYR A 63 2.39 -7.59 -13.44
C TYR A 63 1.47 -8.81 -13.43
N ARG A 64 0.21 -8.59 -13.80
CA ARG A 64 -0.77 -9.67 -13.84
C ARG A 64 -0.85 -10.39 -12.50
N VAL A 65 -0.70 -9.63 -11.41
CA VAL A 65 -0.75 -10.20 -10.08
C VAL A 65 -2.16 -10.58 -9.69
N SER A 66 -3.13 -9.76 -10.08
CA SER A 66 -4.53 -10.00 -9.77
C SER A 66 -5.35 -10.17 -11.06
N SER A 67 -6.57 -10.66 -10.90
CA SER A 67 -7.46 -10.86 -12.05
C SER A 67 -8.33 -9.64 -12.29
N ASP A 68 -8.12 -8.60 -11.48
CA ASP A 68 -8.90 -7.37 -11.61
C ASP A 68 -8.06 -6.27 -12.26
N ASN A 69 -7.04 -6.67 -13.00
CA ASN A 69 -6.17 -5.71 -13.68
C ASN A 69 -5.48 -4.80 -12.68
N GLY A 70 -5.28 -5.30 -11.46
CA GLY A 70 -4.63 -4.51 -10.43
C GLY A 70 -5.57 -3.48 -9.81
N GLN A 71 -6.84 -3.84 -9.69
CA GLN A 71 -7.83 -2.94 -9.12
C GLN A 71 -7.92 -3.11 -7.60
N ARG A 72 -8.32 -4.30 -7.17
CA ARG A 72 -8.45 -4.59 -5.75
C ARG A 72 -7.35 -3.90 -4.95
N LEU A 73 -6.10 -4.22 -5.27
CA LEU A 73 -4.97 -3.62 -4.58
C LEU A 73 -5.05 -2.09 -4.60
N LEU A 74 -5.11 -1.52 -5.80
CA LEU A 74 -5.20 -0.07 -5.95
C LEU A 74 -6.23 0.52 -5.00
N ASP A 75 -7.35 -0.18 -4.84
CA ASP A 75 -8.41 0.27 -3.95
C ASP A 75 -7.97 0.20 -2.49
N MET A 76 -7.24 -0.86 -2.14
CA MET A 76 -6.76 -1.05 -0.79
C MET A 76 -5.74 0.03 -0.41
N ILE A 77 -4.96 0.46 -1.40
CA ILE A 77 -3.95 1.48 -1.17
C ILE A 77 -4.57 2.88 -1.19
N GLU A 78 -5.50 3.09 -2.12
CA GLU A 78 -6.17 4.38 -2.24
C GLU A 78 -6.58 4.90 -0.86
N THR A 79 -7.12 4.02 -0.03
CA THR A 79 -7.56 4.40 1.31
C THR A 79 -6.37 4.78 2.19
N LEU A 80 -5.22 4.20 1.89
CA LEU A 80 -4.00 4.47 2.65
C LEU A 80 -3.50 5.89 2.39
N LYS A 81 -3.70 6.36 1.17
CA LYS A 81 -3.28 7.71 0.79
C LYS A 81 -4.19 8.76 1.42
N MET A 82 -5.46 8.74 1.04
CA MET A 82 -6.44 9.69 1.56
C MET A 82 -6.16 9.99 3.03
N GLU A 83 -5.78 8.97 3.78
CA GLU A 83 -5.47 9.13 5.20
C GLU A 83 -4.33 10.11 5.41
N HIS A 84 -3.28 9.97 4.61
CA HIS A 84 -2.12 10.85 4.70
C HIS A 84 -2.43 12.22 4.12
N HIS A 85 -1.54 13.19 4.38
CA HIS A 85 -1.72 14.54 3.89
C HIS A 85 -1.23 14.66 2.44
N MET A 86 -2.02 14.15 1.51
CA MET A 86 -1.67 14.21 0.10
C MET A 86 -2.31 15.42 -0.57
N GLU A 87 -1.81 15.77 -1.75
CA GLU A 87 -2.33 16.91 -2.50
C GLU A 87 -2.52 18.11 -1.58
N ALA A 88 -1.56 18.32 -0.69
CA ALA A 88 -1.62 19.44 0.24
C ALA A 88 -0.40 20.35 0.09
N HIS A 89 -0.45 21.51 0.74
CA HIS A 89 0.65 22.47 0.68
C HIS A 89 1.98 21.79 0.95
N LYS A 90 2.88 21.83 -0.02
CA LYS A 90 4.20 21.22 0.11
C LYS A 90 5.28 22.14 -0.45
N ASN A 91 6.28 22.43 0.37
CA ASN A 91 7.38 23.29 -0.03
C ASN A 91 8.22 22.62 -1.12
N SER A 92 7.97 22.99 -2.37
CA SER A 92 8.70 22.42 -3.49
C SER A 92 10.21 22.55 -3.28
N GLY A 93 10.90 21.41 -3.29
CA GLY A 93 12.34 21.41 -3.10
C GLY A 93 12.94 20.03 -3.20
N PRO A 94 12.88 19.43 -4.40
CA PRO A 94 13.42 18.09 -4.64
C PRO A 94 14.94 18.05 -4.58
N SER A 95 15.56 19.22 -4.68
CA SER A 95 17.02 19.33 -4.64
C SER A 95 17.48 19.89 -3.31
N SER A 96 18.77 19.77 -3.04
CA SER A 96 19.35 20.27 -1.80
C SER A 96 20.80 20.71 -2.00
N GLY A 97 21.40 21.26 -0.95
CA GLY A 97 22.77 21.71 -1.04
C GLY A 97 23.37 22.01 0.33
N GLY A 1 0.91 -23.26 11.39
CA GLY A 1 -0.21 -24.14 11.11
C GLY A 1 -1.53 -23.55 11.55
N SER A 2 -1.98 -22.51 10.86
CA SER A 2 -3.24 -21.85 11.20
C SER A 2 -4.36 -22.87 11.35
N SER A 3 -4.76 -23.12 12.59
CA SER A 3 -5.84 -24.08 12.86
C SER A 3 -6.85 -23.48 13.83
N GLY A 4 -7.98 -24.18 14.00
CA GLY A 4 -9.01 -23.71 14.90
C GLY A 4 -9.47 -22.30 14.57
N SER A 5 -9.54 -21.45 15.59
CA SER A 5 -9.97 -20.08 15.39
C SER A 5 -9.25 -19.14 16.36
N SER A 6 -8.47 -18.22 15.82
CA SER A 6 -7.72 -17.27 16.63
C SER A 6 -8.13 -15.84 16.31
N GLY A 7 -7.85 -14.92 17.23
CA GLY A 7 -8.19 -13.53 17.03
C GLY A 7 -7.01 -12.60 17.25
N MET A 8 -6.00 -12.73 16.40
CA MET A 8 -4.81 -11.89 16.50
C MET A 8 -4.92 -10.68 15.58
N LEU A 9 -4.92 -9.49 16.17
CA LEU A 9 -5.02 -8.25 15.41
C LEU A 9 -3.69 -7.50 15.42
N SER A 10 -2.92 -7.64 14.34
CA SER A 10 -1.63 -6.98 14.23
C SER A 10 -1.68 -5.85 13.20
N ALA A 11 -1.88 -4.62 13.68
CA ALA A 11 -1.95 -3.46 12.81
C ALA A 11 -1.95 -2.16 13.62
N ARG A 12 -1.21 -1.17 13.13
CA ARG A 12 -1.13 0.12 13.81
C ARG A 12 -1.57 1.25 12.90
N THR A 13 -1.47 2.48 13.38
CA THR A 13 -1.87 3.64 12.61
C THR A 13 -1.48 3.48 11.14
N MET A 14 -2.29 4.08 10.26
CA MET A 14 -2.03 4.00 8.83
C MET A 14 -2.17 5.38 8.18
N LYS A 15 -2.09 6.42 8.99
CA LYS A 15 -2.20 7.79 8.50
C LYS A 15 -1.00 8.15 7.63
N GLU A 16 0.15 7.56 7.94
CA GLU A 16 1.37 7.83 7.19
C GLU A 16 1.64 6.71 6.18
N VAL A 17 1.62 5.47 6.65
CA VAL A 17 1.86 4.32 5.80
C VAL A 17 2.97 4.61 4.79
N VAL A 18 3.85 5.54 5.14
CA VAL A 18 4.97 5.91 4.28
C VAL A 18 6.30 5.55 4.92
N TYR A 19 6.41 5.79 6.22
CA TYR A 19 7.63 5.51 6.95
C TYR A 19 7.66 4.05 7.43
N TRP A 20 6.63 3.31 7.06
CA TRP A 20 6.53 1.90 7.44
C TRP A 20 7.81 1.15 7.10
N SER A 21 7.86 -0.13 7.46
CA SER A 21 9.03 -0.96 7.20
C SER A 21 8.75 -1.95 6.07
N PRO A 22 9.82 -2.56 5.54
CA PRO A 22 9.72 -3.55 4.46
C PRO A 22 9.06 -4.85 4.91
N LYS A 23 8.96 -5.03 6.22
CA LYS A 23 8.35 -6.23 6.78
C LYS A 23 6.88 -5.98 7.13
N LYS A 24 6.53 -4.72 7.35
CA LYS A 24 5.17 -4.35 7.69
C LYS A 24 4.29 -4.31 6.44
N VAL A 25 4.74 -3.57 5.44
CA VAL A 25 4.00 -3.43 4.19
C VAL A 25 3.36 -4.76 3.78
N ALA A 26 4.06 -5.85 4.07
CA ALA A 26 3.56 -7.18 3.74
C ALA A 26 2.38 -7.57 4.63
N ASP A 27 2.61 -7.56 5.94
CA ASP A 27 1.58 -7.91 6.91
C ASP A 27 0.25 -7.25 6.52
N TRP A 28 0.32 -6.04 6.00
CA TRP A 28 -0.88 -5.31 5.59
C TRP A 28 -1.58 -6.01 4.44
N LEU A 29 -0.79 -6.52 3.49
CA LEU A 29 -1.33 -7.22 2.34
C LEU A 29 -2.17 -8.42 2.77
N LEU A 30 -1.54 -9.37 3.44
CA LEU A 30 -2.22 -10.57 3.91
C LEU A 30 -3.47 -10.19 4.70
N GLU A 31 -3.43 -9.05 5.37
CA GLU A 31 -4.56 -8.58 6.17
C GLU A 31 -5.79 -8.37 5.29
N ASN A 32 -5.55 -8.09 4.01
CA ASN A 32 -6.64 -7.86 3.07
C ASN A 32 -6.68 -8.96 2.01
N ALA A 33 -6.02 -10.08 2.29
CA ALA A 33 -5.99 -11.20 1.38
C ALA A 33 -5.22 -10.85 0.11
N MET A 34 -4.07 -10.19 0.29
CA MET A 34 -3.24 -9.78 -0.84
C MET A 34 -1.86 -10.42 -0.75
N PRO A 35 -1.82 -11.73 -0.48
CA PRO A 35 -0.58 -12.48 -0.36
C PRO A 35 0.13 -12.65 -1.70
N GLU A 36 -0.55 -12.27 -2.78
CA GLU A 36 0.02 -12.37 -4.12
C GLU A 36 0.91 -11.17 -4.42
N TYR A 37 0.70 -10.08 -3.69
CA TYR A 37 1.48 -8.86 -3.89
C TYR A 37 2.65 -8.80 -2.92
N CYS A 38 2.65 -9.70 -1.94
CA CYS A 38 3.71 -9.75 -0.94
C CYS A 38 5.07 -9.98 -1.60
N GLU A 39 5.10 -10.88 -2.57
CA GLU A 39 6.33 -11.20 -3.28
C GLU A 39 6.98 -9.93 -3.84
N PRO A 40 6.25 -9.22 -4.71
CA PRO A 40 6.72 -7.98 -5.32
C PRO A 40 6.82 -6.83 -4.32
N LEU A 41 6.08 -6.94 -3.22
CA LEU A 41 6.08 -5.92 -2.19
C LEU A 41 6.90 -6.37 -0.98
N GLU A 42 7.67 -7.44 -1.16
CA GLU A 42 8.50 -7.97 -0.07
C GLU A 42 9.48 -6.92 0.42
N HIS A 43 10.08 -6.20 -0.52
CA HIS A 43 11.06 -5.17 -0.18
C HIS A 43 10.47 -3.77 -0.41
N PHE A 44 9.15 -3.68 -0.36
CA PHE A 44 8.47 -2.40 -0.56
C PHE A 44 8.19 -1.71 0.77
N THR A 45 8.30 -0.38 0.77
CA THR A 45 8.07 0.40 1.97
C THR A 45 6.76 1.18 1.89
N GLY A 46 6.09 1.32 3.03
CA GLY A 46 4.83 2.04 3.05
C GLY A 46 4.79 3.18 2.05
N GLN A 47 5.89 3.91 1.95
CA GLN A 47 5.97 5.03 1.03
C GLN A 47 5.90 4.56 -0.42
N ASP A 48 6.67 3.51 -0.72
CA ASP A 48 6.70 2.96 -2.07
C ASP A 48 5.37 2.28 -2.41
N LEU A 49 4.77 1.64 -1.41
CA LEU A 49 3.50 0.95 -1.60
C LEU A 49 2.42 1.92 -2.02
N ILE A 50 2.31 3.04 -1.31
CA ILE A 50 1.31 4.06 -1.60
C ILE A 50 1.61 4.74 -2.93
N ASN A 51 2.86 4.64 -3.38
CA ASN A 51 3.26 5.25 -4.65
C ASN A 51 2.99 4.32 -5.81
N LEU A 52 2.14 3.32 -5.57
CA LEU A 52 1.77 2.35 -6.61
C LEU A 52 0.58 2.85 -7.42
N THR A 53 0.64 2.65 -8.74
CA THR A 53 -0.43 3.06 -9.63
C THR A 53 -0.77 1.97 -10.63
N GLN A 54 -1.89 2.15 -11.33
CA GLN A 54 -2.33 1.17 -12.33
C GLN A 54 -1.29 1.01 -13.42
N GLU A 55 -0.51 2.07 -13.65
CA GLU A 55 0.53 2.04 -14.68
C GLU A 55 1.72 1.21 -14.22
N ASP A 56 1.75 0.87 -12.94
CA ASP A 56 2.83 0.08 -12.38
C ASP A 56 2.54 -1.41 -12.50
N PHE A 57 1.30 -1.74 -12.84
CA PHE A 57 0.89 -3.14 -12.99
C PHE A 57 1.19 -3.64 -14.40
N LYS A 58 0.90 -2.80 -15.39
CA LYS A 58 1.15 -3.17 -16.78
C LYS A 58 2.59 -3.62 -16.99
N LYS A 59 3.45 -3.31 -16.01
CA LYS A 59 4.85 -3.68 -16.08
C LYS A 59 5.31 -4.32 -14.78
N PRO A 60 6.46 -5.01 -14.83
CA PRO A 60 7.03 -5.68 -13.65
C PRO A 60 7.57 -4.69 -12.63
N PRO A 61 7.78 -5.17 -11.39
CA PRO A 61 7.50 -6.56 -11.03
C PRO A 61 6.01 -6.88 -11.01
N LEU A 62 5.22 -5.94 -10.47
CA LEU A 62 3.78 -6.13 -10.40
C LEU A 62 3.18 -6.31 -11.78
N TYR A 63 2.89 -7.55 -12.15
CA TYR A 63 2.31 -7.86 -13.45
C TYR A 63 1.44 -9.12 -13.37
N ARG A 64 0.34 -9.10 -14.11
CA ARG A 64 -0.58 -10.22 -14.13
C ARG A 64 -0.72 -10.84 -12.73
N VAL A 65 -0.54 -10.02 -11.71
CA VAL A 65 -0.63 -10.48 -10.33
C VAL A 65 -2.06 -10.84 -9.98
N SER A 66 -3.01 -9.99 -10.36
CA SER A 66 -4.41 -10.22 -10.08
C SER A 66 -5.22 -10.32 -11.38
N SER A 67 -6.47 -10.76 -11.26
CA SER A 67 -7.34 -10.91 -12.42
C SER A 67 -8.27 -9.71 -12.55
N ASP A 68 -8.24 -8.83 -11.56
CA ASP A 68 -9.09 -7.64 -11.56
C ASP A 68 -8.32 -6.42 -12.05
N ASN A 69 -7.28 -6.66 -12.84
CA ASN A 69 -6.47 -5.58 -13.38
C ASN A 69 -5.76 -4.83 -12.25
N GLY A 70 -5.31 -5.57 -11.24
CA GLY A 70 -4.62 -4.95 -10.12
C GLY A 70 -5.49 -3.91 -9.43
N GLN A 71 -6.76 -3.87 -9.78
CA GLN A 71 -7.68 -2.89 -9.19
C GLN A 71 -7.79 -3.10 -7.68
N ARG A 72 -8.03 -4.33 -7.27
CA ARG A 72 -8.15 -4.66 -5.85
C ARG A 72 -7.11 -3.91 -5.03
N LEU A 73 -5.84 -4.26 -5.24
CA LEU A 73 -4.74 -3.61 -4.52
C LEU A 73 -4.90 -2.10 -4.53
N LEU A 74 -5.06 -1.53 -5.71
CA LEU A 74 -5.22 -0.08 -5.85
C LEU A 74 -6.26 0.45 -4.87
N ASP A 75 -7.47 -0.09 -4.95
CA ASP A 75 -8.55 0.33 -4.05
C ASP A 75 -8.15 0.15 -2.60
N MET A 76 -7.27 -0.81 -2.33
CA MET A 76 -6.81 -1.08 -0.98
C MET A 76 -5.78 -0.04 -0.54
N ILE A 77 -5.04 0.50 -1.51
CA ILE A 77 -4.03 1.51 -1.23
C ILE A 77 -4.64 2.91 -1.20
N GLU A 78 -5.63 3.14 -2.06
CA GLU A 78 -6.29 4.44 -2.13
C GLU A 78 -6.69 4.92 -0.75
N THR A 79 -7.07 3.98 0.13
CA THR A 79 -7.47 4.31 1.48
C THR A 79 -6.27 4.64 2.36
N LEU A 80 -5.10 4.13 1.96
CA LEU A 80 -3.87 4.37 2.70
C LEU A 80 -3.38 5.80 2.51
N LYS A 81 -3.71 6.38 1.36
CA LYS A 81 -3.31 7.75 1.05
C LYS A 81 -4.29 8.76 1.65
N MET A 82 -5.56 8.64 1.30
CA MET A 82 -6.58 9.53 1.80
C MET A 82 -6.29 9.95 3.23
N GLU A 83 -5.69 9.04 4.00
CA GLU A 83 -5.35 9.30 5.40
C GLU A 83 -4.22 10.32 5.49
N HIS A 84 -3.05 9.95 4.97
CA HIS A 84 -1.88 10.83 5.00
C HIS A 84 -2.25 12.22 4.51
N HIS A 85 -1.45 13.21 4.90
CA HIS A 85 -1.68 14.59 4.50
C HIS A 85 -1.30 14.81 3.04
N MET A 86 -2.13 14.29 2.13
CA MET A 86 -1.88 14.44 0.70
C MET A 86 -2.93 15.33 0.04
N GLU A 87 -2.56 15.97 -1.05
CA GLU A 87 -3.47 16.85 -1.78
C GLU A 87 -4.17 16.11 -2.90
N ALA A 88 -5.27 15.43 -2.57
CA ALA A 88 -6.03 14.68 -3.56
C ALA A 88 -6.50 15.58 -4.69
N HIS A 89 -7.22 16.64 -4.34
CA HIS A 89 -7.74 17.58 -5.33
C HIS A 89 -6.67 18.59 -5.73
N LYS A 90 -5.44 18.11 -5.88
CA LYS A 90 -4.32 18.97 -6.26
C LYS A 90 -4.68 19.82 -7.48
N ASN A 91 -5.06 19.15 -8.56
CA ASN A 91 -5.43 19.85 -9.79
C ASN A 91 -6.94 20.04 -9.87
N SER A 92 -7.36 21.01 -10.69
CA SER A 92 -8.78 21.30 -10.86
C SER A 92 -9.57 20.02 -11.07
N GLY A 93 -10.62 19.84 -10.26
CA GLY A 93 -11.45 18.66 -10.38
C GLY A 93 -11.92 18.14 -9.03
N PRO A 94 -12.87 18.86 -8.42
CA PRO A 94 -13.42 18.50 -7.12
C PRO A 94 -14.28 17.24 -7.18
N SER A 95 -14.47 16.72 -8.39
CA SER A 95 -15.28 15.53 -8.60
C SER A 95 -14.67 14.34 -7.87
N SER A 96 -15.31 13.93 -6.77
CA SER A 96 -14.83 12.80 -5.98
C SER A 96 -15.72 11.58 -6.19
N GLY A 97 -15.27 10.68 -7.05
CA GLY A 97 -16.04 9.48 -7.32
C GLY A 97 -15.49 8.67 -8.48
N GLY A 1 21.02 -17.89 6.79
CA GLY A 1 20.64 -17.78 8.18
C GLY A 1 19.20 -18.19 8.43
N SER A 2 18.57 -17.55 9.41
CA SER A 2 17.19 -17.85 9.75
C SER A 2 16.32 -16.59 9.67
N SER A 3 15.09 -16.76 9.19
CA SER A 3 14.16 -15.65 9.06
C SER A 3 12.76 -16.05 9.49
N GLY A 4 11.90 -15.06 9.69
CA GLY A 4 10.54 -15.33 10.12
C GLY A 4 9.94 -14.17 10.90
N SER A 5 8.62 -14.06 10.86
CA SER A 5 7.92 -12.99 11.57
C SER A 5 8.06 -13.16 13.08
N SER A 6 9.17 -12.68 13.61
CA SER A 6 9.43 -12.78 15.05
C SER A 6 9.15 -11.45 15.74
N GLY A 7 7.91 -11.26 16.17
CA GLY A 7 7.53 -10.04 16.85
C GLY A 7 7.88 -8.80 16.04
N MET A 8 6.87 -8.21 15.41
CA MET A 8 7.07 -7.02 14.60
C MET A 8 6.39 -5.80 15.24
N LEU A 9 6.71 -4.62 14.73
CA LEU A 9 6.13 -3.38 15.25
C LEU A 9 4.94 -2.95 14.40
N SER A 10 3.76 -3.45 14.74
CA SER A 10 2.54 -3.11 14.00
C SER A 10 2.29 -1.61 14.06
N ALA A 11 1.70 -1.09 12.99
CA ALA A 11 1.39 0.34 12.91
C ALA A 11 -0.06 0.62 13.28
N ARG A 12 -0.30 0.78 14.58
CA ARG A 12 -1.66 1.05 15.07
C ARG A 12 -2.40 2.00 14.12
N THR A 13 -1.66 2.94 13.53
CA THR A 13 -2.25 3.90 12.62
C THR A 13 -1.74 3.70 11.20
N MET A 14 -2.40 4.33 10.23
CA MET A 14 -2.01 4.22 8.85
C MET A 14 -1.99 5.59 8.17
N LYS A 15 -2.12 6.64 8.97
CA LYS A 15 -2.12 8.01 8.46
C LYS A 15 -0.86 8.28 7.64
N GLU A 16 0.26 7.69 8.06
CA GLU A 16 1.52 7.87 7.36
C GLU A 16 1.75 6.74 6.36
N VAL A 17 1.67 5.50 6.85
CA VAL A 17 1.86 4.34 5.99
C VAL A 17 2.98 4.57 4.98
N VAL A 18 3.91 5.45 5.33
CA VAL A 18 5.04 5.77 4.46
C VAL A 18 6.36 5.38 5.11
N TYR A 19 6.48 5.62 6.40
CA TYR A 19 7.70 5.30 7.14
C TYR A 19 7.68 3.85 7.59
N TRP A 20 6.63 3.13 7.22
CA TRP A 20 6.51 1.72 7.60
C TRP A 20 7.78 0.95 7.26
N SER A 21 7.84 -0.31 7.69
CA SER A 21 9.00 -1.15 7.43
C SER A 21 8.73 -2.11 6.28
N PRO A 22 9.80 -2.74 5.78
CA PRO A 22 9.71 -3.70 4.66
C PRO A 22 9.03 -5.00 5.09
N LYS A 23 8.93 -5.21 6.40
CA LYS A 23 8.30 -6.42 6.93
C LYS A 23 6.84 -6.16 7.28
N LYS A 24 6.49 -4.88 7.43
CA LYS A 24 5.13 -4.50 7.77
C LYS A 24 4.25 -4.45 6.53
N VAL A 25 4.69 -3.70 5.52
CA VAL A 25 3.94 -3.57 4.28
C VAL A 25 3.33 -4.90 3.87
N ALA A 26 4.07 -5.98 4.09
CA ALA A 26 3.58 -7.32 3.74
C ALA A 26 2.40 -7.72 4.61
N ASP A 27 2.60 -7.71 5.93
CA ASP A 27 1.56 -8.07 6.87
C ASP A 27 0.23 -7.41 6.49
N TRP A 28 0.33 -6.18 5.98
CA TRP A 28 -0.87 -5.44 5.59
C TRP A 28 -1.56 -6.11 4.41
N LEU A 29 -0.78 -6.71 3.52
CA LEU A 29 -1.32 -7.39 2.35
C LEU A 29 -2.14 -8.61 2.76
N LEU A 30 -1.47 -9.58 3.38
CA LEU A 30 -2.14 -10.80 3.83
C LEU A 30 -3.35 -10.46 4.69
N GLU A 31 -3.26 -9.37 5.44
CA GLU A 31 -4.36 -8.94 6.30
C GLU A 31 -5.65 -8.79 5.51
N ASN A 32 -5.52 -8.55 4.21
CA ASN A 32 -6.67 -8.37 3.34
C ASN A 32 -6.71 -9.45 2.26
N ALA A 33 -5.93 -10.51 2.46
CA ALA A 33 -5.88 -11.61 1.52
C ALA A 33 -5.21 -11.19 0.21
N MET A 34 -4.07 -10.52 0.33
CA MET A 34 -3.33 -10.06 -0.84
C MET A 34 -1.90 -10.59 -0.83
N PRO A 35 -1.75 -11.90 -0.58
CA PRO A 35 -0.44 -12.55 -0.53
C PRO A 35 0.22 -12.63 -1.91
N GLU A 36 -0.53 -12.26 -2.94
CA GLU A 36 -0.03 -12.29 -4.31
C GLU A 36 0.87 -11.08 -4.58
N TYR A 37 0.67 -10.01 -3.82
CA TYR A 37 1.46 -8.79 -3.97
C TYR A 37 2.63 -8.77 -3.01
N CYS A 38 2.63 -9.70 -2.06
CA CYS A 38 3.69 -9.79 -1.07
C CYS A 38 5.04 -9.99 -1.74
N GLU A 39 5.08 -10.84 -2.75
CA GLU A 39 6.31 -11.12 -3.47
C GLU A 39 6.93 -9.83 -4.00
N PRO A 40 6.17 -9.11 -4.85
CA PRO A 40 6.63 -7.85 -5.45
C PRO A 40 6.72 -6.72 -4.42
N LEU A 41 6.03 -6.90 -3.29
CA LEU A 41 6.04 -5.91 -2.22
C LEU A 41 6.85 -6.38 -1.03
N GLU A 42 7.61 -7.46 -1.22
CA GLU A 42 8.43 -8.01 -0.16
C GLU A 42 9.45 -6.98 0.34
N HIS A 43 10.01 -6.22 -0.59
CA HIS A 43 11.00 -5.20 -0.25
C HIS A 43 10.41 -3.81 -0.45
N PHE A 44 9.10 -3.70 -0.34
CA PHE A 44 8.42 -2.42 -0.51
C PHE A 44 8.13 -1.76 0.84
N THR A 45 8.20 -0.45 0.88
CA THR A 45 7.95 0.30 2.11
C THR A 45 6.65 1.10 2.02
N GLY A 46 5.98 1.23 3.16
CA GLY A 46 4.72 1.97 3.18
C GLY A 46 4.69 3.11 2.20
N GLN A 47 5.84 3.78 2.05
CA GLN A 47 5.94 4.91 1.13
C GLN A 47 5.85 4.45 -0.32
N ASP A 48 6.67 3.47 -0.67
CA ASP A 48 6.68 2.93 -2.03
C ASP A 48 5.35 2.26 -2.36
N LEU A 49 4.77 1.58 -1.38
CA LEU A 49 3.49 0.91 -1.56
C LEU A 49 2.40 1.89 -1.96
N ILE A 50 2.31 2.98 -1.21
CA ILE A 50 1.30 4.01 -1.49
C ILE A 50 1.60 4.71 -2.81
N ASN A 51 2.85 4.67 -3.24
CA ASN A 51 3.25 5.31 -4.49
C ASN A 51 2.93 4.41 -5.68
N LEU A 52 2.10 3.41 -5.45
CA LEU A 52 1.71 2.48 -6.50
C LEU A 52 0.50 2.99 -7.27
N THR A 53 0.52 2.85 -8.59
CA THR A 53 -0.57 3.30 -9.44
C THR A 53 -0.95 2.23 -10.46
N GLN A 54 -2.10 2.42 -11.10
CA GLN A 54 -2.58 1.47 -12.10
C GLN A 54 -1.52 1.24 -13.17
N GLU A 55 -0.79 2.29 -13.52
CA GLU A 55 0.26 2.19 -14.52
C GLU A 55 1.38 1.25 -14.06
N ASP A 56 1.67 1.30 -12.76
CA ASP A 56 2.72 0.46 -12.20
C ASP A 56 2.42 -1.03 -12.42
N PHE A 57 1.15 -1.33 -12.70
CA PHE A 57 0.73 -2.70 -12.94
C PHE A 57 1.08 -3.14 -14.36
N LYS A 58 1.05 -2.19 -15.29
CA LYS A 58 1.37 -2.48 -16.69
C LYS A 58 2.78 -3.04 -16.82
N LYS A 59 3.63 -2.71 -15.85
CA LYS A 59 5.01 -3.18 -15.86
C LYS A 59 5.35 -3.89 -14.56
N PRO A 60 6.45 -4.66 -14.56
CA PRO A 60 6.91 -5.39 -13.37
C PRO A 60 7.46 -4.47 -12.30
N PRO A 61 7.62 -5.01 -11.08
CA PRO A 61 7.29 -6.42 -10.78
C PRO A 61 5.78 -6.68 -10.82
N LEU A 62 5.01 -5.68 -10.38
CA LEU A 62 3.56 -5.82 -10.37
C LEU A 62 2.99 -5.94 -11.78
N TYR A 63 2.67 -7.17 -12.18
CA TYR A 63 2.13 -7.42 -13.50
C TYR A 63 1.24 -8.66 -13.50
N ARG A 64 -0.01 -8.48 -13.91
CA ARG A 64 -0.97 -9.58 -13.95
C ARG A 64 -1.08 -10.26 -12.58
N VAL A 65 -0.76 -9.51 -11.53
CA VAL A 65 -0.83 -10.02 -10.17
C VAL A 65 -2.26 -10.42 -9.80
N SER A 66 -3.22 -9.58 -10.20
CA SER A 66 -4.63 -9.83 -9.91
C SER A 66 -5.44 -9.91 -11.19
N SER A 67 -6.59 -10.56 -11.12
CA SER A 67 -7.47 -10.71 -12.27
C SER A 67 -8.28 -9.43 -12.51
N ASP A 68 -8.34 -8.59 -11.49
CA ASP A 68 -9.08 -7.33 -11.58
C ASP A 68 -8.18 -6.21 -12.12
N ASN A 69 -7.19 -6.59 -12.90
CA ASN A 69 -6.26 -5.62 -13.49
C ASN A 69 -5.57 -4.81 -12.39
N GLY A 70 -5.27 -5.47 -11.28
CA GLY A 70 -4.61 -4.79 -10.18
C GLY A 70 -5.50 -3.77 -9.51
N GLN A 71 -6.80 -4.05 -9.45
CA GLN A 71 -7.76 -3.15 -8.84
C GLN A 71 -7.80 -3.33 -7.33
N ARG A 72 -8.08 -4.56 -6.90
CA ARG A 72 -8.16 -4.87 -5.48
C ARG A 72 -7.09 -4.12 -4.70
N LEU A 73 -5.84 -4.25 -5.13
CA LEU A 73 -4.73 -3.58 -4.47
C LEU A 73 -4.88 -2.06 -4.55
N LEU A 74 -4.91 -1.55 -5.77
CA LEU A 74 -5.05 -0.11 -5.99
C LEU A 74 -6.10 0.48 -5.05
N ASP A 75 -7.20 -0.25 -4.87
CA ASP A 75 -8.28 0.21 -3.99
C ASP A 75 -7.85 0.16 -2.54
N MET A 76 -7.14 -0.90 -2.16
CA MET A 76 -6.67 -1.07 -0.79
C MET A 76 -5.65 0.01 -0.44
N ILE A 77 -4.90 0.46 -1.44
CA ILE A 77 -3.88 1.49 -1.25
C ILE A 77 -4.50 2.89 -1.29
N GLU A 78 -5.43 3.09 -2.21
CA GLU A 78 -6.10 4.38 -2.36
C GLU A 78 -6.46 4.96 -0.99
N THR A 79 -6.97 4.12 -0.11
CA THR A 79 -7.35 4.54 1.23
C THR A 79 -6.13 4.89 2.08
N LEU A 80 -5.01 4.24 1.78
CA LEU A 80 -3.77 4.48 2.51
C LEU A 80 -3.25 5.89 2.25
N LYS A 81 -3.69 6.48 1.14
CA LYS A 81 -3.27 7.83 0.78
C LYS A 81 -4.28 8.86 1.28
N MET A 82 -5.53 8.72 0.84
CA MET A 82 -6.58 9.63 1.24
C MET A 82 -6.37 10.12 2.67
N GLU A 83 -5.83 9.24 3.52
CA GLU A 83 -5.57 9.58 4.90
C GLU A 83 -4.42 10.57 5.02
N HIS A 84 -3.27 10.21 4.47
CA HIS A 84 -2.09 11.06 4.51
C HIS A 84 -2.41 12.46 4.02
N HIS A 85 -1.52 13.40 4.29
CA HIS A 85 -1.72 14.79 3.88
C HIS A 85 -1.41 14.96 2.39
N MET A 86 -1.98 14.08 1.58
CA MET A 86 -1.77 14.13 0.13
C MET A 86 -2.86 14.95 -0.55
N GLU A 87 -2.49 15.66 -1.61
CA GLU A 87 -3.44 16.48 -2.35
C GLU A 87 -3.51 16.07 -3.81
N ALA A 88 -4.47 15.21 -4.14
CA ALA A 88 -4.64 14.74 -5.50
C ALA A 88 -6.11 14.50 -5.83
N HIS A 89 -6.45 14.58 -7.11
CA HIS A 89 -7.83 14.38 -7.54
C HIS A 89 -8.30 12.97 -7.19
N LYS A 90 -9.48 12.88 -6.58
CA LYS A 90 -10.05 11.59 -6.20
C LYS A 90 -10.85 10.99 -7.35
N ASN A 91 -11.03 9.67 -7.31
CA ASN A 91 -11.78 8.97 -8.34
C ASN A 91 -13.19 8.65 -7.88
N SER A 92 -13.30 7.89 -6.79
CA SER A 92 -14.59 7.51 -6.24
C SER A 92 -14.78 8.12 -4.85
N GLY A 93 -15.68 9.10 -4.76
CA GLY A 93 -15.94 9.74 -3.49
C GLY A 93 -16.43 8.76 -2.44
N PRO A 94 -15.94 8.93 -1.18
CA PRO A 94 -16.31 8.06 -0.07
C PRO A 94 -17.76 8.26 0.37
N SER A 95 -18.49 7.16 0.55
CA SER A 95 -19.88 7.23 0.96
C SER A 95 -20.27 5.97 1.73
N SER A 96 -20.41 6.12 3.05
CA SER A 96 -20.78 5.00 3.90
C SER A 96 -22.14 4.42 3.50
N GLY A 97 -23.09 5.30 3.21
CA GLY A 97 -24.41 4.87 2.81
C GLY A 97 -25.51 5.81 3.26
N GLY A 1 10.26 -13.46 4.15
CA GLY A 1 11.44 -13.16 3.36
C GLY A 1 12.72 -13.35 4.15
N SER A 2 13.83 -12.84 3.61
CA SER A 2 15.12 -12.95 4.28
C SER A 2 15.56 -11.60 4.84
N SER A 3 15.47 -11.47 6.16
CA SER A 3 15.86 -10.23 6.84
C SER A 3 17.07 -10.46 7.74
N GLY A 4 17.55 -9.38 8.35
CA GLY A 4 18.70 -9.48 9.23
C GLY A 4 18.97 -8.19 9.98
N SER A 5 19.38 -7.16 9.25
CA SER A 5 19.68 -5.87 9.86
C SER A 5 18.42 -5.22 10.41
N SER A 6 17.33 -5.29 9.65
CA SER A 6 16.06 -4.71 10.06
C SER A 6 15.40 -5.58 11.13
N GLY A 7 15.11 -4.97 12.28
CA GLY A 7 14.48 -5.70 13.36
C GLY A 7 13.01 -5.97 13.10
N MET A 8 12.24 -6.12 14.17
CA MET A 8 10.80 -6.38 14.05
C MET A 8 9.99 -5.18 14.55
N LEU A 9 9.46 -4.41 13.63
CA LEU A 9 8.66 -3.24 13.97
C LEU A 9 7.38 -3.19 13.15
N SER A 10 6.27 -2.88 13.81
CA SER A 10 4.98 -2.80 13.13
C SER A 10 4.29 -1.48 13.43
N ALA A 11 3.35 -1.10 12.57
CA ALA A 11 2.61 0.15 12.75
C ALA A 11 1.12 -0.07 12.58
N ARG A 12 0.34 0.28 13.61
CA ARG A 12 -1.10 0.12 13.57
C ARG A 12 -1.76 1.25 12.78
N THR A 13 -1.37 2.48 13.08
CA THR A 13 -1.91 3.64 12.39
C THR A 13 -1.57 3.62 10.91
N MET A 14 -2.35 4.36 10.11
CA MET A 14 -2.12 4.41 8.67
C MET A 14 -2.12 5.86 8.19
N LYS A 15 -1.81 6.78 9.10
CA LYS A 15 -1.76 8.20 8.76
C LYS A 15 -0.56 8.51 7.87
N GLU A 16 0.50 7.72 8.02
CA GLU A 16 1.71 7.91 7.24
C GLU A 16 1.89 6.77 6.24
N VAL A 17 1.88 5.54 6.75
CA VAL A 17 2.04 4.36 5.90
C VAL A 17 3.14 4.58 4.86
N VAL A 18 4.08 5.47 5.17
CA VAL A 18 5.18 5.76 4.27
C VAL A 18 6.52 5.39 4.89
N TYR A 19 6.66 5.65 6.19
CA TYR A 19 7.89 5.34 6.91
C TYR A 19 7.88 3.90 7.40
N TRP A 20 6.83 3.17 7.05
CA TRP A 20 6.71 1.77 7.46
C TRP A 20 7.97 0.99 7.10
N SER A 21 7.95 -0.30 7.42
CA SER A 21 9.10 -1.17 7.13
C SER A 21 8.76 -2.16 6.03
N PRO A 22 9.82 -2.82 5.49
CA PRO A 22 9.66 -3.80 4.43
C PRO A 22 8.98 -5.08 4.91
N LYS A 23 8.93 -5.25 6.23
CA LYS A 23 8.30 -6.43 6.82
C LYS A 23 6.86 -6.14 7.21
N LYS A 24 6.54 -4.86 7.39
CA LYS A 24 5.20 -4.46 7.77
C LYS A 24 4.28 -4.42 6.55
N VAL A 25 4.69 -3.69 5.52
CA VAL A 25 3.90 -3.57 4.30
C VAL A 25 3.30 -4.92 3.90
N ALA A 26 4.07 -5.98 4.11
CA ALA A 26 3.62 -7.33 3.78
C ALA A 26 2.43 -7.73 4.64
N ASP A 27 2.61 -7.68 5.95
CA ASP A 27 1.54 -8.04 6.88
C ASP A 27 0.24 -7.35 6.51
N TRP A 28 0.34 -6.13 6.00
CA TRP A 28 -0.84 -5.38 5.60
C TRP A 28 -1.53 -6.02 4.41
N LEU A 29 -0.76 -6.72 3.58
CA LEU A 29 -1.29 -7.38 2.40
C LEU A 29 -2.03 -8.66 2.80
N LEU A 30 -1.40 -9.47 3.63
CA LEU A 30 -2.00 -10.72 4.08
C LEU A 30 -3.21 -10.46 4.97
N GLU A 31 -3.17 -9.35 5.71
CA GLU A 31 -4.27 -8.98 6.59
C GLU A 31 -5.57 -8.83 5.82
N ASN A 32 -5.46 -8.58 4.51
CA ASN A 32 -6.63 -8.42 3.66
C ASN A 32 -6.67 -9.51 2.59
N ALA A 33 -5.86 -10.54 2.78
CA ALA A 33 -5.81 -11.65 1.83
C ALA A 33 -5.20 -11.21 0.49
N MET A 34 -4.05 -10.55 0.56
CA MET A 34 -3.38 -10.07 -0.64
C MET A 34 -1.94 -10.57 -0.69
N PRO A 35 -1.77 -11.88 -0.47
CA PRO A 35 -0.44 -12.52 -0.48
C PRO A 35 0.16 -12.57 -1.88
N GLU A 36 -0.65 -12.27 -2.88
CA GLU A 36 -0.20 -12.28 -4.27
C GLU A 36 0.68 -11.07 -4.57
N TYR A 37 0.50 -10.01 -3.78
CA TYR A 37 1.27 -8.78 -3.96
C TYR A 37 2.48 -8.76 -3.03
N CYS A 38 2.52 -9.70 -2.09
CA CYS A 38 3.61 -9.79 -1.14
C CYS A 38 4.93 -10.01 -1.85
N GLU A 39 4.92 -10.86 -2.87
CA GLU A 39 6.13 -11.16 -3.64
C GLU A 39 6.76 -9.89 -4.16
N PRO A 40 6.00 -9.13 -4.97
CA PRO A 40 6.48 -7.86 -5.56
C PRO A 40 6.63 -6.77 -4.52
N LEU A 41 5.92 -6.90 -3.40
CA LEU A 41 5.98 -5.91 -2.33
C LEU A 41 6.80 -6.44 -1.16
N GLU A 42 7.57 -7.50 -1.40
CA GLU A 42 8.40 -8.09 -0.37
C GLU A 42 9.35 -7.05 0.24
N HIS A 43 10.05 -6.32 -0.63
CA HIS A 43 10.98 -5.29 -0.19
C HIS A 43 10.41 -3.90 -0.41
N PHE A 44 9.07 -3.80 -0.35
CA PHE A 44 8.40 -2.53 -0.55
C PHE A 44 8.14 -1.83 0.80
N THR A 45 8.26 -0.50 0.80
CA THR A 45 8.04 0.27 2.02
C THR A 45 6.76 1.08 1.92
N GLY A 46 6.09 1.24 3.05
CA GLY A 46 4.84 2.00 3.08
C GLY A 46 4.84 3.14 2.08
N GLN A 47 6.00 3.77 1.90
CA GLN A 47 6.12 4.89 0.96
C GLN A 47 6.03 4.39 -0.48
N ASP A 48 6.76 3.33 -0.79
CA ASP A 48 6.75 2.77 -2.13
C ASP A 48 5.41 2.09 -2.44
N LEU A 49 4.80 1.52 -1.41
CA LEU A 49 3.51 0.85 -1.57
C LEU A 49 2.42 1.83 -1.97
N ILE A 50 2.34 2.93 -1.24
CA ILE A 50 1.34 3.97 -1.52
C ILE A 50 1.65 4.68 -2.85
N ASN A 51 2.88 4.55 -3.30
CA ASN A 51 3.30 5.18 -4.55
C ASN A 51 2.99 4.28 -5.75
N LEU A 52 2.11 3.30 -5.53
CA LEU A 52 1.72 2.38 -6.59
C LEU A 52 0.51 2.91 -7.35
N THR A 53 0.57 2.82 -8.68
CA THR A 53 -0.53 3.29 -9.52
C THR A 53 -0.86 2.27 -10.61
N GLN A 54 -2.07 2.36 -11.15
CA GLN A 54 -2.51 1.44 -12.20
C GLN A 54 -1.43 1.30 -13.27
N GLU A 55 -0.63 2.36 -13.44
CA GLU A 55 0.43 2.35 -14.44
C GLU A 55 1.54 1.38 -14.04
N ASP A 56 1.83 1.31 -12.75
CA ASP A 56 2.87 0.42 -12.24
C ASP A 56 2.51 -1.04 -12.49
N PHE A 57 1.21 -1.32 -12.52
CA PHE A 57 0.74 -2.68 -12.74
C PHE A 57 1.07 -3.14 -14.16
N LYS A 58 0.93 -2.24 -15.12
CA LYS A 58 1.21 -2.55 -16.51
C LYS A 58 2.60 -3.18 -16.65
N LYS A 59 3.51 -2.79 -15.78
CA LYS A 59 4.88 -3.31 -15.80
C LYS A 59 5.21 -4.01 -14.48
N PRO A 60 6.28 -4.82 -14.50
CA PRO A 60 6.73 -5.56 -13.33
C PRO A 60 7.33 -4.65 -12.27
N PRO A 61 7.52 -5.19 -11.05
CA PRO A 61 7.19 -6.58 -10.74
C PRO A 61 5.67 -6.81 -10.72
N LEU A 62 4.93 -5.79 -10.32
CA LEU A 62 3.47 -5.88 -10.25
C LEU A 62 2.86 -5.98 -11.65
N TYR A 63 2.52 -7.20 -12.05
CA TYR A 63 1.92 -7.43 -13.36
C TYR A 63 1.03 -8.67 -13.34
N ARG A 64 -0.22 -8.49 -13.77
CA ARG A 64 -1.18 -9.58 -13.79
C ARG A 64 -1.22 -10.31 -12.45
N VAL A 65 -0.94 -9.58 -11.38
CA VAL A 65 -0.94 -10.15 -10.04
C VAL A 65 -2.28 -10.82 -9.73
N SER A 66 -3.36 -10.21 -10.19
CA SER A 66 -4.70 -10.74 -9.96
C SER A 66 -5.58 -10.55 -11.20
N SER A 67 -6.79 -11.12 -11.15
CA SER A 67 -7.71 -11.02 -12.27
C SER A 67 -8.64 -9.82 -12.10
N ASP A 68 -8.14 -8.78 -11.44
CA ASP A 68 -8.93 -7.57 -11.22
C ASP A 68 -8.21 -6.35 -11.79
N ASN A 69 -7.36 -6.57 -12.78
CA ASN A 69 -6.61 -5.49 -13.42
C ASN A 69 -5.94 -4.61 -12.37
N GLY A 70 -5.36 -5.25 -11.36
CA GLY A 70 -4.68 -4.51 -10.30
C GLY A 70 -5.60 -3.51 -9.61
N GLN A 71 -6.88 -3.86 -9.51
CA GLN A 71 -7.86 -2.99 -8.87
C GLN A 71 -7.90 -3.22 -7.37
N ARG A 72 -8.21 -4.46 -6.98
CA ARG A 72 -8.28 -4.81 -5.56
C ARG A 72 -7.22 -4.06 -4.76
N LEU A 73 -5.97 -4.17 -5.19
CA LEU A 73 -4.86 -3.51 -4.51
C LEU A 73 -5.00 -2.00 -4.59
N LEU A 74 -5.07 -1.48 -5.80
CA LEU A 74 -5.21 -0.04 -6.02
C LEU A 74 -6.23 0.55 -5.06
N ASP A 75 -7.32 -0.18 -4.84
CA ASP A 75 -8.37 0.28 -3.94
C ASP A 75 -7.92 0.20 -2.48
N MET A 76 -7.21 -0.87 -2.14
CA MET A 76 -6.73 -1.07 -0.79
C MET A 76 -5.67 -0.01 -0.44
N ILE A 77 -4.93 0.43 -1.44
CA ILE A 77 -3.90 1.44 -1.23
C ILE A 77 -4.49 2.85 -1.26
N GLU A 78 -5.37 3.10 -2.22
CA GLU A 78 -6.01 4.41 -2.34
C GLU A 78 -6.42 4.94 -0.97
N THR A 79 -7.00 4.07 -0.15
CA THR A 79 -7.44 4.46 1.18
C THR A 79 -6.26 4.85 2.06
N LEU A 80 -5.11 4.21 1.83
CA LEU A 80 -3.91 4.49 2.60
C LEU A 80 -3.42 5.93 2.35
N LYS A 81 -3.68 6.42 1.15
CA LYS A 81 -3.27 7.78 0.77
C LYS A 81 -4.28 8.80 1.27
N MET A 82 -5.52 8.68 0.80
CA MET A 82 -6.59 9.60 1.20
C MET A 82 -6.43 10.02 2.66
N GLU A 83 -6.02 9.08 3.50
CA GLU A 83 -5.84 9.34 4.92
C GLU A 83 -4.60 10.21 5.15
N HIS A 84 -3.51 9.88 4.46
CA HIS A 84 -2.27 10.63 4.59
C HIS A 84 -2.45 12.06 4.13
N HIS A 85 -1.46 12.91 4.42
CA HIS A 85 -1.51 14.31 4.03
C HIS A 85 -0.99 14.50 2.61
N MET A 86 -1.90 14.37 1.64
CA MET A 86 -1.54 14.53 0.24
C MET A 86 -2.50 15.48 -0.47
N GLU A 87 -1.94 16.47 -1.16
CA GLU A 87 -2.75 17.45 -1.89
C GLU A 87 -3.14 16.93 -3.25
N ALA A 88 -4.25 16.20 -3.32
CA ALA A 88 -4.74 15.64 -4.58
C ALA A 88 -6.11 15.01 -4.40
N HIS A 89 -6.72 14.62 -5.52
CA HIS A 89 -8.04 13.99 -5.49
C HIS A 89 -9.00 14.81 -4.65
N LYS A 90 -9.04 16.11 -4.90
CA LYS A 90 -9.92 17.01 -4.16
C LYS A 90 -11.35 16.46 -4.13
N ASN A 91 -12.13 16.91 -3.15
CA ASN A 91 -13.51 16.46 -3.00
C ASN A 91 -14.40 17.59 -2.49
N SER A 92 -15.54 17.79 -3.14
CA SER A 92 -16.48 18.84 -2.76
C SER A 92 -17.02 18.59 -1.36
N GLY A 93 -17.04 19.64 -0.55
CA GLY A 93 -17.54 19.51 0.81
C GLY A 93 -18.96 20.05 0.96
N PRO A 94 -19.66 19.59 2.01
CA PRO A 94 -21.03 20.02 2.28
C PRO A 94 -21.11 21.47 2.73
N SER A 95 -19.96 22.08 2.97
CA SER A 95 -19.90 23.47 3.41
C SER A 95 -19.41 24.37 2.28
N SER A 96 -19.87 25.62 2.31
CA SER A 96 -19.48 26.60 1.29
C SER A 96 -17.98 26.57 1.05
N GLY A 97 -17.58 26.65 -0.22
CA GLY A 97 -16.17 26.65 -0.55
C GLY A 97 -15.33 27.47 0.42
N GLY A 1 5.36 -16.42 26.26
CA GLY A 1 5.61 -15.01 26.05
C GLY A 1 4.39 -14.28 25.53
N SER A 2 4.58 -13.43 24.52
CA SER A 2 3.49 -12.66 23.95
C SER A 2 2.67 -13.52 22.99
N SER A 3 1.38 -13.67 23.29
CA SER A 3 0.49 -14.47 22.47
C SER A 3 -0.25 -13.60 21.47
N GLY A 4 -0.66 -14.20 20.34
CA GLY A 4 -1.37 -13.46 19.32
C GLY A 4 -0.63 -12.22 18.88
N SER A 5 -1.02 -11.07 19.41
CA SER A 5 -0.39 -9.80 19.06
C SER A 5 -0.78 -8.70 20.04
N SER A 6 -0.07 -7.58 19.99
CA SER A 6 -0.35 -6.45 20.87
C SER A 6 -1.39 -5.53 20.26
N GLY A 7 -1.40 -5.44 18.93
CA GLY A 7 -2.35 -4.59 18.24
C GLY A 7 -1.91 -3.14 18.20
N MET A 8 -1.93 -2.48 19.34
CA MET A 8 -1.51 -1.08 19.42
C MET A 8 -0.13 -0.88 18.81
N LEU A 9 0.78 -1.81 19.11
CA LEU A 9 2.14 -1.74 18.59
C LEU A 9 2.17 -2.08 17.11
N SER A 10 1.46 -3.14 16.74
CA SER A 10 1.41 -3.58 15.35
C SER A 10 0.58 -2.62 14.50
N ALA A 11 -0.05 -1.65 15.16
CA ALA A 11 -0.87 -0.67 14.47
C ALA A 11 -1.24 0.49 15.40
N ARG A 12 -0.70 1.67 15.11
CA ARG A 12 -0.96 2.85 15.92
C ARG A 12 -1.64 3.93 15.08
N THR A 13 -1.13 4.15 13.88
CA THR A 13 -1.69 5.16 12.98
C THR A 13 -1.32 4.87 11.53
N MET A 14 -2.33 4.78 10.68
CA MET A 14 -2.11 4.51 9.26
C MET A 14 -2.20 5.80 8.44
N LYS A 15 -2.00 6.93 9.11
CA LYS A 15 -2.05 8.23 8.44
C LYS A 15 -0.85 8.42 7.51
N GLU A 16 0.32 8.03 8.00
CA GLU A 16 1.55 8.16 7.21
C GLU A 16 1.71 6.98 6.27
N VAL A 17 1.55 5.77 6.80
CA VAL A 17 1.67 4.55 6.00
C VAL A 17 2.71 4.72 4.91
N VAL A 18 3.73 5.54 5.18
CA VAL A 18 4.79 5.79 4.21
C VAL A 18 6.15 5.38 4.77
N TYR A 19 6.37 5.68 6.04
CA TYR A 19 7.63 5.34 6.70
C TYR A 19 7.61 3.91 7.23
N TRP A 20 6.56 3.17 6.87
CA TRP A 20 6.43 1.79 7.30
C TRP A 20 7.67 0.98 6.95
N SER A 21 7.84 -0.15 7.63
CA SER A 21 9.00 -1.01 7.38
C SER A 21 8.73 -1.95 6.19
N PRO A 22 9.80 -2.60 5.72
CA PRO A 22 9.72 -3.53 4.58
C PRO A 22 8.97 -4.81 4.94
N LYS A 23 8.82 -5.05 6.24
CA LYS A 23 8.12 -6.24 6.73
C LYS A 23 6.66 -5.93 7.04
N LYS A 24 6.40 -4.70 7.47
CA LYS A 24 5.04 -4.29 7.80
C LYS A 24 4.15 -4.27 6.55
N VAL A 25 4.61 -3.55 5.52
CA VAL A 25 3.86 -3.45 4.27
C VAL A 25 3.27 -4.80 3.88
N ALA A 26 4.03 -5.86 4.10
CA ALA A 26 3.58 -7.21 3.77
C ALA A 26 2.43 -7.64 4.67
N ASP A 27 2.68 -7.61 5.98
CA ASP A 27 1.66 -8.01 6.95
C ASP A 27 0.32 -7.34 6.63
N TRP A 28 0.38 -6.13 6.10
CA TRP A 28 -0.82 -5.39 5.75
C TRP A 28 -1.55 -6.05 4.58
N LEU A 29 -0.78 -6.66 3.68
CA LEU A 29 -1.35 -7.33 2.52
C LEU A 29 -2.16 -8.55 2.93
N LEU A 30 -1.48 -9.54 3.50
CA LEU A 30 -2.14 -10.77 3.95
C LEU A 30 -3.35 -10.44 4.81
N GLU A 31 -3.27 -9.35 5.56
CA GLU A 31 -4.37 -8.94 6.44
C GLU A 31 -5.66 -8.81 5.64
N ASN A 32 -5.54 -8.48 4.37
CA ASN A 32 -6.71 -8.32 3.50
C ASN A 32 -6.73 -9.41 2.42
N ALA A 33 -5.91 -10.43 2.61
CA ALA A 33 -5.85 -11.54 1.65
C ALA A 33 -5.18 -11.10 0.35
N MET A 34 -4.02 -10.46 0.48
CA MET A 34 -3.29 -9.99 -0.69
C MET A 34 -1.86 -10.51 -0.69
N PRO A 35 -1.71 -11.84 -0.47
CA PRO A 35 -0.40 -12.49 -0.43
C PRO A 35 0.25 -12.55 -1.81
N GLU A 36 -0.51 -12.22 -2.83
CA GLU A 36 0.00 -12.22 -4.20
C GLU A 36 0.92 -11.03 -4.45
N TYR A 37 0.68 -9.95 -3.72
CA TYR A 37 1.48 -8.74 -3.87
C TYR A 37 2.65 -8.74 -2.89
N CYS A 38 2.63 -9.68 -1.95
CA CYS A 38 3.68 -9.79 -0.96
C CYS A 38 5.04 -10.02 -1.63
N GLU A 39 5.03 -10.80 -2.71
CA GLU A 39 6.26 -11.08 -3.44
C GLU A 39 6.91 -9.80 -3.96
N PRO A 40 6.17 -9.06 -4.80
CA PRO A 40 6.66 -7.81 -5.37
C PRO A 40 6.78 -6.70 -4.34
N LEU A 41 6.11 -6.88 -3.20
CA LEU A 41 6.14 -5.89 -2.13
C LEU A 41 6.97 -6.39 -0.96
N GLU A 42 7.68 -7.49 -1.17
CA GLU A 42 8.53 -8.07 -0.12
C GLU A 42 9.49 -7.02 0.44
N HIS A 43 10.09 -6.24 -0.45
CA HIS A 43 11.03 -5.20 -0.03
C HIS A 43 10.44 -3.82 -0.28
N PHE A 44 9.11 -3.72 -0.23
CA PHE A 44 8.43 -2.45 -0.45
C PHE A 44 8.12 -1.77 0.88
N THR A 45 8.20 -0.44 0.89
CA THR A 45 7.94 0.34 2.09
C THR A 45 6.65 1.15 1.95
N GLY A 46 5.93 1.29 3.06
CA GLY A 46 4.68 2.05 3.04
C GLY A 46 4.68 3.14 1.99
N GLN A 47 5.76 3.91 1.95
CA GLN A 47 5.88 5.00 0.99
C GLN A 47 5.83 4.47 -0.44
N ASP A 48 6.65 3.47 -0.73
CA ASP A 48 6.68 2.87 -2.06
C ASP A 48 5.37 2.18 -2.39
N LEU A 49 4.77 1.55 -1.39
CA LEU A 49 3.50 0.84 -1.57
C LEU A 49 2.42 1.81 -2.03
N ILE A 50 2.23 2.89 -1.29
CA ILE A 50 1.23 3.89 -1.62
C ILE A 50 1.57 4.60 -2.93
N ASN A 51 2.84 4.52 -3.32
CA ASN A 51 3.29 5.15 -4.56
C ASN A 51 2.95 4.29 -5.77
N LEU A 52 2.20 3.22 -5.53
CA LEU A 52 1.80 2.31 -6.60
C LEU A 52 0.57 2.85 -7.35
N THR A 53 0.61 2.79 -8.67
CA THR A 53 -0.49 3.26 -9.49
C THR A 53 -0.81 2.27 -10.60
N GLN A 54 -1.94 2.48 -11.26
CA GLN A 54 -2.37 1.60 -12.35
C GLN A 54 -1.29 1.51 -13.42
N GLU A 55 -0.43 2.51 -13.48
CA GLU A 55 0.65 2.54 -14.47
C GLU A 55 1.78 1.61 -14.06
N ASP A 56 1.84 1.26 -12.78
CA ASP A 56 2.86 0.38 -12.26
C ASP A 56 2.47 -1.08 -12.47
N PHE A 57 1.21 -1.31 -12.81
CA PHE A 57 0.71 -2.66 -13.04
C PHE A 57 1.03 -3.13 -14.46
N LYS A 58 0.70 -2.29 -15.44
CA LYS A 58 0.95 -2.62 -16.83
C LYS A 58 2.36 -3.16 -17.02
N LYS A 59 3.24 -2.86 -16.06
CA LYS A 59 4.62 -3.32 -16.11
C LYS A 59 5.03 -3.98 -14.80
N PRO A 60 6.12 -4.76 -14.85
CA PRO A 60 6.64 -5.46 -13.66
C PRO A 60 7.23 -4.50 -12.64
N PRO A 61 7.47 -5.01 -11.43
CA PRO A 61 7.19 -6.42 -11.08
C PRO A 61 5.69 -6.69 -11.02
N LEU A 62 4.92 -5.69 -10.62
CA LEU A 62 3.47 -5.83 -10.51
C LEU A 62 2.84 -5.98 -11.89
N TYR A 63 2.50 -7.21 -12.26
CA TYR A 63 1.90 -7.49 -13.55
C TYR A 63 1.02 -8.74 -13.48
N ARG A 64 -0.19 -8.65 -14.02
CA ARG A 64 -1.11 -9.78 -14.02
C ARG A 64 -1.11 -10.49 -12.67
N VAL A 65 -0.75 -9.75 -11.61
CA VAL A 65 -0.70 -10.31 -10.27
C VAL A 65 -2.08 -10.74 -9.80
N SER A 66 -3.09 -9.98 -10.20
CA SER A 66 -4.47 -10.27 -9.82
C SER A 66 -5.37 -10.32 -11.04
N SER A 67 -6.42 -11.12 -10.96
CA SER A 67 -7.37 -11.27 -12.06
C SER A 67 -8.29 -10.05 -12.16
N ASP A 68 -8.13 -9.13 -11.22
CA ASP A 68 -8.94 -7.92 -11.18
C ASP A 68 -8.21 -6.75 -11.82
N ASN A 69 -7.26 -7.05 -12.70
CA ASN A 69 -6.47 -6.03 -13.37
C ASN A 69 -5.74 -5.15 -12.35
N GLY A 70 -5.46 -5.72 -11.19
CA GLY A 70 -4.75 -4.98 -10.16
C GLY A 70 -5.62 -3.91 -9.54
N GLN A 71 -6.93 -4.13 -9.52
CA GLN A 71 -7.87 -3.17 -8.95
C GLN A 71 -7.97 -3.34 -7.44
N ARG A 72 -8.20 -4.57 -7.00
CA ARG A 72 -8.32 -4.86 -5.58
C ARG A 72 -7.27 -4.11 -4.77
N LEU A 73 -6.01 -4.27 -5.17
CA LEU A 73 -4.90 -3.60 -4.48
C LEU A 73 -5.06 -2.08 -4.54
N LEU A 74 -5.08 -1.54 -5.75
CA LEU A 74 -5.23 -0.10 -5.94
C LEU A 74 -6.28 0.47 -4.98
N ASP A 75 -7.38 -0.26 -4.82
CA ASP A 75 -8.46 0.17 -3.94
C ASP A 75 -8.01 0.12 -2.47
N MET A 76 -7.29 -0.93 -2.12
CA MET A 76 -6.80 -1.11 -0.76
C MET A 76 -5.75 -0.07 -0.42
N ILE A 77 -4.98 0.35 -1.44
CA ILE A 77 -3.93 1.35 -1.24
C ILE A 77 -4.51 2.76 -1.27
N GLU A 78 -5.46 2.98 -2.18
CA GLU A 78 -6.10 4.29 -2.31
C GLU A 78 -6.47 4.86 -0.95
N THR A 79 -6.97 3.99 -0.07
CA THR A 79 -7.37 4.40 1.27
C THR A 79 -6.15 4.77 2.11
N LEU A 80 -5.02 4.16 1.81
CA LEU A 80 -3.77 4.43 2.53
C LEU A 80 -3.27 5.85 2.25
N LYS A 81 -3.63 6.37 1.08
CA LYS A 81 -3.21 7.71 0.69
C LYS A 81 -4.15 8.77 1.27
N MET A 82 -5.43 8.68 0.90
CA MET A 82 -6.43 9.62 1.39
C MET A 82 -6.18 9.97 2.85
N GLU A 83 -5.57 9.03 3.58
CA GLU A 83 -5.28 9.24 5.00
C GLU A 83 -4.11 10.21 5.18
N HIS A 84 -3.03 9.96 4.47
CA HIS A 84 -1.84 10.80 4.55
C HIS A 84 -2.17 12.24 4.15
N HIS A 85 -1.25 13.15 4.40
CA HIS A 85 -1.44 14.57 4.06
C HIS A 85 -1.25 14.79 2.57
N MET A 86 -1.99 14.04 1.76
CA MET A 86 -1.89 14.17 0.31
C MET A 86 -2.79 15.29 -0.20
N GLU A 87 -2.20 16.23 -0.92
CA GLU A 87 -2.96 17.35 -1.47
C GLU A 87 -4.03 16.87 -2.45
N ALA A 88 -5.18 16.50 -1.92
CA ALA A 88 -6.29 16.03 -2.75
C ALA A 88 -7.11 17.19 -3.30
N HIS A 89 -7.75 17.93 -2.40
CA HIS A 89 -8.57 19.07 -2.78
C HIS A 89 -7.69 20.20 -3.32
N LYS A 90 -7.90 20.56 -4.58
CA LYS A 90 -7.13 21.63 -5.21
C LYS A 90 -7.66 23.00 -4.79
N ASN A 91 -6.76 23.98 -4.76
CA ASN A 91 -7.13 25.34 -4.37
C ASN A 91 -7.29 26.24 -5.59
N SER A 92 -8.49 26.75 -5.80
CA SER A 92 -8.77 27.62 -6.94
C SER A 92 -9.10 29.04 -6.47
N GLY A 93 -8.36 30.01 -6.98
CA GLY A 93 -8.58 31.40 -6.61
C GLY A 93 -8.99 32.26 -7.79
N PRO A 94 -9.92 33.19 -7.55
CA PRO A 94 -10.42 34.10 -8.59
C PRO A 94 -9.37 35.12 -9.01
N SER A 95 -8.29 35.21 -8.23
CA SER A 95 -7.22 36.16 -8.52
C SER A 95 -6.07 35.47 -9.25
N SER A 96 -5.98 35.72 -10.54
CA SER A 96 -4.93 35.11 -11.37
C SER A 96 -4.08 36.19 -12.03
N GLY A 97 -2.78 36.18 -11.73
CA GLY A 97 -1.87 37.16 -12.30
C GLY A 97 -1.53 38.27 -11.33
N GLY A 1 11.76 -3.83 10.19
CA GLY A 1 11.32 -3.59 11.56
C GLY A 1 12.08 -2.45 12.21
N SER A 2 11.71 -1.22 11.86
CA SER A 2 12.35 -0.04 12.41
C SER A 2 12.73 -0.25 13.87
N SER A 3 11.78 -0.78 14.65
CA SER A 3 12.00 -1.03 16.06
C SER A 3 12.51 -2.45 16.29
N GLY A 4 11.72 -3.43 15.83
CA GLY A 4 12.12 -4.81 16.00
C GLY A 4 11.39 -5.74 15.03
N SER A 5 11.53 -7.04 15.25
CA SER A 5 10.89 -8.02 14.39
C SER A 5 9.36 -7.93 14.50
N SER A 6 8.67 -8.63 13.61
CA SER A 6 7.20 -8.63 13.60
C SER A 6 6.66 -9.67 14.58
N GLY A 7 6.44 -9.25 15.82
CA GLY A 7 5.93 -10.15 16.83
C GLY A 7 4.47 -9.86 17.17
N MET A 8 4.25 -8.88 18.03
CA MET A 8 2.90 -8.50 18.44
C MET A 8 2.59 -7.07 18.05
N LEU A 9 3.42 -6.14 18.51
CA LEU A 9 3.24 -4.72 18.22
C LEU A 9 3.58 -4.42 16.76
N SER A 10 2.78 -3.56 16.13
CA SER A 10 3.01 -3.19 14.74
C SER A 10 2.38 -1.84 14.43
N ALA A 11 2.76 -1.25 13.29
CA ALA A 11 2.23 0.04 12.88
C ALA A 11 0.71 -0.01 12.72
N ARG A 12 0.00 0.23 13.82
CA ARG A 12 -1.46 0.21 13.79
C ARG A 12 -2.00 1.35 12.94
N THR A 13 -1.53 2.57 13.21
CA THR A 13 -1.98 3.74 12.47
C THR A 13 -1.58 3.64 11.00
N MET A 14 -2.34 4.32 10.15
CA MET A 14 -2.07 4.31 8.71
C MET A 14 -2.14 5.71 8.14
N LYS A 15 -2.11 6.71 9.01
CA LYS A 15 -2.15 8.11 8.60
C LYS A 15 -0.94 8.46 7.75
N GLU A 16 0.14 7.70 7.91
CA GLU A 16 1.36 7.93 7.15
C GLU A 16 1.60 6.81 6.15
N VAL A 17 1.59 5.58 6.63
CA VAL A 17 1.81 4.42 5.77
C VAL A 17 2.93 4.67 4.78
N VAL A 18 3.84 5.58 5.13
CA VAL A 18 4.96 5.92 4.26
C VAL A 18 6.29 5.54 4.90
N TYR A 19 6.39 5.79 6.21
CA TYR A 19 7.61 5.47 6.96
C TYR A 19 7.60 4.03 7.42
N TRP A 20 6.56 3.29 7.06
CA TRP A 20 6.43 1.89 7.44
C TRP A 20 7.70 1.11 7.09
N SER A 21 7.80 -0.11 7.61
CA SER A 21 8.97 -0.95 7.36
C SER A 21 8.70 -1.92 6.21
N PRO A 22 9.77 -2.54 5.70
CA PRO A 22 9.68 -3.50 4.60
C PRO A 22 9.00 -4.80 5.01
N LYS A 23 8.87 -5.00 6.32
CA LYS A 23 8.24 -6.21 6.84
C LYS A 23 6.77 -5.95 7.17
N LYS A 24 6.44 -4.69 7.44
CA LYS A 24 5.07 -4.32 7.78
C LYS A 24 4.20 -4.30 6.52
N VAL A 25 4.64 -3.55 5.51
CA VAL A 25 3.90 -3.45 4.25
C VAL A 25 3.30 -4.80 3.86
N ALA A 26 4.05 -5.87 4.11
CA ALA A 26 3.59 -7.22 3.78
C ALA A 26 2.41 -7.62 4.66
N ASP A 27 2.62 -7.61 5.96
CA ASP A 27 1.57 -7.98 6.91
C ASP A 27 0.24 -7.35 6.51
N TRP A 28 0.30 -6.12 6.01
CA TRP A 28 -0.90 -5.40 5.59
C TRP A 28 -1.58 -6.11 4.43
N LEU A 29 -0.77 -6.68 3.54
CA LEU A 29 -1.30 -7.39 2.37
C LEU A 29 -2.07 -8.64 2.80
N LEU A 30 -1.35 -9.59 3.40
CA LEU A 30 -1.97 -10.83 3.85
C LEU A 30 -3.18 -10.55 4.73
N GLU A 31 -3.11 -9.47 5.49
CA GLU A 31 -4.21 -9.08 6.38
C GLU A 31 -5.51 -8.92 5.59
N ASN A 32 -5.39 -8.63 4.30
CA ASN A 32 -6.55 -8.44 3.44
C ASN A 32 -6.58 -9.50 2.35
N ALA A 33 -5.83 -10.59 2.54
CA ALA A 33 -5.78 -11.68 1.58
C ALA A 33 -5.11 -11.23 0.29
N MET A 34 -3.97 -10.57 0.41
CA MET A 34 -3.23 -10.10 -0.75
C MET A 34 -1.81 -10.66 -0.77
N PRO A 35 -1.70 -11.98 -0.61
CA PRO A 35 -0.41 -12.67 -0.61
C PRO A 35 0.25 -12.69 -1.98
N GLU A 36 -0.49 -12.23 -2.98
CA GLU A 36 0.03 -12.19 -4.36
C GLU A 36 0.91 -10.96 -4.56
N TYR A 37 0.66 -9.91 -3.78
CA TYR A 37 1.43 -8.68 -3.88
C TYR A 37 2.58 -8.67 -2.87
N CYS A 38 2.56 -9.63 -1.95
CA CYS A 38 3.59 -9.73 -0.93
C CYS A 38 4.96 -9.94 -1.57
N GLU A 39 5.00 -10.73 -2.63
CA GLU A 39 6.24 -11.02 -3.32
C GLU A 39 6.87 -9.74 -3.87
N PRO A 40 6.13 -9.03 -4.72
CA PRO A 40 6.59 -7.78 -5.34
C PRO A 40 6.68 -6.64 -4.32
N LEU A 41 5.98 -6.81 -3.20
CA LEU A 41 5.99 -5.78 -2.15
C LEU A 41 6.83 -6.24 -0.95
N GLU A 42 7.48 -7.39 -1.10
CA GLU A 42 8.31 -7.93 -0.03
C GLU A 42 9.30 -6.88 0.48
N HIS A 43 9.99 -6.24 -0.45
CA HIS A 43 10.96 -5.21 -0.10
C HIS A 43 10.40 -3.81 -0.35
N PHE A 44 9.08 -3.69 -0.27
CA PHE A 44 8.41 -2.41 -0.49
C PHE A 44 8.11 -1.72 0.84
N THR A 45 8.21 -0.40 0.85
CA THR A 45 7.95 0.38 2.06
C THR A 45 6.65 1.16 1.93
N GLY A 46 5.95 1.32 3.06
CA GLY A 46 4.70 2.04 3.04
C GLY A 46 4.68 3.17 2.04
N GLN A 47 5.79 3.88 1.93
CA GLN A 47 5.90 5.00 0.99
C GLN A 47 5.85 4.50 -0.45
N ASP A 48 6.67 3.50 -0.75
CA ASP A 48 6.70 2.93 -2.10
C ASP A 48 5.38 2.25 -2.44
N LEU A 49 4.81 1.57 -1.47
CA LEU A 49 3.54 0.87 -1.67
C LEU A 49 2.45 1.84 -2.08
N ILE A 50 2.32 2.94 -1.34
CA ILE A 50 1.31 3.95 -1.64
C ILE A 50 1.59 4.64 -2.95
N ASN A 51 2.86 4.59 -3.38
CA ASN A 51 3.27 5.22 -4.64
C ASN A 51 2.97 4.31 -5.82
N LEU A 52 2.13 3.30 -5.59
CA LEU A 52 1.76 2.36 -6.64
C LEU A 52 0.53 2.86 -7.41
N THR A 53 0.60 2.77 -8.73
CA THR A 53 -0.50 3.21 -9.58
C THR A 53 -0.81 2.17 -10.65
N GLN A 54 -1.96 2.33 -11.30
CA GLN A 54 -2.37 1.40 -12.35
C GLN A 54 -1.26 1.21 -13.37
N GLU A 55 -0.50 2.26 -13.62
CA GLU A 55 0.61 2.20 -14.57
C GLU A 55 1.68 1.23 -14.09
N ASP A 56 1.87 1.18 -12.78
CA ASP A 56 2.87 0.29 -12.19
C ASP A 56 2.52 -1.17 -12.43
N PHE A 57 1.24 -1.43 -12.65
CA PHE A 57 0.76 -2.79 -12.89
C PHE A 57 1.09 -3.24 -14.31
N LYS A 58 1.06 -2.30 -15.25
CA LYS A 58 1.36 -2.60 -16.64
C LYS A 58 2.76 -3.18 -16.79
N LYS A 59 3.63 -2.88 -15.82
CA LYS A 59 5.00 -3.37 -15.83
C LYS A 59 5.34 -4.07 -14.52
N PRO A 60 6.42 -4.86 -14.54
CA PRO A 60 6.87 -5.60 -13.35
C PRO A 60 7.45 -4.67 -12.28
N PRO A 61 7.61 -5.20 -11.07
CA PRO A 61 7.25 -6.60 -10.76
C PRO A 61 5.75 -6.83 -10.76
N LEU A 62 5.00 -5.82 -10.32
CA LEU A 62 3.55 -5.91 -10.27
C LEU A 62 2.96 -6.05 -11.68
N TYR A 63 2.59 -7.28 -12.04
CA TYR A 63 2.02 -7.54 -13.36
C TYR A 63 1.10 -8.76 -13.32
N ARG A 64 -0.10 -8.61 -13.87
CA ARG A 64 -1.06 -9.69 -13.89
C ARG A 64 -1.14 -10.39 -12.54
N VAL A 65 -0.91 -9.64 -11.47
CA VAL A 65 -0.95 -10.17 -10.12
C VAL A 65 -2.38 -10.53 -9.71
N SER A 66 -3.34 -9.77 -10.23
CA SER A 66 -4.74 -10.00 -9.91
C SER A 66 -5.55 -10.26 -11.19
N SER A 67 -6.85 -10.48 -11.01
CA SER A 67 -7.72 -10.75 -12.15
C SER A 67 -8.52 -9.49 -12.52
N ASP A 68 -8.55 -8.52 -11.61
CA ASP A 68 -9.27 -7.28 -11.84
C ASP A 68 -8.32 -6.18 -12.29
N ASN A 69 -7.30 -6.56 -13.06
CA ASN A 69 -6.32 -5.60 -13.56
C ASN A 69 -5.67 -4.84 -12.41
N GLY A 70 -5.36 -5.55 -11.33
CA GLY A 70 -4.74 -4.92 -10.18
C GLY A 70 -5.63 -3.87 -9.55
N GLN A 71 -6.92 -4.15 -9.48
CA GLN A 71 -7.88 -3.21 -8.90
C GLN A 71 -7.93 -3.36 -7.39
N ARG A 72 -8.26 -4.55 -6.92
CA ARG A 72 -8.35 -4.82 -5.49
C ARG A 72 -7.28 -4.04 -4.73
N LEU A 73 -6.03 -4.25 -5.10
CA LEU A 73 -4.91 -3.57 -4.45
C LEU A 73 -5.05 -2.06 -4.55
N LEU A 74 -5.00 -1.54 -5.78
CA LEU A 74 -5.13 -0.11 -6.02
C LEU A 74 -6.17 0.50 -5.09
N ASP A 75 -7.28 -0.20 -4.91
CA ASP A 75 -8.36 0.27 -4.05
C ASP A 75 -7.93 0.22 -2.58
N MET A 76 -7.27 -0.87 -2.19
CA MET A 76 -6.81 -1.04 -0.83
C MET A 76 -5.78 0.02 -0.46
N ILE A 77 -5.02 0.46 -1.45
CA ILE A 77 -3.99 1.47 -1.23
C ILE A 77 -4.59 2.87 -1.27
N GLU A 78 -5.40 3.13 -2.30
CA GLU A 78 -6.03 4.43 -2.46
C GLU A 78 -6.39 5.04 -1.11
N THR A 79 -6.99 4.24 -0.24
CA THR A 79 -7.37 4.70 1.08
C THR A 79 -6.15 5.03 1.93
N LEU A 80 -5.13 4.18 1.84
CA LEU A 80 -3.90 4.38 2.61
C LEU A 80 -3.33 5.78 2.37
N LYS A 81 -3.74 6.40 1.26
CA LYS A 81 -3.28 7.74 0.92
C LYS A 81 -4.21 8.80 1.53
N MET A 82 -5.48 8.73 1.17
CA MET A 82 -6.47 9.68 1.68
C MET A 82 -6.19 10.02 3.13
N GLU A 83 -5.78 9.02 3.91
CA GLU A 83 -5.47 9.22 5.33
C GLU A 83 -4.39 10.27 5.51
N HIS A 84 -3.30 10.11 4.76
CA HIS A 84 -2.17 11.05 4.85
C HIS A 84 -2.60 12.44 4.41
N HIS A 85 -1.89 13.45 4.89
CA HIS A 85 -2.19 14.84 4.54
C HIS A 85 -1.66 15.18 3.16
N MET A 86 -1.89 14.28 2.20
CA MET A 86 -1.44 14.49 0.83
C MET A 86 -2.29 15.54 0.12
N GLU A 87 -1.95 16.81 0.33
CA GLU A 87 -2.70 17.91 -0.29
C GLU A 87 -4.18 17.57 -0.39
N ALA A 88 -4.71 16.93 0.65
CA ALA A 88 -6.11 16.54 0.67
C ALA A 88 -6.97 17.63 1.35
N HIS A 89 -8.28 17.53 1.17
CA HIS A 89 -9.20 18.49 1.76
C HIS A 89 -10.10 17.82 2.80
N LYS A 90 -10.77 16.75 2.38
CA LYS A 90 -11.66 16.02 3.27
C LYS A 90 -10.95 14.82 3.89
N ASN A 91 -10.97 14.74 5.22
CA ASN A 91 -10.32 13.65 5.93
C ASN A 91 -11.36 12.70 6.52
N SER A 92 -11.01 11.42 6.61
CA SER A 92 -11.91 10.42 7.16
C SER A 92 -11.81 10.38 8.68
N GLY A 93 -12.71 11.11 9.35
CA GLY A 93 -12.71 11.15 10.80
C GLY A 93 -13.93 11.85 11.35
N PRO A 94 -14.40 11.40 12.53
CA PRO A 94 -15.58 11.97 13.18
C PRO A 94 -15.30 13.37 13.73
N SER A 95 -14.10 13.87 13.49
CA SER A 95 -13.72 15.20 13.95
C SER A 95 -14.89 16.17 13.88
N SER A 96 -15.65 16.10 12.78
CA SER A 96 -16.81 16.96 12.59
C SER A 96 -18.05 16.34 13.20
N GLY A 97 -18.36 16.71 14.44
CA GLY A 97 -19.53 16.17 15.10
C GLY A 97 -20.55 17.25 15.44
N GLY A 1 -16.70 7.49 18.16
CA GLY A 1 -16.57 7.73 19.59
C GLY A 1 -15.59 6.77 20.24
N SER A 2 -14.30 7.04 20.07
CA SER A 2 -13.26 6.20 20.64
C SER A 2 -12.62 6.88 21.85
N SER A 3 -12.83 6.32 23.03
CA SER A 3 -12.26 6.87 24.25
C SER A 3 -12.14 5.79 25.33
N GLY A 4 -11.17 5.97 26.22
CA GLY A 4 -10.97 5.01 27.29
C GLY A 4 -9.50 4.78 27.59
N SER A 5 -9.07 3.53 27.47
CA SER A 5 -7.68 3.17 27.73
C SER A 5 -6.93 2.93 26.43
N SER A 6 -6.64 4.01 25.71
CA SER A 6 -5.93 3.91 24.44
C SER A 6 -4.47 3.54 24.66
N GLY A 7 -4.19 2.24 24.77
CA GLY A 7 -2.83 1.78 24.99
C GLY A 7 -2.10 1.50 23.69
N MET A 8 -2.08 0.24 23.29
CA MET A 8 -1.41 -0.17 22.06
C MET A 8 -2.39 -0.83 21.11
N LEU A 9 -2.46 -0.32 19.89
CA LEU A 9 -3.36 -0.86 18.87
C LEU A 9 -2.57 -1.60 17.79
N SER A 10 -2.78 -2.91 17.69
CA SER A 10 -2.09 -3.72 16.70
C SER A 10 -1.91 -2.94 15.39
N ALA A 11 -2.96 -2.25 14.98
CA ALA A 11 -2.92 -1.47 13.74
C ALA A 11 -2.19 -0.15 13.96
N ARG A 12 -0.94 -0.09 13.54
CA ARG A 12 -0.13 1.12 13.70
C ARG A 12 -0.74 2.28 12.92
N THR A 13 -0.50 3.50 13.39
CA THR A 13 -1.03 4.69 12.74
C THR A 13 -0.77 4.65 11.24
N MET A 14 -1.82 4.89 10.45
CA MET A 14 -1.70 4.89 9.01
C MET A 14 -1.57 6.31 8.46
N LYS A 15 -1.54 7.29 9.37
CA LYS A 15 -1.42 8.69 8.99
C LYS A 15 -0.25 8.89 8.05
N GLU A 16 0.78 8.06 8.19
CA GLU A 16 1.96 8.15 7.35
C GLU A 16 2.05 6.97 6.39
N VAL A 17 1.92 5.76 6.93
CA VAL A 17 1.98 4.55 6.11
C VAL A 17 3.03 4.67 5.03
N VAL A 18 4.03 5.51 5.26
CA VAL A 18 5.10 5.72 4.30
C VAL A 18 6.44 5.28 4.87
N TYR A 19 6.66 5.57 6.14
CA TYR A 19 7.91 5.21 6.81
C TYR A 19 7.86 3.76 7.31
N TRP A 20 6.80 3.05 6.93
CA TRP A 20 6.63 1.66 7.33
C TRP A 20 7.88 0.85 7.01
N SER A 21 7.94 -0.37 7.54
CA SER A 21 9.08 -1.25 7.31
C SER A 21 8.79 -2.24 6.20
N PRO A 22 9.84 -2.92 5.71
CA PRO A 22 9.73 -3.91 4.64
C PRO A 22 9.01 -5.18 5.10
N LYS A 23 8.87 -5.33 6.42
CA LYS A 23 8.21 -6.49 6.98
C LYS A 23 6.75 -6.18 7.30
N LYS A 24 6.44 -4.90 7.44
CA LYS A 24 5.08 -4.47 7.73
C LYS A 24 4.22 -4.44 6.48
N VAL A 25 4.69 -3.71 5.46
CA VAL A 25 3.98 -3.62 4.20
C VAL A 25 3.36 -4.96 3.80
N ALA A 26 4.07 -6.03 4.09
CA ALA A 26 3.60 -7.37 3.77
C ALA A 26 2.37 -7.74 4.61
N ASP A 27 2.54 -7.70 5.92
CA ASP A 27 1.45 -8.03 6.84
C ASP A 27 0.16 -7.34 6.43
N TRP A 28 0.30 -6.10 5.95
CA TRP A 28 -0.86 -5.32 5.51
C TRP A 28 -1.54 -5.98 4.32
N LEU A 29 -0.75 -6.66 3.50
CA LEU A 29 -1.29 -7.33 2.32
C LEU A 29 -2.05 -8.60 2.71
N LEU A 30 -1.45 -9.41 3.57
CA LEU A 30 -2.07 -10.64 4.03
C LEU A 30 -3.28 -10.35 4.92
N GLU A 31 -3.21 -9.24 5.65
CA GLU A 31 -4.30 -8.85 6.53
C GLU A 31 -5.61 -8.66 5.75
N ASN A 32 -5.47 -8.50 4.43
CA ASN A 32 -6.64 -8.31 3.57
C ASN A 32 -6.67 -9.37 2.47
N ALA A 33 -5.95 -10.46 2.69
CA ALA A 33 -5.90 -11.55 1.72
C ALA A 33 -5.28 -11.08 0.40
N MET A 34 -4.11 -10.48 0.49
CA MET A 34 -3.42 -9.98 -0.70
C MET A 34 -1.98 -10.51 -0.75
N PRO A 35 -1.82 -11.82 -0.53
CA PRO A 35 -0.51 -12.47 -0.54
C PRO A 35 0.09 -12.54 -1.94
N GLU A 36 -0.73 -12.26 -2.95
CA GLU A 36 -0.29 -12.29 -4.33
C GLU A 36 0.61 -11.10 -4.64
N TYR A 37 0.40 -10.01 -3.91
CA TYR A 37 1.18 -8.79 -4.11
C TYR A 37 2.40 -8.77 -3.17
N CYS A 38 2.43 -9.70 -2.24
CA CYS A 38 3.54 -9.79 -1.29
C CYS A 38 4.87 -9.98 -2.01
N GLU A 39 4.86 -10.85 -3.02
CA GLU A 39 6.06 -11.12 -3.80
C GLU A 39 6.68 -9.83 -4.32
N PRO A 40 5.91 -9.09 -5.13
CA PRO A 40 6.35 -7.82 -5.71
C PRO A 40 6.48 -6.72 -4.66
N LEU A 41 5.81 -6.90 -3.53
CA LEU A 41 5.86 -5.93 -2.45
C LEU A 41 6.65 -6.46 -1.26
N GLU A 42 7.48 -7.45 -1.52
CA GLU A 42 8.31 -8.05 -0.46
C GLU A 42 9.22 -7.01 0.17
N HIS A 43 9.94 -6.28 -0.67
CA HIS A 43 10.85 -5.24 -0.19
C HIS A 43 10.27 -3.85 -0.40
N PHE A 44 8.95 -3.75 -0.31
CA PHE A 44 8.25 -2.48 -0.49
C PHE A 44 7.96 -1.83 0.86
N THR A 45 8.11 -0.51 0.91
CA THR A 45 7.86 0.23 2.14
C THR A 45 6.59 1.08 2.02
N GLY A 46 5.90 1.26 3.15
CA GLY A 46 4.68 2.04 3.15
C GLY A 46 4.72 3.17 2.14
N GLN A 47 5.90 3.78 1.98
CA GLN A 47 6.06 4.89 1.05
C GLN A 47 5.95 4.40 -0.39
N ASP A 48 6.74 3.40 -0.74
CA ASP A 48 6.72 2.84 -2.09
C ASP A 48 5.37 2.18 -2.39
N LEU A 49 4.77 1.59 -1.37
CA LEU A 49 3.48 0.93 -1.53
C LEU A 49 2.41 1.92 -1.97
N ILE A 50 2.27 3.01 -1.22
CA ILE A 50 1.29 4.03 -1.54
C ILE A 50 1.60 4.71 -2.86
N ASN A 51 2.85 4.58 -3.30
CA ASN A 51 3.29 5.18 -4.56
C ASN A 51 2.96 4.27 -5.74
N LEU A 52 2.08 3.29 -5.50
CA LEU A 52 1.69 2.36 -6.54
C LEU A 52 0.48 2.88 -7.32
N THR A 53 0.54 2.77 -8.64
CA THR A 53 -0.55 3.24 -9.49
C THR A 53 -0.86 2.21 -10.58
N GLN A 54 -2.07 2.29 -11.13
CA GLN A 54 -2.49 1.38 -12.19
C GLN A 54 -1.39 1.20 -13.23
N GLU A 55 -0.72 2.29 -13.58
CA GLU A 55 0.35 2.25 -14.56
C GLU A 55 1.48 1.33 -14.09
N ASP A 56 1.70 1.30 -12.79
CA ASP A 56 2.75 0.45 -12.22
C ASP A 56 2.43 -1.02 -12.42
N PHE A 57 1.15 -1.33 -12.58
CA PHE A 57 0.71 -2.70 -12.79
C PHE A 57 1.08 -3.19 -14.18
N LYS A 58 0.90 -2.31 -15.18
CA LYS A 58 1.21 -2.65 -16.55
C LYS A 58 2.60 -3.27 -16.67
N LYS A 59 3.51 -2.81 -15.82
CA LYS A 59 4.88 -3.33 -15.82
C LYS A 59 5.22 -3.99 -14.48
N PRO A 60 6.28 -4.80 -14.48
CA PRO A 60 6.74 -5.50 -13.28
C PRO A 60 7.32 -4.55 -12.22
N PRO A 61 7.51 -5.07 -11.00
CA PRO A 61 7.19 -6.45 -10.67
C PRO A 61 5.68 -6.70 -10.65
N LEU A 62 4.92 -5.69 -10.28
CA LEU A 62 3.46 -5.80 -10.22
C LEU A 62 2.87 -5.92 -11.62
N TYR A 63 2.53 -7.15 -12.01
CA TYR A 63 1.95 -7.41 -13.32
C TYR A 63 1.07 -8.65 -13.29
N ARG A 64 -0.10 -8.55 -13.92
CA ARG A 64 -1.04 -9.67 -13.98
C ARG A 64 -1.06 -10.42 -12.64
N VAL A 65 -0.94 -9.67 -11.54
CA VAL A 65 -0.95 -10.26 -10.21
C VAL A 65 -2.30 -10.90 -9.91
N SER A 66 -3.37 -10.26 -10.34
CA SER A 66 -4.72 -10.77 -10.11
C SER A 66 -5.60 -10.54 -11.33
N SER A 67 -6.77 -11.16 -11.33
CA SER A 67 -7.71 -11.03 -12.44
C SER A 67 -8.63 -9.83 -12.24
N ASP A 68 -8.10 -8.80 -11.58
CA ASP A 68 -8.87 -7.59 -11.31
C ASP A 68 -8.15 -6.36 -11.85
N ASN A 69 -7.34 -6.56 -12.87
CA ASN A 69 -6.58 -5.47 -13.48
C ASN A 69 -5.90 -4.63 -12.41
N GLY A 70 -5.36 -5.29 -11.40
CA GLY A 70 -4.68 -4.58 -10.32
C GLY A 70 -5.58 -3.57 -9.64
N GLN A 71 -6.84 -3.93 -9.46
CA GLN A 71 -7.81 -3.04 -8.83
C GLN A 71 -7.85 -3.27 -7.32
N ARG A 72 -8.10 -4.51 -6.92
CA ARG A 72 -8.17 -4.86 -5.51
C ARG A 72 -7.10 -4.10 -4.71
N LEU A 73 -5.87 -4.20 -5.15
CA LEU A 73 -4.76 -3.53 -4.47
C LEU A 73 -4.91 -2.01 -4.55
N LEU A 74 -5.01 -1.49 -5.76
CA LEU A 74 -5.15 -0.06 -5.97
C LEU A 74 -6.19 0.53 -5.01
N ASP A 75 -7.29 -0.18 -4.83
CA ASP A 75 -8.35 0.26 -3.93
C ASP A 75 -7.88 0.23 -2.48
N MET A 76 -7.19 -0.85 -2.11
CA MET A 76 -6.69 -1.00 -0.75
C MET A 76 -5.65 0.08 -0.44
N ILE A 77 -4.86 0.44 -1.45
CA ILE A 77 -3.83 1.46 -1.27
C ILE A 77 -4.44 2.86 -1.31
N GLU A 78 -5.37 3.07 -2.22
CA GLU A 78 -6.03 4.37 -2.36
C GLU A 78 -6.49 4.89 -0.99
N THR A 79 -6.87 3.97 -0.11
CA THR A 79 -7.32 4.35 1.23
C THR A 79 -6.16 4.75 2.11
N LEU A 80 -4.98 4.22 1.81
CA LEU A 80 -3.78 4.53 2.59
C LEU A 80 -3.32 5.96 2.33
N LYS A 81 -3.60 6.46 1.13
CA LYS A 81 -3.21 7.82 0.76
C LYS A 81 -4.24 8.83 1.28
N MET A 82 -5.48 8.70 0.81
CA MET A 82 -6.55 9.60 1.22
C MET A 82 -6.38 10.01 2.68
N GLU A 83 -6.02 9.05 3.53
CA GLU A 83 -5.83 9.32 4.95
C GLU A 83 -4.58 10.18 5.18
N HIS A 84 -3.50 9.84 4.48
CA HIS A 84 -2.25 10.58 4.61
C HIS A 84 -2.47 12.07 4.33
N HIS A 85 -1.44 12.87 4.59
CA HIS A 85 -1.52 14.31 4.38
C HIS A 85 -1.31 14.66 2.91
N MET A 86 -1.98 13.90 2.03
CA MET A 86 -1.86 14.13 0.60
C MET A 86 -3.20 13.89 -0.10
N GLU A 87 -3.36 14.50 -1.26
CA GLU A 87 -4.60 14.36 -2.04
C GLU A 87 -5.82 14.56 -1.13
N ALA A 88 -5.68 15.41 -0.13
CA ALA A 88 -6.77 15.69 0.79
C ALA A 88 -7.44 17.02 0.47
N HIS A 89 -8.61 17.26 1.07
CA HIS A 89 -9.35 18.48 0.84
C HIS A 89 -9.70 18.65 -0.64
N LYS A 90 -10.17 17.56 -1.25
CA LYS A 90 -10.53 17.58 -2.66
C LYS A 90 -12.00 17.20 -2.85
N ASN A 91 -12.85 17.66 -1.93
CA ASN A 91 -14.27 17.37 -2.00
C ASN A 91 -15.09 18.65 -2.09
N SER A 92 -16.19 18.61 -2.84
CA SER A 92 -17.05 19.77 -3.01
C SER A 92 -17.41 20.38 -1.66
N GLY A 93 -17.85 19.54 -0.73
CA GLY A 93 -18.21 20.01 0.60
C GLY A 93 -18.55 18.88 1.54
N PRO A 94 -19.64 18.17 1.24
CA PRO A 94 -20.10 17.04 2.07
C PRO A 94 -19.17 15.84 1.98
N SER A 95 -19.50 14.78 2.70
CA SER A 95 -18.69 13.56 2.70
C SER A 95 -17.20 13.90 2.74
N SER A 96 -16.84 14.89 3.56
CA SER A 96 -15.45 15.32 3.68
C SER A 96 -14.53 14.12 3.84
N GLY A 97 -13.89 13.72 2.75
CA GLY A 97 -12.99 12.58 2.78
C GLY A 97 -12.53 12.16 1.40
N GLY A 1 9.75 -13.70 32.46
CA GLY A 1 8.34 -14.06 32.55
C GLY A 1 7.78 -14.57 31.25
N SER A 2 7.35 -15.84 31.23
CA SER A 2 6.80 -16.45 30.03
C SER A 2 5.41 -15.89 29.73
N SER A 3 5.35 -14.94 28.80
CA SER A 3 4.08 -14.32 28.43
C SER A 3 4.03 -14.06 26.93
N GLY A 4 2.82 -14.01 26.38
CA GLY A 4 2.66 -13.78 24.96
C GLY A 4 2.71 -12.30 24.62
N SER A 5 2.49 -11.97 23.34
CA SER A 5 2.52 -10.59 22.88
C SER A 5 1.11 -10.11 22.53
N SER A 6 0.15 -10.48 23.36
CA SER A 6 -1.24 -10.08 23.13
C SER A 6 -1.34 -8.60 22.81
N GLY A 7 -1.64 -8.29 21.55
CA GLY A 7 -1.76 -6.91 21.13
C GLY A 7 -1.30 -6.70 19.70
N MET A 8 -1.99 -5.81 18.98
CA MET A 8 -1.64 -5.52 17.59
C MET A 8 -0.67 -4.35 17.51
N LEU A 9 0.60 -4.65 17.26
CA LEU A 9 1.64 -3.63 17.15
C LEU A 9 1.89 -3.26 15.69
N SER A 10 2.08 -4.27 14.85
CA SER A 10 2.33 -4.06 13.43
C SER A 10 1.44 -2.96 12.89
N ALA A 11 0.13 -3.09 13.10
CA ALA A 11 -0.83 -2.10 12.63
C ALA A 11 -1.21 -1.13 13.74
N ARG A 12 -0.51 0.01 13.80
CA ARG A 12 -0.77 1.01 14.82
C ARG A 12 -1.47 2.23 14.21
N THR A 13 -1.02 2.62 13.02
CA THR A 13 -1.58 3.78 12.33
C THR A 13 -1.31 3.72 10.84
N MET A 14 -2.06 4.49 10.07
CA MET A 14 -1.90 4.53 8.62
C MET A 14 -1.82 5.97 8.12
N LYS A 15 -1.67 6.91 9.04
CA LYS A 15 -1.59 8.32 8.69
C LYS A 15 -0.38 8.58 7.79
N GLU A 16 0.70 7.85 8.04
CA GLU A 16 1.92 8.01 7.26
C GLU A 16 2.07 6.88 6.25
N VAL A 17 2.01 5.65 6.74
CA VAL A 17 2.14 4.47 5.89
C VAL A 17 3.24 4.66 4.85
N VAL A 18 4.19 5.53 5.16
CA VAL A 18 5.30 5.81 4.26
C VAL A 18 6.64 5.41 4.87
N TYR A 19 6.77 5.67 6.16
CA TYR A 19 8.00 5.34 6.88
C TYR A 19 7.98 3.89 7.36
N TRP A 20 6.93 3.17 7.01
CA TRP A 20 6.79 1.77 7.40
C TRP A 20 8.04 0.97 7.04
N SER A 21 8.06 -0.29 7.44
CA SER A 21 9.20 -1.16 7.16
C SER A 21 8.87 -2.16 6.06
N PRO A 22 9.90 -2.84 5.54
CA PRO A 22 9.74 -3.84 4.48
C PRO A 22 9.04 -5.10 4.97
N LYS A 23 8.94 -5.24 6.29
CA LYS A 23 8.30 -6.40 6.89
C LYS A 23 6.84 -6.08 7.24
N LYS A 24 6.54 -4.80 7.41
CA LYS A 24 5.19 -4.37 7.76
C LYS A 24 4.30 -4.35 6.53
N VAL A 25 4.74 -3.65 5.49
CA VAL A 25 3.98 -3.55 4.25
C VAL A 25 3.34 -4.89 3.89
N ALA A 26 4.06 -5.97 4.15
CA ALA A 26 3.56 -7.31 3.86
C ALA A 26 2.36 -7.65 4.74
N ASP A 27 2.57 -7.63 6.05
CA ASP A 27 1.51 -7.94 7.00
C ASP A 27 0.21 -7.25 6.61
N TRP A 28 0.32 -6.04 6.07
CA TRP A 28 -0.84 -5.29 5.65
C TRP A 28 -1.55 -5.97 4.48
N LEU A 29 -0.76 -6.59 3.60
CA LEU A 29 -1.33 -7.28 2.44
C LEU A 29 -2.12 -8.50 2.88
N LEU A 30 -1.45 -9.45 3.51
CA LEU A 30 -2.11 -10.67 3.98
C LEU A 30 -3.31 -10.34 4.86
N GLU A 31 -3.22 -9.23 5.59
CA GLU A 31 -4.29 -8.80 6.47
C GLU A 31 -5.60 -8.62 5.69
N ASN A 32 -5.46 -8.33 4.39
CA ASN A 32 -6.63 -8.12 3.53
C ASN A 32 -6.70 -9.20 2.46
N ALA A 33 -5.94 -10.26 2.63
CA ALA A 33 -5.91 -11.37 1.68
C ALA A 33 -5.25 -10.94 0.37
N MET A 34 -4.06 -10.34 0.48
CA MET A 34 -3.33 -9.89 -0.70
C MET A 34 -1.91 -10.45 -0.71
N PRO A 35 -1.80 -11.77 -0.47
CA PRO A 35 -0.50 -12.46 -0.45
C PRO A 35 0.14 -12.54 -1.83
N GLU A 36 -0.62 -12.13 -2.85
CA GLU A 36 -0.12 -12.17 -4.22
C GLU A 36 0.80 -10.98 -4.50
N TYR A 37 0.61 -9.91 -3.74
CA TYR A 37 1.43 -8.71 -3.89
C TYR A 37 2.62 -8.72 -2.94
N CYS A 38 2.60 -9.66 -2.00
CA CYS A 38 3.68 -9.79 -1.03
C CYS A 38 5.02 -10.02 -1.72
N GLU A 39 4.99 -10.78 -2.81
CA GLU A 39 6.20 -11.08 -3.57
C GLU A 39 6.85 -9.80 -4.10
N PRO A 40 6.09 -9.06 -4.92
CA PRO A 40 6.56 -7.81 -5.52
C PRO A 40 6.69 -6.69 -4.49
N LEU A 41 6.04 -6.87 -3.33
CA LEU A 41 6.09 -5.88 -2.27
C LEU A 41 6.95 -6.37 -1.11
N GLU A 42 7.56 -7.54 -1.28
CA GLU A 42 8.41 -8.12 -0.25
C GLU A 42 9.42 -7.09 0.27
N HIS A 43 10.03 -6.36 -0.66
CA HIS A 43 11.01 -5.34 -0.30
C HIS A 43 10.44 -3.94 -0.51
N PHE A 44 9.12 -3.81 -0.38
CA PHE A 44 8.46 -2.53 -0.55
C PHE A 44 8.21 -1.85 0.79
N THR A 45 8.24 -0.52 0.79
CA THR A 45 8.03 0.25 2.01
C THR A 45 6.74 1.07 1.92
N GLY A 46 6.08 1.25 3.06
CA GLY A 46 4.85 2.01 3.10
C GLY A 46 4.84 3.14 2.11
N GLN A 47 6.00 3.77 1.91
CA GLN A 47 6.12 4.89 0.98
C GLN A 47 5.99 4.41 -0.47
N ASP A 48 6.73 3.35 -0.80
CA ASP A 48 6.70 2.78 -2.15
C ASP A 48 5.34 2.15 -2.43
N LEU A 49 4.79 1.49 -1.43
CA LEU A 49 3.49 0.83 -1.57
C LEU A 49 2.42 1.82 -2.02
N ILE A 50 2.32 2.94 -1.30
CA ILE A 50 1.34 3.97 -1.63
C ILE A 50 1.66 4.62 -2.97
N ASN A 51 2.91 4.50 -3.41
CA ASN A 51 3.34 5.09 -4.66
C ASN A 51 2.97 4.18 -5.83
N LEU A 52 2.11 3.19 -5.57
CA LEU A 52 1.68 2.26 -6.60
C LEU A 52 0.47 2.82 -7.35
N THR A 53 0.52 2.73 -8.68
CA THR A 53 -0.57 3.22 -9.51
C THR A 53 -0.89 2.22 -10.63
N GLN A 54 -1.99 2.47 -11.33
CA GLN A 54 -2.41 1.61 -12.42
C GLN A 54 -1.29 1.42 -13.44
N GLU A 55 -0.46 2.46 -13.60
CA GLU A 55 0.64 2.41 -14.54
C GLU A 55 1.74 1.46 -14.05
N ASP A 56 1.73 1.20 -12.75
CA ASP A 56 2.73 0.30 -12.15
C ASP A 56 2.34 -1.16 -12.36
N PHE A 57 1.10 -1.38 -12.76
CA PHE A 57 0.60 -2.73 -12.99
C PHE A 57 0.92 -3.20 -14.41
N LYS A 58 0.65 -2.33 -15.38
CA LYS A 58 0.90 -2.65 -16.79
C LYS A 58 2.35 -3.11 -16.98
N LYS A 59 3.19 -2.84 -15.99
CA LYS A 59 4.60 -3.21 -16.05
C LYS A 59 5.03 -3.92 -14.77
N PRO A 60 6.15 -4.64 -14.84
CA PRO A 60 6.70 -5.37 -13.69
C PRO A 60 7.24 -4.44 -12.62
N PRO A 61 7.44 -4.97 -11.40
CA PRO A 61 7.14 -6.38 -11.10
C PRO A 61 5.64 -6.66 -11.11
N LEU A 62 4.86 -5.74 -10.55
CA LEU A 62 3.42 -5.89 -10.49
C LEU A 62 2.82 -6.02 -11.88
N TYR A 63 2.51 -7.25 -12.27
CA TYR A 63 1.94 -7.51 -13.59
C TYR A 63 1.07 -8.77 -13.56
N ARG A 64 -0.19 -8.61 -13.96
CA ARG A 64 -1.12 -9.73 -13.98
C ARG A 64 -1.18 -10.42 -12.61
N VAL A 65 -0.89 -9.66 -11.56
CA VAL A 65 -0.92 -10.19 -10.20
C VAL A 65 -2.34 -10.55 -9.77
N SER A 66 -3.30 -9.75 -10.24
CA SER A 66 -4.70 -9.97 -9.90
C SER A 66 -5.57 -9.98 -11.16
N SER A 67 -6.61 -10.82 -11.15
CA SER A 67 -7.51 -10.92 -12.29
C SER A 67 -8.35 -9.66 -12.43
N ASP A 68 -8.19 -8.74 -11.48
CA ASP A 68 -8.94 -7.48 -11.50
C ASP A 68 -8.06 -6.35 -12.03
N ASN A 69 -7.12 -6.69 -12.89
CA ASN A 69 -6.21 -5.69 -13.46
C ASN A 69 -5.56 -4.86 -12.37
N GLY A 70 -5.33 -5.48 -11.21
CA GLY A 70 -4.71 -4.78 -10.11
C GLY A 70 -5.62 -3.72 -9.50
N GLN A 71 -6.91 -4.02 -9.45
CA GLN A 71 -7.88 -3.08 -8.89
C GLN A 71 -8.02 -3.26 -7.39
N ARG A 72 -8.07 -4.52 -6.95
CA ARG A 72 -8.20 -4.82 -5.53
C ARG A 72 -7.15 -4.07 -4.72
N LEU A 73 -5.89 -4.20 -5.12
CA LEU A 73 -4.79 -3.53 -4.43
C LEU A 73 -4.94 -2.02 -4.51
N LEU A 74 -4.98 -1.50 -5.73
CA LEU A 74 -5.12 -0.06 -5.96
C LEU A 74 -6.17 0.53 -5.02
N ASP A 75 -7.29 -0.18 -4.88
CA ASP A 75 -8.38 0.28 -4.02
C ASP A 75 -7.96 0.25 -2.55
N MET A 76 -7.31 -0.84 -2.16
CA MET A 76 -6.84 -1.00 -0.79
C MET A 76 -5.83 0.08 -0.42
N ILE A 77 -4.98 0.44 -1.36
CA ILE A 77 -3.97 1.46 -1.15
C ILE A 77 -4.57 2.86 -1.23
N GLU A 78 -5.44 3.06 -2.21
CA GLU A 78 -6.09 4.35 -2.41
C GLU A 78 -6.48 4.97 -1.06
N THR A 79 -6.91 4.12 -0.13
CA THR A 79 -7.32 4.58 1.19
C THR A 79 -6.11 4.97 2.03
N LEU A 80 -5.01 4.25 1.85
CA LEU A 80 -3.78 4.53 2.59
C LEU A 80 -3.28 5.94 2.32
N LYS A 81 -3.60 6.46 1.13
CA LYS A 81 -3.19 7.81 0.75
C LYS A 81 -4.20 8.84 1.24
N MET A 82 -5.47 8.63 0.91
CA MET A 82 -6.53 9.55 1.32
C MET A 82 -6.47 9.80 2.82
N GLU A 83 -6.06 8.78 3.58
CA GLU A 83 -5.97 8.89 5.03
C GLU A 83 -4.63 9.49 5.44
N HIS A 84 -3.70 9.54 4.50
CA HIS A 84 -2.37 10.09 4.76
C HIS A 84 -2.32 11.58 4.45
N HIS A 85 -1.42 12.29 5.10
CA HIS A 85 -1.27 13.73 4.90
C HIS A 85 -0.83 14.02 3.46
N MET A 86 -1.79 13.98 2.53
CA MET A 86 -1.49 14.24 1.13
C MET A 86 -2.14 15.55 0.68
N GLU A 87 -1.76 16.01 -0.51
CA GLU A 87 -2.31 17.24 -1.05
C GLU A 87 -3.23 16.96 -2.24
N ALA A 88 -2.93 15.89 -2.97
CA ALA A 88 -3.73 15.52 -4.13
C ALA A 88 -5.12 15.05 -3.71
N HIS A 89 -6.12 15.37 -4.53
CA HIS A 89 -7.50 14.99 -4.24
C HIS A 89 -8.06 14.11 -5.35
N LYS A 90 -8.53 12.92 -4.97
CA LYS A 90 -9.10 11.99 -5.93
C LYS A 90 -10.62 11.91 -5.79
N ASN A 91 -11.10 12.08 -4.57
CA ASN A 91 -12.53 12.03 -4.29
C ASN A 91 -13.15 13.43 -4.36
N SER A 92 -12.54 14.37 -3.65
CA SER A 92 -13.02 15.75 -3.63
C SER A 92 -12.00 16.67 -2.98
N GLY A 93 -11.83 17.85 -3.55
CA GLY A 93 -10.88 18.82 -3.00
C GLY A 93 -11.13 20.22 -3.52
N PRO A 94 -11.94 20.99 -2.78
CA PRO A 94 -12.27 22.37 -3.14
C PRO A 94 -11.08 23.31 -3.00
N SER A 95 -10.30 23.45 -4.06
CA SER A 95 -9.13 24.31 -4.05
C SER A 95 -8.82 24.83 -5.46
N SER A 96 -7.76 25.63 -5.57
CA SER A 96 -7.36 26.18 -6.85
C SER A 96 -6.91 25.09 -7.82
N GLY A 97 -7.63 24.97 -8.94
CA GLY A 97 -7.30 23.96 -9.92
C GLY A 97 -8.37 23.79 -10.97
N GLY A 1 2.81 -0.30 28.25
CA GLY A 1 1.54 -0.48 27.57
C GLY A 1 1.38 -1.87 27.02
N SER A 2 0.20 -2.46 27.24
CA SER A 2 -0.07 -3.81 26.75
C SER A 2 0.25 -3.94 25.27
N SER A 3 0.99 -4.99 24.92
CA SER A 3 1.37 -5.22 23.53
C SER A 3 0.66 -6.45 22.98
N GLY A 4 -0.42 -6.21 22.23
CA GLY A 4 -1.17 -7.31 21.64
C GLY A 4 -1.85 -8.16 22.70
N SER A 5 -2.70 -9.08 22.25
CA SER A 5 -3.43 -9.96 23.16
C SER A 5 -2.77 -11.34 23.23
N SER A 6 -1.81 -11.48 24.14
CA SER A 6 -1.09 -12.74 24.30
C SER A 6 -0.78 -13.37 22.95
N GLY A 7 -0.38 -12.54 22.00
CA GLY A 7 -0.05 -13.03 20.67
C GLY A 7 0.97 -12.17 19.96
N MET A 8 0.48 -11.24 19.15
CA MET A 8 1.36 -10.34 18.41
C MET A 8 0.67 -9.00 18.13
N LEU A 9 1.42 -7.92 18.26
CA LEU A 9 0.87 -6.59 18.01
C LEU A 9 0.73 -6.32 16.52
N SER A 10 -0.51 -6.19 16.06
CA SER A 10 -0.79 -5.93 14.66
C SER A 10 -1.49 -4.58 14.48
N ALA A 11 -2.51 -4.35 15.29
CA ALA A 11 -3.27 -3.10 15.23
C ALA A 11 -2.33 -1.89 15.26
N ARG A 12 -2.28 -1.15 14.16
CA ARG A 12 -1.43 0.03 14.07
C ARG A 12 -2.04 1.07 13.15
N THR A 13 -1.70 2.34 13.39
CA THR A 13 -2.22 3.44 12.59
C THR A 13 -1.81 3.29 11.13
N MET A 14 -2.58 3.91 10.23
CA MET A 14 -2.30 3.85 8.81
C MET A 14 -2.42 5.23 8.17
N LYS A 15 -2.13 6.27 8.95
CA LYS A 15 -2.20 7.64 8.46
C LYS A 15 -0.99 7.98 7.59
N GLU A 16 0.18 7.50 8.01
CA GLU A 16 1.41 7.76 7.26
C GLU A 16 1.66 6.66 6.24
N VAL A 17 1.69 5.41 6.71
CA VAL A 17 1.93 4.27 5.83
C VAL A 17 3.06 4.55 4.85
N VAL A 18 3.96 5.46 5.23
CA VAL A 18 5.08 5.82 4.38
C VAL A 18 6.41 5.47 5.06
N TYR A 19 6.48 5.68 6.37
CA TYR A 19 7.68 5.39 7.13
C TYR A 19 7.69 3.94 7.62
N TRP A 20 6.73 3.16 7.13
CA TRP A 20 6.62 1.76 7.52
C TRP A 20 7.92 1.01 7.21
N SER A 21 7.92 -0.29 7.51
CA SER A 21 9.10 -1.12 7.26
C SER A 21 8.83 -2.12 6.15
N PRO A 22 9.90 -2.76 5.66
CA PRO A 22 9.82 -3.76 4.59
C PRO A 22 9.13 -5.04 5.05
N LYS A 23 9.02 -5.21 6.37
CA LYS A 23 8.39 -6.39 6.94
C LYS A 23 6.92 -6.12 7.27
N LYS A 24 6.58 -4.85 7.39
CA LYS A 24 5.21 -4.45 7.71
C LYS A 24 4.35 -4.41 6.45
N VAL A 25 4.82 -3.71 5.43
CA VAL A 25 4.09 -3.60 4.17
C VAL A 25 3.44 -4.92 3.79
N ALA A 26 4.11 -6.03 4.12
CA ALA A 26 3.60 -7.35 3.82
C ALA A 26 2.42 -7.69 4.71
N ASP A 27 2.65 -7.69 6.02
CA ASP A 27 1.60 -8.01 6.99
C ASP A 27 0.28 -7.35 6.59
N TRP A 28 0.37 -6.13 6.07
CA TRP A 28 -0.82 -5.40 5.64
C TRP A 28 -1.53 -6.13 4.50
N LEU A 29 -0.75 -6.65 3.56
CA LEU A 29 -1.30 -7.36 2.41
C LEU A 29 -2.09 -8.59 2.88
N LEU A 30 -1.41 -9.54 3.50
CA LEU A 30 -2.04 -10.75 3.98
C LEU A 30 -3.25 -10.43 4.86
N GLU A 31 -3.18 -9.30 5.55
CA GLU A 31 -4.27 -8.86 6.42
C GLU A 31 -5.57 -8.73 5.63
N ASN A 32 -5.46 -8.48 4.33
CA ASN A 32 -6.62 -8.32 3.47
C ASN A 32 -6.63 -9.39 2.39
N ALA A 33 -5.99 -10.53 2.67
CA ALA A 33 -5.93 -11.63 1.72
C ALA A 33 -5.30 -11.18 0.40
N MET A 34 -4.14 -10.55 0.49
CA MET A 34 -3.43 -10.07 -0.69
C MET A 34 -2.00 -10.61 -0.72
N PRO A 35 -1.85 -11.93 -0.54
CA PRO A 35 -0.54 -12.58 -0.54
C PRO A 35 0.10 -12.59 -1.93
N GLU A 36 -0.72 -12.35 -2.96
CA GLU A 36 -0.22 -12.35 -4.33
C GLU A 36 0.67 -11.13 -4.58
N TYR A 37 0.46 -10.09 -3.79
CA TYR A 37 1.25 -8.87 -3.92
C TYR A 37 2.43 -8.86 -2.94
N CYS A 38 2.42 -9.82 -2.02
CA CYS A 38 3.49 -9.92 -1.02
C CYS A 38 4.83 -10.18 -1.70
N GLU A 39 4.80 -10.86 -2.84
CA GLU A 39 6.01 -11.18 -3.57
C GLU A 39 6.68 -9.91 -4.09
N PRO A 40 5.95 -9.15 -4.91
CA PRO A 40 6.45 -7.90 -5.48
C PRO A 40 6.61 -6.80 -4.43
N LEU A 41 5.87 -6.92 -3.34
CA LEU A 41 5.93 -5.94 -2.26
C LEU A 41 6.76 -6.45 -1.09
N GLU A 42 7.49 -7.55 -1.33
CA GLU A 42 8.32 -8.15 -0.30
C GLU A 42 9.25 -7.11 0.32
N HIS A 43 10.00 -6.41 -0.54
CA HIS A 43 10.93 -5.38 -0.07
C HIS A 43 10.35 -3.99 -0.31
N PHE A 44 9.03 -3.88 -0.24
CA PHE A 44 8.36 -2.60 -0.46
C PHE A 44 8.08 -1.90 0.87
N THR A 45 8.24 -0.58 0.88
CA THR A 45 8.01 0.21 2.09
C THR A 45 6.72 1.02 1.98
N GLY A 46 6.02 1.18 3.10
CA GLY A 46 4.78 1.92 3.10
C GLY A 46 4.79 3.05 2.09
N GLN A 47 5.89 3.79 2.04
CA GLN A 47 6.02 4.91 1.12
C GLN A 47 5.94 4.43 -0.33
N ASP A 48 6.69 3.37 -0.63
CA ASP A 48 6.71 2.81 -1.99
C ASP A 48 5.37 2.16 -2.33
N LEU A 49 4.78 1.48 -1.35
CA LEU A 49 3.51 0.81 -1.54
C LEU A 49 2.43 1.80 -1.96
N ILE A 50 2.34 2.92 -1.24
CA ILE A 50 1.36 3.95 -1.54
C ILE A 50 1.69 4.65 -2.86
N ASN A 51 2.95 4.58 -3.26
CA ASN A 51 3.40 5.21 -4.49
C ASN A 51 3.06 4.34 -5.70
N LEU A 52 2.26 3.30 -5.47
CA LEU A 52 1.86 2.39 -6.54
C LEU A 52 0.64 2.93 -7.27
N THR A 53 0.67 2.85 -8.60
CA THR A 53 -0.44 3.32 -9.42
C THR A 53 -0.79 2.32 -10.51
N GLN A 54 -2.00 2.43 -11.05
CA GLN A 54 -2.45 1.52 -12.10
C GLN A 54 -1.38 1.35 -13.17
N GLU A 55 -0.67 2.42 -13.48
CA GLU A 55 0.39 2.39 -14.49
C GLU A 55 1.52 1.45 -14.06
N ASP A 56 1.75 1.38 -12.75
CA ASP A 56 2.80 0.53 -12.20
C ASP A 56 2.48 -0.94 -12.44
N PHE A 57 1.19 -1.25 -12.53
CA PHE A 57 0.74 -2.62 -12.75
C PHE A 57 1.01 -3.06 -14.19
N LYS A 58 0.79 -2.14 -15.12
CA LYS A 58 1.00 -2.41 -16.53
C LYS A 58 2.36 -3.07 -16.77
N LYS A 59 3.30 -2.81 -15.86
CA LYS A 59 4.64 -3.38 -15.96
C LYS A 59 5.01 -4.12 -14.69
N PRO A 60 6.05 -4.97 -14.77
CA PRO A 60 6.53 -5.75 -13.62
C PRO A 60 7.20 -4.87 -12.57
N PRO A 61 7.40 -5.44 -11.37
CA PRO A 61 7.00 -6.82 -11.07
C PRO A 61 5.48 -6.97 -11.00
N LEU A 62 4.80 -5.93 -10.53
CA LEU A 62 3.35 -5.95 -10.42
C LEU A 62 2.69 -6.02 -11.79
N TYR A 63 2.27 -7.21 -12.17
CA TYR A 63 1.62 -7.42 -13.48
C TYR A 63 0.65 -8.58 -13.42
N ARG A 64 -0.59 -8.33 -13.83
CA ARG A 64 -1.62 -9.36 -13.83
C ARG A 64 -1.54 -10.20 -12.56
N VAL A 65 -1.27 -9.55 -11.44
CA VAL A 65 -1.17 -10.23 -10.15
C VAL A 65 -2.48 -10.95 -9.81
N SER A 66 -3.59 -10.31 -10.13
CA SER A 66 -4.91 -10.88 -9.85
C SER A 66 -5.82 -10.75 -11.06
N SER A 67 -5.24 -10.85 -12.25
CA SER A 67 -6.00 -10.75 -13.49
C SER A 67 -7.06 -9.65 -13.38
N ASP A 68 -6.81 -8.68 -12.50
CA ASP A 68 -7.75 -7.58 -12.30
C ASP A 68 -7.04 -6.24 -12.50
N ASN A 69 -6.00 -6.23 -13.31
CA ASN A 69 -5.24 -5.01 -13.58
C ASN A 69 -4.95 -4.26 -12.28
N GLY A 70 -4.76 -5.02 -11.21
CA GLY A 70 -4.46 -4.41 -9.92
C GLY A 70 -5.58 -3.50 -9.43
N GLN A 71 -6.78 -4.06 -9.33
CA GLN A 71 -7.93 -3.30 -8.88
C GLN A 71 -8.10 -3.41 -7.37
N ARG A 72 -8.20 -4.64 -6.88
CA ARG A 72 -8.37 -4.89 -5.46
C ARG A 72 -7.27 -4.20 -4.65
N LEU A 73 -6.05 -4.26 -5.15
CA LEU A 73 -4.91 -3.64 -4.48
C LEU A 73 -4.97 -2.12 -4.61
N LEU A 74 -5.10 -1.64 -5.85
CA LEU A 74 -5.16 -0.21 -6.11
C LEU A 74 -6.17 0.47 -5.19
N ASP A 75 -7.29 -0.21 -4.96
CA ASP A 75 -8.34 0.33 -4.10
C ASP A 75 -7.93 0.27 -2.63
N MET A 76 -7.24 -0.81 -2.26
CA MET A 76 -6.79 -1.00 -0.89
C MET A 76 -5.75 0.06 -0.52
N ILE A 77 -4.98 0.50 -1.51
CA ILE A 77 -3.95 1.50 -1.28
C ILE A 77 -4.53 2.90 -1.33
N GLU A 78 -5.41 3.14 -2.30
CA GLU A 78 -6.05 4.45 -2.46
C GLU A 78 -6.50 4.99 -1.11
N THR A 79 -6.97 4.10 -0.24
CA THR A 79 -7.44 4.50 1.08
C THR A 79 -6.27 4.86 1.99
N LEU A 80 -5.13 4.22 1.76
CA LEU A 80 -3.94 4.47 2.56
C LEU A 80 -3.39 5.87 2.31
N LYS A 81 -3.73 6.43 1.15
CA LYS A 81 -3.28 7.77 0.80
C LYS A 81 -4.26 8.83 1.31
N MET A 82 -5.51 8.73 0.86
CA MET A 82 -6.54 9.69 1.27
C MET A 82 -6.34 10.09 2.73
N GLU A 83 -5.80 9.18 3.53
CA GLU A 83 -5.57 9.44 4.94
C GLU A 83 -4.37 10.37 5.13
N HIS A 84 -3.26 10.02 4.48
CA HIS A 84 -2.04 10.82 4.58
C HIS A 84 -2.29 12.26 4.12
N HIS A 85 -1.34 13.14 4.40
CA HIS A 85 -1.46 14.54 4.02
C HIS A 85 -1.15 14.73 2.54
N MET A 86 -1.77 13.91 1.69
CA MET A 86 -1.55 13.99 0.25
C MET A 86 -2.40 15.10 -0.36
N GLU A 87 -2.41 16.26 0.29
CA GLU A 87 -3.18 17.40 -0.19
C GLU A 87 -2.26 18.56 -0.54
N ALA A 88 -1.60 18.47 -1.70
CA ALA A 88 -0.70 19.51 -2.15
C ALA A 88 -0.61 19.55 -3.66
N HIS A 89 -0.55 20.75 -4.23
CA HIS A 89 -0.47 20.92 -5.67
C HIS A 89 0.94 20.63 -6.17
N LYS A 90 1.09 19.55 -6.93
CA LYS A 90 2.38 19.16 -7.47
C LYS A 90 2.28 18.84 -8.96
N ASN A 91 1.49 17.82 -9.29
CA ASN A 91 1.30 17.41 -10.68
C ASN A 91 -0.16 17.56 -11.09
N SER A 92 -0.54 18.77 -11.49
CA SER A 92 -1.91 19.04 -11.91
C SER A 92 -2.30 18.14 -13.08
N GLY A 93 -2.85 16.97 -12.77
CA GLY A 93 -3.26 16.05 -13.80
C GLY A 93 -4.69 16.29 -14.27
N PRO A 94 -5.26 15.31 -14.98
CA PRO A 94 -6.63 15.40 -15.50
C PRO A 94 -7.68 15.34 -14.39
N SER A 95 -8.00 16.50 -13.83
CA SER A 95 -8.99 16.57 -12.76
C SER A 95 -10.38 16.24 -13.28
N SER A 96 -11.21 15.66 -12.41
CA SER A 96 -12.57 15.29 -12.78
C SER A 96 -13.50 15.36 -11.57
N GLY A 97 -14.76 15.70 -11.82
CA GLY A 97 -15.72 15.80 -10.75
C GLY A 97 -17.06 16.34 -11.22
N GLY A 1 19.00 6.39 19.36
CA GLY A 1 19.36 5.62 18.20
C GLY A 1 19.99 4.28 18.55
N SER A 2 19.17 3.23 18.60
CA SER A 2 19.64 1.90 18.93
C SER A 2 19.98 1.11 17.67
N SER A 3 20.89 0.15 17.80
CA SER A 3 21.30 -0.68 16.67
C SER A 3 20.13 -1.49 16.14
N GLY A 4 19.93 -1.42 14.82
CA GLY A 4 18.83 -2.15 14.20
C GLY A 4 18.62 -3.51 14.83
N SER A 5 17.36 -3.91 14.99
CA SER A 5 17.03 -5.20 15.58
C SER A 5 15.60 -5.60 15.24
N SER A 6 15.45 -6.71 14.54
CA SER A 6 14.14 -7.21 14.15
C SER A 6 13.33 -7.65 15.38
N GLY A 7 12.03 -7.39 15.35
CA GLY A 7 11.17 -7.75 16.46
C GLY A 7 9.70 -7.77 16.09
N MET A 8 8.85 -7.41 17.04
CA MET A 8 7.41 -7.38 16.80
C MET A 8 6.88 -5.95 16.87
N LEU A 9 7.40 -5.09 16.00
CA LEU A 9 6.98 -3.69 15.96
C LEU A 9 5.96 -3.46 14.85
N SER A 10 4.83 -2.86 15.19
CA SER A 10 3.78 -2.58 14.23
C SER A 10 3.39 -1.10 14.26
N ALA A 11 2.71 -0.65 13.22
CA ALA A 11 2.27 0.74 13.13
C ALA A 11 0.83 0.89 13.60
N ARG A 12 0.66 1.42 14.81
CA ARG A 12 -0.67 1.62 15.37
C ARG A 12 -1.52 2.49 14.46
N THR A 13 -0.91 3.52 13.89
CA THR A 13 -1.62 4.44 13.00
C THR A 13 -1.18 4.24 11.55
N MET A 14 -2.05 4.62 10.62
CA MET A 14 -1.75 4.49 9.19
C MET A 14 -1.84 5.84 8.50
N LYS A 15 -1.65 6.91 9.26
CA LYS A 15 -1.71 8.26 8.71
C LYS A 15 -0.52 8.53 7.81
N GLU A 16 0.57 7.80 8.02
CA GLU A 16 1.77 7.97 7.22
C GLU A 16 1.93 6.80 6.24
N VAL A 17 1.94 5.58 6.77
CA VAL A 17 2.07 4.39 5.95
C VAL A 17 3.17 4.58 4.89
N VAL A 18 4.11 5.47 5.19
CA VAL A 18 5.21 5.74 4.27
C VAL A 18 6.55 5.33 4.87
N TYR A 19 6.72 5.60 6.16
CA TYR A 19 7.95 5.26 6.86
C TYR A 19 7.91 3.82 7.36
N TRP A 20 6.87 3.10 6.98
CA TRP A 20 6.71 1.70 7.38
C TRP A 20 7.95 0.90 7.03
N SER A 21 8.06 -0.29 7.62
CA SER A 21 9.20 -1.17 7.37
C SER A 21 8.92 -2.10 6.19
N PRO A 22 9.97 -2.77 5.71
CA PRO A 22 9.87 -3.70 4.58
C PRO A 22 9.12 -4.97 4.95
N LYS A 23 8.94 -5.20 6.26
CA LYS A 23 8.24 -6.37 6.74
C LYS A 23 6.77 -6.05 7.03
N LYS A 24 6.51 -4.83 7.47
CA LYS A 24 5.16 -4.40 7.78
C LYS A 24 4.30 -4.36 6.52
N VAL A 25 4.76 -3.63 5.52
CA VAL A 25 4.03 -3.53 4.25
C VAL A 25 3.43 -4.87 3.85
N ALA A 26 4.16 -5.95 4.08
CA ALA A 26 3.70 -7.29 3.75
C ALA A 26 2.52 -7.69 4.63
N ASP A 27 2.73 -7.62 5.94
CA ASP A 27 1.69 -7.99 6.90
C ASP A 27 0.37 -7.32 6.55
N TRP A 28 0.45 -6.10 6.00
CA TRP A 28 -0.74 -5.36 5.62
C TRP A 28 -1.45 -6.03 4.44
N LEU A 29 -0.67 -6.66 3.58
CA LEU A 29 -1.22 -7.35 2.41
C LEU A 29 -1.93 -8.63 2.82
N LEU A 30 -1.28 -9.43 3.65
CA LEU A 30 -1.85 -10.68 4.12
C LEU A 30 -3.05 -10.43 5.03
N GLU A 31 -3.02 -9.31 5.74
CA GLU A 31 -4.11 -8.95 6.64
C GLU A 31 -5.43 -8.86 5.88
N ASN A 32 -5.35 -8.59 4.59
CA ASN A 32 -6.54 -8.48 3.75
C ASN A 32 -6.57 -9.56 2.68
N ALA A 33 -5.77 -10.61 2.89
CA ALA A 33 -5.70 -11.71 1.94
C ALA A 33 -5.13 -11.26 0.60
N MET A 34 -3.99 -10.59 0.65
CA MET A 34 -3.34 -10.09 -0.56
C MET A 34 -1.89 -10.57 -0.63
N PRO A 35 -1.67 -11.87 -0.42
CA PRO A 35 -0.33 -12.48 -0.45
C PRO A 35 0.25 -12.51 -1.86
N GLU A 36 -0.62 -12.39 -2.86
CA GLU A 36 -0.18 -12.40 -4.25
C GLU A 36 0.69 -11.19 -4.56
N TYR A 37 0.51 -10.12 -3.79
CA TYR A 37 1.27 -8.90 -3.98
C TYR A 37 2.49 -8.87 -3.07
N CYS A 38 2.55 -9.80 -2.14
CA CYS A 38 3.66 -9.88 -1.19
C CYS A 38 4.98 -10.08 -1.93
N GLU A 39 4.96 -10.93 -2.96
CA GLU A 39 6.15 -11.20 -3.75
C GLU A 39 6.76 -9.91 -4.29
N PRO A 40 5.97 -9.17 -5.09
CA PRO A 40 6.42 -7.90 -5.68
C PRO A 40 6.57 -6.80 -4.64
N LEU A 41 5.91 -6.97 -3.49
CA LEU A 41 5.98 -5.98 -2.42
C LEU A 41 6.80 -6.52 -1.25
N GLU A 42 7.59 -7.56 -1.50
CA GLU A 42 8.42 -8.15 -0.47
C GLU A 42 9.32 -7.10 0.19
N HIS A 43 10.10 -6.41 -0.62
CA HIS A 43 11.00 -5.37 -0.12
C HIS A 43 10.41 -3.99 -0.35
N PHE A 44 9.09 -3.90 -0.28
CA PHE A 44 8.40 -2.62 -0.47
C PHE A 44 8.09 -1.95 0.87
N THR A 45 8.21 -0.63 0.90
CA THR A 45 7.95 0.13 2.12
C THR A 45 6.67 0.95 2.00
N GLY A 46 5.97 1.10 3.11
CA GLY A 46 4.73 1.86 3.12
C GLY A 46 4.75 2.99 2.12
N GLN A 47 5.90 3.66 1.99
CA GLN A 47 6.04 4.77 1.06
C GLN A 47 5.93 4.29 -0.38
N ASP A 48 6.75 3.30 -0.74
CA ASP A 48 6.75 2.75 -2.09
C ASP A 48 5.41 2.10 -2.41
N LEU A 49 4.83 1.44 -1.40
CA LEU A 49 3.54 0.77 -1.57
C LEU A 49 2.46 1.77 -1.97
N ILE A 50 2.35 2.85 -1.21
CA ILE A 50 1.35 3.88 -1.49
C ILE A 50 1.65 4.59 -2.80
N ASN A 51 2.88 4.48 -3.27
CA ASN A 51 3.30 5.11 -4.52
C ASN A 51 3.00 4.22 -5.70
N LEU A 52 2.13 3.23 -5.49
CA LEU A 52 1.76 2.30 -6.55
C LEU A 52 0.54 2.81 -7.32
N THR A 53 0.60 2.72 -8.64
CA THR A 53 -0.49 3.17 -9.50
C THR A 53 -0.78 2.15 -10.60
N GLN A 54 -1.92 2.32 -11.26
CA GLN A 54 -2.32 1.42 -12.33
C GLN A 54 -1.20 1.26 -13.36
N GLU A 55 -0.47 2.35 -13.59
CA GLU A 55 0.64 2.32 -14.55
C GLU A 55 1.75 1.39 -14.08
N ASP A 56 1.81 1.16 -12.77
CA ASP A 56 2.82 0.28 -12.19
C ASP A 56 2.48 -1.18 -12.44
N PHE A 57 1.19 -1.45 -12.69
CA PHE A 57 0.73 -2.81 -12.94
C PHE A 57 1.11 -3.26 -14.35
N LYS A 58 0.71 -2.46 -15.35
CA LYS A 58 1.01 -2.77 -16.74
C LYS A 58 2.43 -3.29 -16.89
N LYS A 59 3.30 -2.91 -15.97
CA LYS A 59 4.69 -3.34 -16.00
C LYS A 59 5.08 -4.00 -14.68
N PRO A 60 6.21 -4.74 -14.70
CA PRO A 60 6.71 -5.44 -13.52
C PRO A 60 7.25 -4.48 -12.46
N PRO A 61 7.48 -5.00 -11.25
CA PRO A 61 7.22 -6.40 -10.93
C PRO A 61 5.73 -6.73 -10.90
N LEU A 62 4.93 -5.78 -10.42
CA LEU A 62 3.49 -5.96 -10.34
C LEU A 62 2.88 -6.11 -11.73
N TYR A 63 2.59 -7.35 -12.11
CA TYR A 63 2.01 -7.64 -13.41
C TYR A 63 1.19 -8.92 -13.38
N ARG A 64 -0.06 -8.83 -13.83
CA ARG A 64 -0.94 -9.99 -13.84
C ARG A 64 -0.83 -10.77 -12.55
N VAL A 65 -0.61 -10.08 -11.44
CA VAL A 65 -0.49 -10.71 -10.14
C VAL A 65 -1.84 -11.17 -9.62
N SER A 66 -2.87 -10.36 -9.85
CA SER A 66 -4.22 -10.68 -9.40
C SER A 66 -5.21 -10.54 -10.54
N SER A 67 -6.27 -11.33 -10.50
CA SER A 67 -7.30 -11.30 -11.53
C SER A 67 -8.26 -10.14 -11.30
N ASP A 68 -7.72 -9.00 -10.88
CA ASP A 68 -8.53 -7.81 -10.63
C ASP A 68 -7.92 -6.59 -11.31
N ASN A 69 -7.02 -6.83 -12.26
CA ASN A 69 -6.37 -5.75 -12.99
C ASN A 69 -5.77 -4.72 -12.02
N GLY A 70 -5.40 -5.18 -10.84
CA GLY A 70 -4.82 -4.31 -9.84
C GLY A 70 -5.87 -3.56 -9.04
N GLN A 71 -7.02 -3.34 -9.65
CA GLN A 71 -8.12 -2.63 -8.98
C GLN A 71 -8.14 -2.95 -7.49
N ARG A 72 -8.35 -4.22 -7.16
CA ARG A 72 -8.40 -4.65 -5.76
C ARG A 72 -7.32 -3.95 -4.94
N LEU A 73 -6.06 -4.18 -5.29
CA LEU A 73 -4.94 -3.58 -4.58
C LEU A 73 -5.07 -2.06 -4.59
N LEU A 74 -5.08 -1.47 -5.78
CA LEU A 74 -5.20 -0.03 -5.94
C LEU A 74 -6.22 0.54 -4.95
N ASP A 75 -7.34 -0.15 -4.79
CA ASP A 75 -8.39 0.28 -3.89
C ASP A 75 -7.93 0.19 -2.44
N MET A 76 -7.25 -0.92 -2.11
CA MET A 76 -6.75 -1.12 -0.75
C MET A 76 -5.71 -0.08 -0.39
N ILE A 77 -4.97 0.40 -1.39
CA ILE A 77 -3.94 1.41 -1.18
C ILE A 77 -4.53 2.82 -1.22
N GLU A 78 -5.49 3.02 -2.12
CA GLU A 78 -6.12 4.32 -2.27
C GLU A 78 -6.60 4.84 -0.91
N THR A 79 -7.01 3.93 -0.04
CA THR A 79 -7.49 4.30 1.28
C THR A 79 -6.33 4.67 2.21
N LEU A 80 -5.14 4.19 1.86
CA LEU A 80 -3.96 4.47 2.66
C LEU A 80 -3.46 5.90 2.41
N LYS A 81 -3.76 6.42 1.24
CA LYS A 81 -3.35 7.77 0.87
C LYS A 81 -4.40 8.79 1.30
N MET A 82 -5.64 8.58 0.88
CA MET A 82 -6.73 9.49 1.22
C MET A 82 -6.53 10.07 2.61
N GLU A 83 -5.94 9.28 3.51
CA GLU A 83 -5.70 9.72 4.87
C GLU A 83 -4.55 10.72 4.93
N HIS A 84 -3.38 10.30 4.47
CA HIS A 84 -2.20 11.17 4.46
C HIS A 84 -2.44 12.40 3.60
N HIS A 85 -1.87 13.53 4.03
CA HIS A 85 -2.03 14.78 3.30
C HIS A 85 -1.33 14.71 1.95
N MET A 86 -2.05 14.24 0.94
CA MET A 86 -1.51 14.12 -0.41
C MET A 86 -2.30 14.97 -1.39
N GLU A 87 -1.92 16.24 -1.51
CA GLU A 87 -2.60 17.15 -2.42
C GLU A 87 -4.12 17.05 -2.26
N ALA A 88 -4.57 16.98 -1.01
CA ALA A 88 -5.99 16.89 -0.71
C ALA A 88 -6.50 18.17 -0.06
N HIS A 89 -5.96 18.49 1.11
CA HIS A 89 -6.35 19.69 1.84
C HIS A 89 -6.06 20.94 1.02
N LYS A 90 -4.87 20.98 0.42
CA LYS A 90 -4.47 22.12 -0.40
C LYS A 90 -5.33 22.24 -1.65
N ASN A 91 -6.41 23.00 -1.55
CA ASN A 91 -7.31 23.19 -2.68
C ASN A 91 -6.61 23.88 -3.84
N SER A 92 -6.23 23.10 -4.86
CA SER A 92 -5.55 23.66 -6.02
C SER A 92 -6.26 23.27 -7.31
N GLY A 93 -6.88 24.25 -7.96
CA GLY A 93 -7.60 23.99 -9.19
C GLY A 93 -9.09 23.87 -8.98
N PRO A 94 -9.71 24.98 -8.53
CA PRO A 94 -11.16 25.01 -8.27
C PRO A 94 -11.97 24.97 -9.56
N SER A 95 -11.28 24.89 -10.69
CA SER A 95 -11.94 24.83 -11.99
C SER A 95 -11.44 23.65 -12.81
N SER A 96 -12.12 23.38 -13.92
CA SER A 96 -11.75 22.27 -14.79
C SER A 96 -11.76 20.95 -14.02
N GLY A 97 -12.78 20.77 -13.18
CA GLY A 97 -12.89 19.54 -12.40
C GLY A 97 -13.20 18.34 -13.26
N GLY A 1 9.82 10.44 -0.69
CA GLY A 1 10.09 11.25 0.49
C GLY A 1 11.39 10.86 1.17
N SER A 2 11.60 11.38 2.37
CA SER A 2 12.82 11.09 3.12
C SER A 2 12.58 9.98 4.14
N SER A 3 13.55 9.08 4.27
CA SER A 3 13.44 7.97 5.20
C SER A 3 14.76 7.75 5.93
N GLY A 4 14.70 7.04 7.06
CA GLY A 4 15.89 6.78 7.84
C GLY A 4 16.75 5.69 7.23
N SER A 5 17.84 5.35 7.90
CA SER A 5 18.75 4.33 7.41
C SER A 5 19.08 3.33 8.52
N SER A 6 19.50 3.84 9.66
CA SER A 6 19.86 3.00 10.80
C SER A 6 18.87 3.20 11.95
N GLY A 7 17.77 2.45 11.91
CA GLY A 7 16.77 2.56 12.95
C GLY A 7 15.35 2.64 12.39
N MET A 8 14.46 1.85 12.96
CA MET A 8 13.06 1.84 12.52
C MET A 8 12.12 1.96 13.70
N LEU A 9 10.85 2.27 13.41
CA LEU A 9 9.85 2.41 14.46
C LEU A 9 8.62 1.57 14.14
N SER A 10 7.98 1.04 15.19
CA SER A 10 6.80 0.21 15.02
C SER A 10 5.74 0.93 14.19
N ALA A 11 4.69 0.20 13.82
CA ALA A 11 3.62 0.78 13.02
C ALA A 11 2.28 0.69 13.75
N ARG A 12 1.71 1.84 14.06
CA ARG A 12 0.43 1.89 14.76
C ARG A 12 -0.60 2.72 13.98
N THR A 13 -0.20 3.93 13.61
CA THR A 13 -1.08 4.82 12.85
C THR A 13 -0.81 4.71 11.36
N MET A 14 -1.85 4.98 10.56
CA MET A 14 -1.73 4.92 9.11
C MET A 14 -1.64 6.32 8.52
N LYS A 15 -1.69 7.33 9.37
CA LYS A 15 -1.60 8.72 8.93
C LYS A 15 -0.40 8.93 8.01
N GLU A 16 0.61 8.08 8.17
CA GLU A 16 1.81 8.18 7.36
C GLU A 16 1.91 6.99 6.39
N VAL A 17 1.81 5.79 6.93
CA VAL A 17 1.89 4.57 6.12
C VAL A 17 2.95 4.71 5.04
N VAL A 18 3.94 5.56 5.29
CA VAL A 18 5.03 5.79 4.34
C VAL A 18 6.36 5.35 4.93
N TYR A 19 6.57 5.65 6.21
CA TYR A 19 7.80 5.29 6.89
C TYR A 19 7.77 3.84 7.37
N TRP A 20 6.72 3.13 6.98
CA TRP A 20 6.56 1.73 7.36
C TRP A 20 7.82 0.94 7.05
N SER A 21 7.88 -0.30 7.54
CA SER A 21 9.03 -1.16 7.32
C SER A 21 8.75 -2.16 6.20
N PRO A 22 9.82 -2.81 5.72
CA PRO A 22 9.72 -3.80 4.64
C PRO A 22 9.01 -5.08 5.09
N LYS A 23 8.89 -5.25 6.40
CA LYS A 23 8.22 -6.42 6.96
C LYS A 23 6.77 -6.13 7.28
N LYS A 24 6.44 -4.84 7.42
CA LYS A 24 5.08 -4.44 7.73
C LYS A 24 4.22 -4.40 6.46
N VAL A 25 4.68 -3.67 5.46
CA VAL A 25 3.95 -3.57 4.20
C VAL A 25 3.37 -4.92 3.79
N ALA A 26 4.12 -5.98 4.04
CA ALA A 26 3.67 -7.33 3.69
C ALA A 26 2.47 -7.74 4.53
N ASP A 27 2.63 -7.72 5.85
CA ASP A 27 1.56 -8.09 6.76
C ASP A 27 0.25 -7.41 6.35
N TRP A 28 0.35 -6.16 5.91
CA TRP A 28 -0.82 -5.40 5.49
C TRP A 28 -1.49 -6.04 4.28
N LEU A 29 -0.69 -6.69 3.44
CA LEU A 29 -1.20 -7.34 2.25
C LEU A 29 -1.93 -8.63 2.60
N LEU A 30 -1.30 -9.45 3.44
CA LEU A 30 -1.90 -10.71 3.87
C LEU A 30 -3.14 -10.46 4.73
N GLU A 31 -3.13 -9.36 5.48
CA GLU A 31 -4.24 -9.01 6.34
C GLU A 31 -5.53 -8.85 5.53
N ASN A 32 -5.39 -8.60 4.24
CA ASN A 32 -6.53 -8.43 3.36
C ASN A 32 -6.52 -9.47 2.25
N ALA A 33 -5.75 -10.54 2.46
CA ALA A 33 -5.66 -11.61 1.47
C ALA A 33 -5.03 -11.12 0.17
N MET A 34 -3.86 -10.49 0.29
CA MET A 34 -3.15 -9.97 -0.86
C MET A 34 -1.71 -10.47 -0.89
N PRO A 35 -1.54 -11.79 -0.68
CA PRO A 35 -0.22 -12.43 -0.68
C PRO A 35 0.41 -12.46 -2.07
N GLU A 36 -0.39 -12.14 -3.09
CA GLU A 36 0.09 -12.15 -4.46
C GLU A 36 0.98 -10.93 -4.73
N TYR A 37 0.80 -9.88 -3.93
CA TYR A 37 1.57 -8.66 -4.09
C TYR A 37 2.76 -8.65 -3.14
N CYS A 38 2.79 -9.60 -2.22
CA CYS A 38 3.88 -9.71 -1.25
C CYS A 38 5.21 -9.88 -1.95
N GLU A 39 5.23 -10.71 -2.99
CA GLU A 39 6.45 -10.95 -3.75
C GLU A 39 7.06 -9.65 -4.25
N PRO A 40 6.28 -8.90 -5.06
CA PRO A 40 6.72 -7.62 -5.62
C PRO A 40 6.83 -6.54 -4.55
N LEU A 41 6.17 -6.75 -3.43
CA LEU A 41 6.19 -5.78 -2.33
C LEU A 41 7.00 -6.31 -1.15
N GLU A 42 7.81 -7.34 -1.41
CA GLU A 42 8.64 -7.93 -0.37
C GLU A 42 9.57 -6.89 0.25
N HIS A 43 10.19 -6.08 -0.61
CA HIS A 43 11.10 -5.04 -0.14
C HIS A 43 10.49 -3.66 -0.35
N PHE A 44 9.17 -3.58 -0.28
CA PHE A 44 8.46 -2.31 -0.46
C PHE A 44 8.14 -1.67 0.88
N THR A 45 8.23 -0.35 0.93
CA THR A 45 7.96 0.39 2.15
C THR A 45 6.67 1.22 2.02
N GLY A 46 5.95 1.36 3.13
CA GLY A 46 4.73 2.13 3.12
C GLY A 46 4.76 3.28 2.13
N GLN A 47 5.91 3.92 2.01
CA GLN A 47 6.07 5.04 1.10
C GLN A 47 5.98 4.58 -0.35
N ASP A 48 6.77 3.56 -0.69
CA ASP A 48 6.77 3.02 -2.04
C ASP A 48 5.44 2.34 -2.36
N LEU A 49 4.85 1.70 -1.37
CA LEU A 49 3.57 1.02 -1.55
C LEU A 49 2.49 1.99 -2.01
N ILE A 50 2.26 3.03 -1.22
CA ILE A 50 1.26 4.04 -1.56
C ILE A 50 1.60 4.73 -2.87
N ASN A 51 2.86 4.63 -3.28
CA ASN A 51 3.32 5.24 -4.52
C ASN A 51 3.03 4.34 -5.71
N LEU A 52 2.20 3.33 -5.50
CA LEU A 52 1.85 2.40 -6.56
C LEU A 52 0.69 2.94 -7.40
N THR A 53 0.75 2.70 -8.71
CA THR A 53 -0.29 3.16 -9.62
C THR A 53 -0.72 2.05 -10.58
N GLN A 54 -1.79 2.30 -11.32
CA GLN A 54 -2.29 1.31 -12.28
C GLN A 54 -1.24 1.00 -13.34
N GLU A 55 -0.44 2.00 -13.68
CA GLU A 55 0.61 1.82 -14.68
C GLU A 55 1.70 0.88 -14.16
N ASP A 56 1.88 0.85 -12.85
CA ASP A 56 2.89 0.01 -12.23
C ASP A 56 2.51 -1.47 -12.37
N PHE A 57 1.26 -1.72 -12.76
CA PHE A 57 0.78 -3.08 -12.92
C PHE A 57 1.13 -3.62 -14.30
N LYS A 58 1.13 -2.75 -15.29
CA LYS A 58 1.45 -3.14 -16.66
C LYS A 58 2.90 -3.61 -16.76
N LYS A 59 3.75 -3.06 -15.90
CA LYS A 59 5.17 -3.42 -15.90
C LYS A 59 5.55 -4.04 -14.55
N PRO A 60 6.72 -4.71 -14.53
CA PRO A 60 7.23 -5.37 -13.32
C PRO A 60 7.68 -4.37 -12.27
N PRO A 61 7.83 -4.84 -11.03
CA PRO A 61 7.59 -6.25 -10.68
C PRO A 61 6.10 -6.60 -10.74
N LEU A 62 5.26 -5.68 -10.28
CA LEU A 62 3.82 -5.90 -10.28
C LEU A 62 3.30 -6.07 -11.72
N TYR A 63 3.07 -7.32 -12.10
CA TYR A 63 2.56 -7.63 -13.43
C TYR A 63 1.76 -8.92 -13.44
N ARG A 64 0.60 -8.89 -14.09
CA ARG A 64 -0.27 -10.05 -14.16
C ARG A 64 -0.42 -10.71 -12.79
N VAL A 65 -0.35 -9.90 -11.74
CA VAL A 65 -0.47 -10.39 -10.38
C VAL A 65 -1.94 -10.58 -9.99
N SER A 66 -2.79 -9.67 -10.45
CA SER A 66 -4.21 -9.72 -10.15
C SER A 66 -5.03 -9.93 -11.42
N SER A 67 -6.28 -10.35 -11.25
CA SER A 67 -7.16 -10.60 -12.38
C SER A 67 -7.98 -9.37 -12.72
N ASP A 68 -8.33 -8.60 -11.70
CA ASP A 68 -9.12 -7.38 -11.90
C ASP A 68 -8.22 -6.22 -12.29
N ASN A 69 -7.18 -6.51 -13.06
CA ASN A 69 -6.24 -5.49 -13.50
C ASN A 69 -5.66 -4.73 -12.31
N GLY A 70 -5.37 -5.47 -11.23
CA GLY A 70 -4.82 -4.85 -10.04
C GLY A 70 -5.73 -3.79 -9.45
N GLN A 71 -7.03 -4.04 -9.50
CA GLN A 71 -8.01 -3.11 -8.97
C GLN A 71 -8.14 -3.24 -7.45
N ARG A 72 -8.25 -4.48 -6.97
CA ARG A 72 -8.38 -4.74 -5.55
C ARG A 72 -7.30 -4.00 -4.77
N LEU A 73 -6.05 -4.13 -5.21
CA LEU A 73 -4.93 -3.48 -4.55
C LEU A 73 -5.06 -1.96 -4.63
N LEU A 74 -5.09 -1.45 -5.85
CA LEU A 74 -5.20 0.00 -6.08
C LEU A 74 -6.23 0.61 -5.12
N ASP A 75 -7.33 -0.09 -4.91
CA ASP A 75 -8.38 0.39 -4.02
C ASP A 75 -7.94 0.29 -2.56
N MET A 76 -7.24 -0.79 -2.22
CA MET A 76 -6.75 -1.00 -0.87
C MET A 76 -5.72 0.06 -0.49
N ILE A 77 -5.02 0.58 -1.50
CA ILE A 77 -4.00 1.60 -1.27
C ILE A 77 -4.61 3.01 -1.28
N GLU A 78 -5.46 3.27 -2.27
CA GLU A 78 -6.11 4.56 -2.40
C GLU A 78 -6.51 5.11 -1.03
N THR A 79 -6.90 4.20 -0.12
CA THR A 79 -7.30 4.59 1.22
C THR A 79 -6.09 4.97 2.07
N LEU A 80 -5.02 4.20 1.94
CA LEU A 80 -3.80 4.46 2.69
C LEU A 80 -3.34 5.91 2.51
N LYS A 81 -3.77 6.52 1.42
CA LYS A 81 -3.41 7.90 1.12
C LYS A 81 -4.45 8.87 1.69
N MET A 82 -5.70 8.71 1.26
CA MET A 82 -6.78 9.55 1.72
C MET A 82 -6.56 9.98 3.18
N GLU A 83 -5.96 9.09 3.96
CA GLU A 83 -5.69 9.36 5.37
C GLU A 83 -4.51 10.32 5.51
N HIS A 84 -3.42 10.02 4.81
CA HIS A 84 -2.22 10.84 4.87
C HIS A 84 -2.50 12.23 4.32
N HIS A 85 -1.67 13.20 4.72
CA HIS A 85 -1.83 14.58 4.26
C HIS A 85 -1.21 14.77 2.88
N MET A 86 -1.95 14.38 1.84
CA MET A 86 -1.48 14.51 0.48
C MET A 86 -1.82 15.88 -0.09
N GLU A 87 -0.92 16.42 -0.91
CA GLU A 87 -1.13 17.73 -1.52
C GLU A 87 -1.67 17.59 -2.94
N ALA A 88 -2.99 17.74 -3.08
CA ALA A 88 -3.64 17.64 -4.37
C ALA A 88 -5.03 18.24 -4.34
N HIS A 89 -5.26 19.24 -5.20
CA HIS A 89 -6.55 19.91 -5.26
C HIS A 89 -7.25 19.61 -6.58
N LYS A 90 -8.01 18.52 -6.60
CA LYS A 90 -8.74 18.11 -7.80
C LYS A 90 -10.14 17.62 -7.45
N ASN A 91 -11.07 17.75 -8.39
CA ASN A 91 -12.44 17.32 -8.18
C ASN A 91 -12.49 15.91 -7.60
N SER A 92 -13.23 15.75 -6.50
CA SER A 92 -13.34 14.44 -5.85
C SER A 92 -14.78 14.22 -5.36
N GLY A 93 -15.46 13.28 -5.98
CA GLY A 93 -16.84 12.98 -5.60
C GLY A 93 -16.91 11.89 -4.55
N PRO A 94 -18.13 11.64 -4.03
CA PRO A 94 -18.36 10.61 -3.02
C PRO A 94 -18.21 9.20 -3.57
N SER A 95 -18.45 8.21 -2.73
CA SER A 95 -18.34 6.81 -3.13
C SER A 95 -19.08 5.90 -2.16
N SER A 96 -19.40 4.70 -2.62
CA SER A 96 -20.12 3.73 -1.80
C SER A 96 -19.22 3.16 -0.71
N GLY A 97 -19.83 2.56 0.30
CA GLY A 97 -19.06 1.97 1.39
C GLY A 97 -19.77 0.79 2.03
N GLY A 1 23.62 7.81 -3.27
CA GLY A 1 23.32 8.30 -1.94
C GLY A 1 22.02 7.73 -1.40
N SER A 2 22.13 6.61 -0.68
CA SER A 2 20.96 5.95 -0.11
C SER A 2 20.31 6.83 0.95
N SER A 3 19.40 7.70 0.53
CA SER A 3 18.72 8.61 1.44
C SER A 3 17.44 7.98 1.96
N GLY A 4 17.34 7.84 3.28
CA GLY A 4 16.16 7.26 3.89
C GLY A 4 15.53 8.16 4.94
N SER A 5 14.69 7.58 5.77
CA SER A 5 14.02 8.34 6.83
C SER A 5 13.82 7.48 8.07
N SER A 6 14.10 8.06 9.24
CA SER A 6 13.96 7.36 10.50
C SER A 6 13.10 8.15 11.47
N GLY A 7 12.49 7.46 12.43
CA GLY A 7 11.64 8.11 13.41
C GLY A 7 10.18 7.80 13.21
N MET A 8 9.72 6.70 13.79
CA MET A 8 8.33 6.30 13.67
C MET A 8 7.55 6.63 14.94
N LEU A 9 6.23 6.57 14.85
CA LEU A 9 5.37 6.88 15.99
C LEU A 9 4.61 5.63 16.44
N SER A 10 3.80 5.08 15.55
CA SER A 10 3.02 3.89 15.85
C SER A 10 2.82 3.03 14.61
N ALA A 11 2.39 1.79 14.82
CA ALA A 11 2.16 0.86 13.71
C ALA A 11 0.69 0.85 13.30
N ARG A 12 -0.18 0.57 14.26
CA ARG A 12 -1.62 0.52 14.00
C ARG A 12 -2.04 1.65 13.07
N THR A 13 -1.86 2.88 13.52
CA THR A 13 -2.22 4.05 12.72
C THR A 13 -1.78 3.89 11.27
N MET A 14 -2.54 4.49 10.37
CA MET A 14 -2.21 4.41 8.94
C MET A 14 -2.31 5.78 8.29
N LYS A 15 -2.08 6.82 9.08
CA LYS A 15 -2.14 8.20 8.57
C LYS A 15 -0.91 8.52 7.72
N GLU A 16 0.18 7.79 7.96
CA GLU A 16 1.41 7.99 7.22
C GLU A 16 1.65 6.85 6.24
N VAL A 17 1.62 5.63 6.76
CA VAL A 17 1.84 4.44 5.92
C VAL A 17 2.96 4.67 4.92
N VAL A 18 3.87 5.59 5.25
CA VAL A 18 4.98 5.90 4.37
C VAL A 18 6.31 5.55 5.04
N TYR A 19 6.41 5.80 6.33
CA TYR A 19 7.63 5.51 7.09
C TYR A 19 7.63 4.06 7.57
N TRP A 20 6.64 3.29 7.13
CA TRP A 20 6.53 1.88 7.51
C TRP A 20 7.82 1.13 7.20
N SER A 21 7.81 -0.18 7.46
CA SER A 21 8.99 -1.01 7.20
C SER A 21 8.71 -2.01 6.09
N PRO A 22 9.78 -2.63 5.58
CA PRO A 22 9.67 -3.63 4.50
C PRO A 22 9.01 -4.92 4.97
N LYS A 23 8.92 -5.09 6.28
CA LYS A 23 8.30 -6.28 6.85
C LYS A 23 6.84 -6.02 7.20
N LYS A 24 6.49 -4.75 7.38
CA LYS A 24 5.12 -4.37 7.72
C LYS A 24 4.24 -4.35 6.48
N VAL A 25 4.66 -3.61 5.47
CA VAL A 25 3.90 -3.51 4.22
C VAL A 25 3.32 -4.86 3.83
N ALA A 26 4.08 -5.92 4.06
CA ALA A 26 3.62 -7.28 3.74
C ALA A 26 2.42 -7.67 4.60
N ASP A 27 2.60 -7.61 5.92
CA ASP A 27 1.54 -7.97 6.85
C ASP A 27 0.23 -7.31 6.44
N TRP A 28 0.31 -6.08 5.94
CA TRP A 28 -0.87 -5.34 5.52
C TRP A 28 -1.55 -6.02 4.33
N LEU A 29 -0.75 -6.71 3.51
CA LEU A 29 -1.27 -7.40 2.35
C LEU A 29 -2.00 -8.67 2.75
N LEU A 30 -1.35 -9.47 3.61
CA LEU A 30 -1.94 -10.72 4.08
C LEU A 30 -3.16 -10.45 4.94
N GLU A 31 -3.16 -9.33 5.64
CA GLU A 31 -4.27 -8.96 6.51
C GLU A 31 -5.56 -8.84 5.71
N ASN A 32 -5.43 -8.61 4.41
CA ASN A 32 -6.60 -8.48 3.53
C ASN A 32 -6.62 -9.59 2.49
N ALA A 33 -5.79 -10.61 2.71
CA ALA A 33 -5.71 -11.74 1.78
C ALA A 33 -5.09 -11.32 0.46
N MET A 34 -3.95 -10.64 0.54
CA MET A 34 -3.26 -10.18 -0.66
C MET A 34 -1.81 -10.67 -0.67
N PRO A 35 -1.63 -11.98 -0.43
CA PRO A 35 -0.30 -12.60 -0.41
C PRO A 35 0.34 -12.67 -1.79
N GLU A 36 -0.43 -12.30 -2.80
CA GLU A 36 0.05 -12.32 -4.18
C GLU A 36 0.94 -11.10 -4.46
N TYR A 37 0.73 -10.05 -3.68
CA TYR A 37 1.50 -8.81 -3.86
C TYR A 37 2.68 -8.78 -2.90
N CYS A 38 2.71 -9.71 -1.96
CA CYS A 38 3.79 -9.79 -0.98
C CYS A 38 5.14 -9.96 -1.67
N GLU A 39 5.18 -10.83 -2.67
CA GLU A 39 6.42 -11.08 -3.41
C GLU A 39 7.01 -9.77 -3.93
N PRO A 40 6.24 -9.06 -4.76
CA PRO A 40 6.67 -7.78 -5.33
C PRO A 40 6.75 -6.67 -4.29
N LEU A 41 6.08 -6.87 -3.17
CA LEU A 41 6.07 -5.89 -2.10
C LEU A 41 6.80 -6.42 -0.87
N GLU A 42 7.81 -7.25 -1.09
CA GLU A 42 8.59 -7.83 -0.01
C GLU A 42 9.51 -6.78 0.62
N HIS A 43 10.21 -6.04 -0.22
CA HIS A 43 11.13 -4.99 0.25
C HIS A 43 10.50 -3.61 0.09
N PHE A 44 9.23 -3.59 -0.31
CA PHE A 44 8.52 -2.33 -0.50
C PHE A 44 8.23 -1.66 0.84
N THR A 45 8.25 -0.33 0.85
CA THR A 45 7.98 0.42 2.07
C THR A 45 6.66 1.18 1.98
N GLY A 46 5.97 1.30 3.10
CA GLY A 46 4.70 2.01 3.11
C GLY A 46 4.66 3.17 2.14
N GLN A 47 5.78 3.88 2.04
CA GLN A 47 5.88 5.03 1.14
C GLN A 47 5.81 4.57 -0.31
N ASP A 48 6.64 3.61 -0.67
CA ASP A 48 6.67 3.09 -2.04
C ASP A 48 5.36 2.40 -2.39
N LEU A 49 4.82 1.64 -1.43
CA LEU A 49 3.57 0.93 -1.64
C LEU A 49 2.45 1.89 -2.04
N ILE A 50 2.30 2.96 -1.28
CA ILE A 50 1.28 3.97 -1.57
C ILE A 50 1.55 4.67 -2.89
N ASN A 51 2.80 4.64 -3.31
CA ASN A 51 3.20 5.29 -4.57
C ASN A 51 2.91 4.37 -5.76
N LEU A 52 2.10 3.35 -5.53
CA LEU A 52 1.76 2.40 -6.58
C LEU A 52 0.57 2.90 -7.39
N THR A 53 0.64 2.74 -8.71
CA THR A 53 -0.43 3.18 -9.60
C THR A 53 -0.73 2.12 -10.64
N GLN A 54 -1.88 2.28 -11.33
CA GLN A 54 -2.27 1.33 -12.36
C GLN A 54 -1.16 1.13 -13.39
N GLU A 55 -0.44 2.21 -13.69
CA GLU A 55 0.65 2.15 -14.65
C GLU A 55 1.76 1.22 -14.16
N ASP A 56 1.78 0.97 -12.86
CA ASP A 56 2.79 0.10 -12.26
C ASP A 56 2.39 -1.37 -12.42
N PHE A 57 1.13 -1.61 -12.76
CA PHE A 57 0.63 -2.97 -12.94
C PHE A 57 0.90 -3.47 -14.35
N LYS A 58 0.58 -2.63 -15.34
CA LYS A 58 0.80 -2.99 -16.74
C LYS A 58 2.23 -3.44 -16.97
N LYS A 59 3.11 -3.11 -16.03
CA LYS A 59 4.52 -3.48 -16.14
C LYS A 59 5.00 -4.15 -14.85
N PRO A 60 6.14 -4.84 -14.92
CA PRO A 60 6.74 -5.53 -13.77
C PRO A 60 7.28 -4.55 -12.74
N PRO A 61 7.51 -5.05 -11.52
CA PRO A 61 7.24 -6.45 -11.17
C PRO A 61 5.74 -6.77 -11.13
N LEU A 62 4.97 -5.85 -10.57
CA LEU A 62 3.52 -6.03 -10.48
C LEU A 62 2.89 -6.13 -11.87
N TYR A 63 2.61 -7.36 -12.29
CA TYR A 63 2.01 -7.60 -13.59
C TYR A 63 1.03 -8.77 -13.54
N ARG A 64 -0.19 -8.53 -14.01
CA ARG A 64 -1.22 -9.56 -14.02
C ARG A 64 -1.15 -10.41 -12.75
N VAL A 65 -0.91 -9.75 -11.62
CA VAL A 65 -0.82 -10.43 -10.34
C VAL A 65 -2.20 -10.86 -9.84
N SER A 66 -3.21 -10.06 -10.16
CA SER A 66 -4.58 -10.36 -9.75
C SER A 66 -5.50 -10.47 -10.97
N SER A 67 -6.68 -11.03 -10.75
CA SER A 67 -7.65 -11.22 -11.81
C SER A 67 -8.46 -9.93 -12.05
N ASP A 68 -8.48 -9.07 -11.04
CA ASP A 68 -9.21 -7.81 -11.14
C ASP A 68 -8.34 -6.73 -11.78
N ASN A 69 -7.46 -7.15 -12.68
CA ASN A 69 -6.57 -6.21 -13.37
C ASN A 69 -5.75 -5.41 -12.36
N GLY A 70 -5.56 -5.98 -11.18
CA GLY A 70 -4.78 -5.30 -10.15
C GLY A 70 -5.55 -4.14 -9.53
N GLN A 71 -6.87 -4.20 -9.59
CA GLN A 71 -7.72 -3.15 -9.03
C GLN A 71 -7.81 -3.28 -7.51
N ARG A 72 -8.01 -4.51 -7.04
CA ARG A 72 -8.13 -4.77 -5.61
C ARG A 72 -7.08 -3.97 -4.83
N LEU A 73 -5.82 -4.23 -5.12
CA LEU A 73 -4.72 -3.55 -4.44
C LEU A 73 -4.90 -2.03 -4.51
N LEU A 74 -5.04 -1.52 -5.73
CA LEU A 74 -5.22 -0.08 -5.93
C LEU A 74 -6.28 0.48 -4.99
N ASP A 75 -7.48 -0.10 -5.06
CA ASP A 75 -8.58 0.33 -4.20
C ASP A 75 -8.21 0.20 -2.73
N MET A 76 -7.34 -0.74 -2.43
CA MET A 76 -6.90 -0.98 -1.05
C MET A 76 -5.87 0.06 -0.63
N ILE A 77 -5.08 0.53 -1.59
CA ILE A 77 -4.06 1.53 -1.31
C ILE A 77 -4.65 2.93 -1.29
N GLU A 78 -5.57 3.19 -2.21
CA GLU A 78 -6.22 4.50 -2.29
C GLU A 78 -6.56 5.03 -0.91
N THR A 79 -7.07 4.15 -0.05
CA THR A 79 -7.44 4.54 1.31
C THR A 79 -6.20 4.83 2.15
N LEU A 80 -5.10 4.15 1.84
CA LEU A 80 -3.85 4.35 2.55
C LEU A 80 -3.31 5.76 2.36
N LYS A 81 -3.76 6.40 1.28
CA LYS A 81 -3.33 7.77 0.97
C LYS A 81 -4.27 8.79 1.60
N MET A 82 -5.54 8.69 1.27
CA MET A 82 -6.54 9.62 1.81
C MET A 82 -6.21 10.02 3.23
N GLU A 83 -5.59 9.10 3.97
CA GLU A 83 -5.21 9.36 5.35
C GLU A 83 -4.07 10.37 5.42
N HIS A 84 -2.98 10.07 4.72
CA HIS A 84 -1.82 10.95 4.70
C HIS A 84 -2.17 12.30 4.08
N HIS A 85 -1.36 13.31 4.40
CA HIS A 85 -1.59 14.66 3.87
C HIS A 85 -1.13 14.77 2.43
N MET A 86 -2.03 14.46 1.50
CA MET A 86 -1.72 14.53 0.08
C MET A 86 -2.38 15.73 -0.58
N GLU A 87 -1.58 16.73 -0.91
CA GLU A 87 -2.09 17.94 -1.54
C GLU A 87 -3.29 18.48 -0.78
N ALA A 88 -3.23 18.40 0.55
CA ALA A 88 -4.31 18.89 1.40
C ALA A 88 -4.79 20.27 0.93
N HIS A 89 -6.09 20.53 1.11
CA HIS A 89 -6.67 21.80 0.72
C HIS A 89 -6.23 22.92 1.67
N LYS A 90 -5.69 23.99 1.10
CA LYS A 90 -5.24 25.13 1.90
C LYS A 90 -6.42 25.88 2.50
N ASN A 91 -6.15 26.70 3.51
CA ASN A 91 -7.19 27.48 4.17
C ASN A 91 -6.86 28.97 4.13
N SER A 92 -6.35 29.43 3.00
CA SER A 92 -5.99 30.83 2.83
C SER A 92 -7.22 31.73 2.98
N GLY A 93 -7.37 32.32 4.16
CA GLY A 93 -8.50 33.19 4.40
C GLY A 93 -8.54 34.39 3.47
N PRO A 94 -7.63 35.35 3.68
CA PRO A 94 -7.53 36.54 2.85
C PRO A 94 -7.03 36.25 1.45
N SER A 95 -7.95 36.00 0.53
CA SER A 95 -7.59 35.70 -0.85
C SER A 95 -8.26 36.68 -1.81
N SER A 96 -7.49 37.17 -2.77
CA SER A 96 -8.00 38.13 -3.76
C SER A 96 -8.93 39.14 -3.10
N GLY A 97 -8.53 39.61 -1.92
CA GLY A 97 -9.34 40.59 -1.21
C GLY A 97 -9.65 40.15 0.22
N GLY A 1 21.32 -10.92 7.99
CA GLY A 1 21.79 -11.65 9.15
C GLY A 1 20.91 -12.85 9.48
N SER A 2 21.43 -13.73 10.33
CA SER A 2 20.69 -14.93 10.72
C SER A 2 19.86 -14.68 11.97
N SER A 3 18.63 -14.18 11.77
CA SER A 3 17.73 -13.90 12.88
C SER A 3 16.32 -13.60 12.38
N GLY A 4 15.40 -14.51 12.70
CA GLY A 4 14.03 -14.34 12.27
C GLY A 4 13.08 -14.08 13.43
N SER A 5 13.54 -13.31 14.41
CA SER A 5 12.74 -13.00 15.58
C SER A 5 12.15 -11.59 15.48
N SER A 6 10.97 -11.50 14.87
CA SER A 6 10.30 -10.21 14.70
C SER A 6 9.38 -9.91 15.88
N GLY A 7 9.97 -9.46 16.98
CA GLY A 7 9.20 -9.14 18.17
C GLY A 7 8.76 -7.69 18.20
N MET A 8 8.34 -7.18 17.06
CA MET A 8 7.89 -5.78 16.97
C MET A 8 6.66 -5.67 16.06
N LEU A 9 5.56 -5.19 16.63
CA LEU A 9 4.33 -5.02 15.87
C LEU A 9 4.05 -3.55 15.59
N SER A 10 4.40 -3.11 14.39
CA SER A 10 4.19 -1.72 13.99
C SER A 10 2.84 -1.55 13.30
N ALA A 11 1.77 -1.84 14.02
CA ALA A 11 0.42 -1.72 13.49
C ALA A 11 -0.49 -0.96 14.44
N ARG A 12 -0.07 0.25 14.80
CA ARG A 12 -0.85 1.09 15.71
C ARG A 12 -1.42 2.31 14.98
N THR A 13 -0.96 2.51 13.75
CA THR A 13 -1.42 3.64 12.95
C THR A 13 -1.12 3.43 11.47
N MET A 14 -1.95 4.01 10.61
CA MET A 14 -1.76 3.88 9.17
C MET A 14 -1.90 5.24 8.49
N LYS A 15 -1.79 6.30 9.27
CA LYS A 15 -1.89 7.66 8.73
C LYS A 15 -0.70 7.98 7.84
N GLU A 16 0.47 7.45 8.20
CA GLU A 16 1.68 7.68 7.42
C GLU A 16 1.89 6.59 6.38
N VAL A 17 1.87 5.34 6.84
CA VAL A 17 2.06 4.19 5.96
C VAL A 17 3.15 4.47 4.93
N VAL A 18 4.06 5.37 5.28
CA VAL A 18 5.16 5.71 4.39
C VAL A 18 6.51 5.35 5.01
N TYR A 19 6.62 5.56 6.32
CA TYR A 19 7.86 5.25 7.04
C TYR A 19 7.88 3.79 7.49
N TRP A 20 6.88 3.03 7.07
CA TRP A 20 6.77 1.63 7.45
C TRP A 20 8.03 0.87 7.05
N SER A 21 8.07 -0.42 7.37
CA SER A 21 9.23 -1.25 7.07
C SER A 21 8.89 -2.25 5.96
N PRO A 22 9.92 -2.90 5.41
CA PRO A 22 9.76 -3.89 4.34
C PRO A 22 9.09 -5.17 4.84
N LYS A 23 9.01 -5.32 6.16
CA LYS A 23 8.40 -6.51 6.75
C LYS A 23 6.95 -6.22 7.13
N LYS A 24 6.63 -4.95 7.34
CA LYS A 24 5.28 -4.56 7.71
C LYS A 24 4.38 -4.49 6.49
N VAL A 25 4.83 -3.76 5.46
CA VAL A 25 4.06 -3.61 4.23
C VAL A 25 3.39 -4.93 3.84
N ALA A 26 4.07 -6.04 4.14
CA ALA A 26 3.53 -7.36 3.82
C ALA A 26 2.36 -7.72 4.73
N ASP A 27 2.62 -7.76 6.03
CA ASP A 27 1.59 -8.08 7.01
C ASP A 27 0.26 -7.42 6.64
N TRP A 28 0.35 -6.20 6.12
CA TRP A 28 -0.85 -5.46 5.72
C TRP A 28 -1.56 -6.14 4.56
N LEU A 29 -0.78 -6.67 3.63
CA LEU A 29 -1.33 -7.36 2.47
C LEU A 29 -2.11 -8.59 2.89
N LEU A 30 -1.41 -9.55 3.49
CA LEU A 30 -2.03 -10.79 3.94
C LEU A 30 -3.25 -10.49 4.81
N GLU A 31 -3.21 -9.38 5.53
CA GLU A 31 -4.31 -8.98 6.40
C GLU A 31 -5.60 -8.82 5.60
N ASN A 32 -5.46 -8.51 4.31
CA ASN A 32 -6.62 -8.33 3.45
C ASN A 32 -6.62 -9.37 2.32
N ALA A 33 -5.92 -10.48 2.55
CA ALA A 33 -5.84 -11.54 1.56
C ALA A 33 -5.19 -11.06 0.27
N MET A 34 -4.01 -10.47 0.40
CA MET A 34 -3.28 -9.96 -0.76
C MET A 34 -1.84 -10.49 -0.76
N PRO A 35 -1.69 -11.81 -0.57
CA PRO A 35 -0.38 -12.46 -0.55
C PRO A 35 0.28 -12.48 -1.93
N GLU A 36 -0.54 -12.27 -2.97
CA GLU A 36 -0.03 -12.28 -4.33
C GLU A 36 0.85 -11.06 -4.60
N TYR A 37 0.62 -10.00 -3.83
CA TYR A 37 1.40 -8.77 -3.98
C TYR A 37 2.57 -8.74 -2.99
N CYS A 38 2.56 -9.68 -2.05
CA CYS A 38 3.61 -9.75 -1.05
C CYS A 38 4.97 -10.01 -1.71
N GLU A 39 4.97 -10.83 -2.76
CA GLU A 39 6.20 -11.16 -3.47
C GLU A 39 6.86 -9.89 -4.02
N PRO A 40 6.13 -9.16 -4.86
CA PRO A 40 6.64 -7.91 -5.46
C PRO A 40 6.77 -6.78 -4.44
N LEU A 41 6.05 -6.91 -3.34
CA LEU A 41 6.09 -5.91 -2.27
C LEU A 41 6.97 -6.36 -1.12
N GLU A 42 7.64 -7.51 -1.30
CA GLU A 42 8.52 -8.04 -0.27
C GLU A 42 9.52 -7.00 0.20
N HIS A 43 10.13 -6.30 -0.75
CA HIS A 43 11.11 -5.27 -0.44
C HIS A 43 10.52 -3.88 -0.64
N PHE A 44 9.20 -3.77 -0.50
CA PHE A 44 8.52 -2.50 -0.66
C PHE A 44 8.30 -1.81 0.68
N THR A 45 8.37 -0.48 0.69
CA THR A 45 8.18 0.29 1.91
C THR A 45 6.88 1.07 1.87
N GLY A 46 6.24 1.21 3.03
CA GLY A 46 4.98 1.93 3.10
C GLY A 46 4.91 3.07 2.11
N GLN A 47 6.01 3.80 1.97
CA GLN A 47 6.07 4.93 1.05
C GLN A 47 5.94 4.45 -0.40
N ASP A 48 6.73 3.44 -0.75
CA ASP A 48 6.71 2.89 -2.10
C ASP A 48 5.37 2.22 -2.40
N LEU A 49 4.81 1.58 -1.38
CA LEU A 49 3.53 0.89 -1.53
C LEU A 49 2.44 1.87 -1.96
N ILE A 50 2.32 2.98 -1.23
CA ILE A 50 1.32 3.99 -1.53
C ILE A 50 1.63 4.69 -2.85
N ASN A 51 2.86 4.55 -3.31
CA ASN A 51 3.29 5.16 -4.56
C ASN A 51 2.96 4.27 -5.76
N LEU A 52 2.09 3.29 -5.53
CA LEU A 52 1.70 2.36 -6.58
C LEU A 52 0.49 2.90 -7.35
N THR A 53 0.55 2.77 -8.68
CA THR A 53 -0.54 3.24 -9.53
C THR A 53 -0.87 2.21 -10.61
N GLN A 54 -2.01 2.40 -11.28
CA GLN A 54 -2.44 1.50 -12.32
C GLN A 54 -1.34 1.29 -13.36
N GLU A 55 -0.61 2.36 -13.64
CA GLU A 55 0.48 2.30 -14.62
C GLU A 55 1.59 1.38 -14.14
N ASP A 56 1.72 1.24 -12.83
CA ASP A 56 2.74 0.39 -12.24
C ASP A 56 2.40 -1.09 -12.45
N PHE A 57 1.13 -1.36 -12.72
CA PHE A 57 0.67 -2.73 -12.93
C PHE A 57 1.01 -3.20 -14.35
N LYS A 58 0.85 -2.30 -15.32
CA LYS A 58 1.14 -2.61 -16.71
C LYS A 58 2.56 -3.18 -16.86
N LYS A 59 3.42 -2.83 -15.91
CA LYS A 59 4.80 -3.30 -15.93
C LYS A 59 5.16 -4.01 -14.63
N PRO A 60 6.26 -4.79 -14.66
CA PRO A 60 6.73 -5.53 -13.49
C PRO A 60 7.29 -4.60 -12.41
N PRO A 61 7.47 -5.15 -11.20
CA PRO A 61 7.15 -6.55 -10.90
C PRO A 61 5.65 -6.80 -10.91
N LEU A 62 4.88 -5.81 -10.47
CA LEU A 62 3.43 -5.93 -10.42
C LEU A 62 2.84 -6.04 -11.84
N TYR A 63 2.51 -7.26 -12.24
CA TYR A 63 1.94 -7.49 -13.56
C TYR A 63 1.02 -8.70 -13.55
N ARG A 64 -0.19 -8.53 -14.08
CA ARG A 64 -1.16 -9.61 -14.14
C ARG A 64 -1.25 -10.33 -12.80
N VAL A 65 -0.89 -9.62 -11.73
CA VAL A 65 -0.93 -10.20 -10.38
C VAL A 65 -2.35 -10.58 -9.99
N SER A 66 -3.32 -9.79 -10.45
CA SER A 66 -4.72 -10.05 -10.14
C SER A 66 -5.53 -10.22 -11.43
N SER A 67 -6.84 -10.44 -11.27
CA SER A 67 -7.72 -10.62 -12.41
C SER A 67 -8.53 -9.35 -12.68
N ASP A 68 -8.67 -8.52 -11.65
CA ASP A 68 -9.43 -7.28 -11.77
C ASP A 68 -8.51 -6.14 -12.19
N ASN A 69 -7.51 -6.45 -13.00
CA ASN A 69 -6.55 -5.46 -13.48
C ASN A 69 -5.84 -4.78 -12.31
N GLY A 70 -5.37 -5.59 -11.36
CA GLY A 70 -4.68 -5.05 -10.20
C GLY A 70 -5.45 -3.93 -9.54
N GLN A 71 -6.75 -4.09 -9.41
CA GLN A 71 -7.60 -3.08 -8.79
C GLN A 71 -7.70 -3.30 -7.29
N ARG A 72 -8.13 -4.50 -6.89
CA ARG A 72 -8.28 -4.83 -5.49
C ARG A 72 -7.18 -4.17 -4.65
N LEU A 73 -5.96 -4.20 -5.16
CA LEU A 73 -4.82 -3.60 -4.47
C LEU A 73 -4.88 -2.06 -4.54
N LEU A 74 -5.04 -1.55 -5.75
CA LEU A 74 -5.12 -0.11 -5.96
C LEU A 74 -6.16 0.52 -5.04
N ASP A 75 -7.31 -0.13 -4.92
CA ASP A 75 -8.38 0.37 -4.06
C ASP A 75 -7.98 0.30 -2.59
N MET A 76 -7.34 -0.80 -2.21
CA MET A 76 -6.90 -0.98 -0.83
C MET A 76 -5.87 0.08 -0.43
N ILE A 77 -5.05 0.48 -1.40
CA ILE A 77 -4.02 1.49 -1.16
C ILE A 77 -4.60 2.90 -1.23
N GLU A 78 -5.42 3.14 -2.26
CA GLU A 78 -6.04 4.45 -2.44
C GLU A 78 -6.41 5.07 -1.10
N THR A 79 -7.03 4.27 -0.24
CA THR A 79 -7.43 4.75 1.08
C THR A 79 -6.22 5.08 1.94
N LEU A 80 -5.19 4.25 1.85
CA LEU A 80 -3.97 4.48 2.63
C LEU A 80 -3.43 5.88 2.41
N LYS A 81 -3.73 6.45 1.24
CA LYS A 81 -3.27 7.79 0.90
C LYS A 81 -4.28 8.84 1.36
N MET A 82 -5.51 8.73 0.87
CA MET A 82 -6.57 9.67 1.23
C MET A 82 -6.48 10.04 2.72
N GLU A 83 -6.05 9.08 3.53
CA GLU A 83 -5.91 9.31 4.97
C GLU A 83 -4.64 10.09 5.29
N HIS A 84 -3.56 9.75 4.58
CA HIS A 84 -2.28 10.41 4.79
C HIS A 84 -2.37 11.89 4.43
N HIS A 85 -1.33 12.65 4.79
CA HIS A 85 -1.30 14.08 4.50
C HIS A 85 -0.84 14.34 3.07
N MET A 86 -1.56 13.75 2.11
CA MET A 86 -1.22 13.92 0.70
C MET A 86 -2.48 13.98 -0.15
N GLU A 87 -2.44 14.77 -1.22
CA GLU A 87 -3.58 14.90 -2.12
C GLU A 87 -4.90 14.76 -1.35
N ALA A 88 -4.95 15.37 -0.17
CA ALA A 88 -6.15 15.31 0.66
C ALA A 88 -6.77 16.70 0.82
N HIS A 89 -5.96 17.66 1.22
CA HIS A 89 -6.44 19.03 1.41
C HIS A 89 -7.18 19.52 0.17
N LYS A 90 -6.60 19.27 -1.00
CA LYS A 90 -7.20 19.68 -2.26
C LYS A 90 -8.65 19.22 -2.35
N ASN A 91 -8.85 17.90 -2.21
CA ASN A 91 -10.20 17.34 -2.28
C ASN A 91 -10.45 16.38 -1.11
N SER A 92 -11.62 16.48 -0.50
CA SER A 92 -11.98 15.64 0.62
C SER A 92 -13.43 15.19 0.54
N GLY A 93 -13.66 13.89 0.73
CA GLY A 93 -15.01 13.35 0.66
C GLY A 93 -15.74 13.47 1.97
N PRO A 94 -15.68 12.41 2.79
CA PRO A 94 -16.34 12.37 4.10
C PRO A 94 -15.68 13.29 5.10
N SER A 95 -16.50 14.02 5.87
CA SER A 95 -15.99 14.95 6.87
C SER A 95 -16.30 14.45 8.28
N SER A 96 -16.10 13.16 8.49
CA SER A 96 -16.36 12.55 9.79
C SER A 96 -15.12 12.60 10.67
N GLY A 97 -14.92 13.73 11.34
CA GLY A 97 -13.77 13.89 12.21
C GLY A 97 -14.16 14.12 13.66
#